data_6JV3
# 
_entry.id   6JV3 
# 
_audit_conform.dict_name       mmcif_pdbx.dic 
_audit_conform.dict_version    5.387 
_audit_conform.dict_location   http://mmcif.pdb.org/dictionaries/ascii/mmcif_pdbx.dic 
# 
loop_
_database_2.database_id 
_database_2.database_code 
_database_2.pdbx_database_accession 
_database_2.pdbx_DOI 
PDB   6JV3         pdb_00006jv3 10.2210/pdb6jv3/pdb 
WWPDB D_1300011857 ?            ?                   
# 
loop_
_pdbx_audit_revision_history.ordinal 
_pdbx_audit_revision_history.data_content_type 
_pdbx_audit_revision_history.major_revision 
_pdbx_audit_revision_history.minor_revision 
_pdbx_audit_revision_history.revision_date 
1 'Structure model' 1 0 2019-07-31 
2 'Structure model' 1 1 2019-09-25 
3 'Structure model' 1 2 2024-03-27 
# 
_pdbx_audit_revision_details.ordinal             1 
_pdbx_audit_revision_details.revision_ordinal    1 
_pdbx_audit_revision_details.data_content_type   'Structure model' 
_pdbx_audit_revision_details.provider            repository 
_pdbx_audit_revision_details.type                'Initial release' 
_pdbx_audit_revision_details.description         ? 
_pdbx_audit_revision_details.details             ? 
# 
loop_
_pdbx_audit_revision_group.ordinal 
_pdbx_audit_revision_group.revision_ordinal 
_pdbx_audit_revision_group.data_content_type 
_pdbx_audit_revision_group.group 
1 2 'Structure model' 'Data collection'     
2 2 'Structure model' 'Database references' 
3 3 'Structure model' 'Data collection'     
4 3 'Structure model' 'Database references' 
# 
loop_
_pdbx_audit_revision_category.ordinal 
_pdbx_audit_revision_category.revision_ordinal 
_pdbx_audit_revision_category.data_content_type 
_pdbx_audit_revision_category.category 
1 2 'Structure model' citation       
2 3 'Structure model' chem_comp_atom 
3 3 'Structure model' chem_comp_bond 
4 3 'Structure model' database_2     
# 
loop_
_pdbx_audit_revision_item.ordinal 
_pdbx_audit_revision_item.revision_ordinal 
_pdbx_audit_revision_item.data_content_type 
_pdbx_audit_revision_item.item 
1 2 'Structure model' '_citation.journal_id_ISSN'           
2 2 'Structure model' '_citation.journal_volume'            
3 2 'Structure model' '_citation.page_first'                
4 2 'Structure model' '_citation.page_last'                 
5 2 'Structure model' '_citation.pdbx_database_id_PubMed'   
6 2 'Structure model' '_citation.title'                     
7 3 'Structure model' '_database_2.pdbx_DOI'                
8 3 'Structure model' '_database_2.pdbx_database_accession' 
# 
_pdbx_database_status.status_code                     REL 
_pdbx_database_status.status_code_sf                  REL 
_pdbx_database_status.status_code_mr                  ? 
_pdbx_database_status.entry_id                        6JV3 
_pdbx_database_status.recvd_initial_deposition_date   2019-04-15 
_pdbx_database_status.SG_entry                        N 
_pdbx_database_status.deposit_site                    PDBJ 
_pdbx_database_status.process_site                    PDBJ 
_pdbx_database_status.status_code_cs                  ? 
_pdbx_database_status.methods_development_category    ? 
_pdbx_database_status.pdb_format_compatible           Y 
_pdbx_database_status.status_code_nmr_data            ? 
# 
loop_
_audit_author.name 
_audit_author.pdbx_ordinal 
_audit_author.identifier_ORCID 
'Zhang, L.'  1 ? 
'Wang, Y.X.' 2 ? 
# 
_citation.abstract                  ? 
_citation.abstract_id_CAS           ? 
_citation.book_id_ISBN              ? 
_citation.book_publisher            ? 
_citation.book_publisher_city       ? 
_citation.book_title                ? 
_citation.coordinate_linkage        ? 
_citation.country                   UK 
_citation.database_id_Medline       ? 
_citation.details                   ? 
_citation.id                        primary 
_citation.journal_abbrev            'Chem Sci' 
_citation.journal_id_ASTM           ? 
_citation.journal_id_CSD            ? 
_citation.journal_id_ISSN           2041-6520 
_citation.journal_full              ? 
_citation.journal_issue             ? 
_citation.journal_volume            10 
_citation.language                  ? 
_citation.page_first                7407 
_citation.page_last                 7417 
_citation.title                     
'Thymine DNA glycosylase recognizes the geometry alteration of minor grooves induced by 5-formylcytosine and 5-carboxylcytosine.' 
_citation.year                      2019 
_citation.database_id_CSD           ? 
_citation.pdbx_database_id_DOI      10.1039/c9sc02807b 
_citation.pdbx_database_id_PubMed   31489163 
_citation.unpublished_flag          ? 
# 
loop_
_citation_author.citation_id 
_citation_author.name 
_citation_author.ordinal 
_citation_author.identifier_ORCID 
primary 'Fu, T.'     1  ? 
primary 'Liu, L.'    2  ? 
primary 'Yang, Q.L.' 3  ? 
primary 'Wang, Y.'   4  ? 
primary 'Xu, P.'     5  ? 
primary 'Zhang, L.'  6  ? 
primary 'Liu, S.'    7  ? 
primary 'Dai, Q.'    8  ? 
primary 'Ji, Q.'     9  ? 
primary 'Xu, G.L.'   10 ? 
primary 'He, C.'     11 ? 
primary 'Luo, C.'    12 ? 
primary 'Zhang, L.'  13 ? 
# 
_entity.id                         1 
_entity.type                       polymer 
_entity.src_method                 man 
_entity.pdbx_description           
;DNA (5'-D(*CP*CP*AP*GP*(5HC)P*GP*CP*TP*GP*G)-3')
;
_entity.formula_weight             3076.018 
_entity.pdbx_number_of_molecules   4 
_entity.pdbx_ec                    ? 
_entity.pdbx_mutation              ? 
_entity.pdbx_fragment              ? 
_entity.details                    ? 
# 
_entity_poly.entity_id                      1 
_entity_poly.type                           polydeoxyribonucleotide 
_entity_poly.nstd_linkage                   no 
_entity_poly.nstd_monomer                   yes 
_entity_poly.pdbx_seq_one_letter_code       '(DC)(DC)(DA)(DG)(5HC)(DG)(DC)(DT)(DG)(DG)' 
_entity_poly.pdbx_seq_one_letter_code_can   CCAGXGCTGG 
_entity_poly.pdbx_strand_id                 A,B,C,D 
_entity_poly.pdbx_target_identifier         ? 
# 
loop_
_entity_poly_seq.entity_id 
_entity_poly_seq.num 
_entity_poly_seq.mon_id 
_entity_poly_seq.hetero 
1 1  DC  n 
1 2  DC  n 
1 3  DA  n 
1 4  DG  n 
1 5  5HC n 
1 6  DG  n 
1 7  DC  n 
1 8  DT  n 
1 9  DG  n 
1 10 DG  n 
# 
_entity_src_gen.entity_id                          1 
_entity_src_gen.pdbx_src_id                        1 
_entity_src_gen.pdbx_alt_source_flag               sample 
_entity_src_gen.pdbx_seq_type                      'Biological sequence' 
_entity_src_gen.pdbx_beg_seq_num                   1 
_entity_src_gen.pdbx_end_seq_num                   10 
_entity_src_gen.gene_src_common_name               ? 
_entity_src_gen.gene_src_genus                     ? 
_entity_src_gen.pdbx_gene_src_gene                 ? 
_entity_src_gen.gene_src_species                   ? 
_entity_src_gen.gene_src_strain                    ? 
_entity_src_gen.gene_src_tissue                    ? 
_entity_src_gen.gene_src_tissue_fraction           ? 
_entity_src_gen.gene_src_details                   ? 
_entity_src_gen.pdbx_gene_src_fragment             ? 
_entity_src_gen.pdbx_gene_src_scientific_name      'Homo sapiens' 
_entity_src_gen.pdbx_gene_src_ncbi_taxonomy_id     9606 
_entity_src_gen.pdbx_gene_src_variant              ? 
_entity_src_gen.pdbx_gene_src_cell_line            ? 
_entity_src_gen.pdbx_gene_src_atcc                 ? 
_entity_src_gen.pdbx_gene_src_organ                ? 
_entity_src_gen.pdbx_gene_src_organelle            ? 
_entity_src_gen.pdbx_gene_src_cell                 ? 
_entity_src_gen.pdbx_gene_src_cellular_location    ? 
_entity_src_gen.host_org_common_name               ? 
_entity_src_gen.pdbx_host_org_scientific_name      'Escherichia coli K-12' 
_entity_src_gen.pdbx_host_org_ncbi_taxonomy_id     83333 
_entity_src_gen.host_org_genus                     ? 
_entity_src_gen.pdbx_host_org_gene                 ? 
_entity_src_gen.pdbx_host_org_organ                ? 
_entity_src_gen.host_org_species                   ? 
_entity_src_gen.pdbx_host_org_tissue               ? 
_entity_src_gen.pdbx_host_org_tissue_fraction      ? 
_entity_src_gen.pdbx_host_org_strain               K-12 
_entity_src_gen.pdbx_host_org_variant              ? 
_entity_src_gen.pdbx_host_org_cell_line            ? 
_entity_src_gen.pdbx_host_org_atcc                 ? 
_entity_src_gen.pdbx_host_org_culture_collection   ? 
_entity_src_gen.pdbx_host_org_cell                 ? 
_entity_src_gen.pdbx_host_org_organelle            ? 
_entity_src_gen.pdbx_host_org_cellular_location    ? 
_entity_src_gen.pdbx_host_org_vector_type          ? 
_entity_src_gen.pdbx_host_org_vector               ? 
_entity_src_gen.host_org_details                   ? 
_entity_src_gen.expression_system_id               ? 
_entity_src_gen.plasmid_name                       ? 
_entity_src_gen.plasmid_details                    ? 
_entity_src_gen.pdbx_description                   ? 
# 
loop_
_chem_comp.id 
_chem_comp.type 
_chem_comp.mon_nstd_flag 
_chem_comp.name 
_chem_comp.pdbx_synonyms 
_chem_comp.formula 
_chem_comp.formula_weight 
5HC 'DNA linking' n 
;2'-deoxy-5-(hydroxymethyl)cytidine 5'-(dihydrogen phosphate)
;
? 'C10 H16 N3 O8 P' 337.223 
DA  'DNA linking' y "2'-DEOXYADENOSINE-5'-MONOPHOSPHATE"                           ? 'C10 H14 N5 O6 P' 331.222 
DC  'DNA linking' y "2'-DEOXYCYTIDINE-5'-MONOPHOSPHATE"                            ? 'C9 H14 N3 O7 P'  307.197 
DG  'DNA linking' y "2'-DEOXYGUANOSINE-5'-MONOPHOSPHATE"                           ? 'C10 H14 N5 O7 P' 347.221 
DT  'DNA linking' y "THYMIDINE-5'-MONOPHOSPHATE"                                   ? 'C10 H15 N2 O8 P' 322.208 
# 
loop_
_pdbx_poly_seq_scheme.asym_id 
_pdbx_poly_seq_scheme.entity_id 
_pdbx_poly_seq_scheme.seq_id 
_pdbx_poly_seq_scheme.mon_id 
_pdbx_poly_seq_scheme.ndb_seq_num 
_pdbx_poly_seq_scheme.pdb_seq_num 
_pdbx_poly_seq_scheme.auth_seq_num 
_pdbx_poly_seq_scheme.pdb_mon_id 
_pdbx_poly_seq_scheme.auth_mon_id 
_pdbx_poly_seq_scheme.pdb_strand_id 
_pdbx_poly_seq_scheme.pdb_ins_code 
_pdbx_poly_seq_scheme.hetero 
A 1 1  DC  1  1  1  DC  DC  A . n 
A 1 2  DC  2  2  2  DC  DC  A . n 
A 1 3  DA  3  3  3  DA  DA  A . n 
A 1 4  DG  4  4  4  DG  DG  A . n 
A 1 5  5HC 5  5  5  5HC 5HC A . n 
A 1 6  DG  6  6  6  DG  DG  A . n 
A 1 7  DC  7  7  7  DC  DC  A . n 
A 1 8  DT  8  8  8  DT  DT  A . n 
A 1 9  DG  9  9  9  DG  DG  A . n 
A 1 10 DG  10 10 10 DG  DG  A . n 
B 1 1  DC  1  1  1  DC  DC  B . n 
B 1 2  DC  2  2  2  DC  DC  B . n 
B 1 3  DA  3  3  3  DA  DA  B . n 
B 1 4  DG  4  4  4  DG  DG  B . n 
B 1 5  5HC 5  5  5  5HC 5HC B . n 
B 1 6  DG  6  6  6  DG  DG  B . n 
B 1 7  DC  7  7  7  DC  DC  B . n 
B 1 8  DT  8  8  8  DT  DT  B . n 
B 1 9  DG  9  9  9  DG  DG  B . n 
B 1 10 DG  10 10 10 DG  DG  B . n 
C 1 1  DC  1  1  1  DC  DC  C . n 
C 1 2  DC  2  2  2  DC  DC  C . n 
C 1 3  DA  3  3  3  DA  DA  C . n 
C 1 4  DG  4  4  4  DG  DG  C . n 
C 1 5  5HC 5  5  5  5HC 5HC C . n 
C 1 6  DG  6  6  6  DG  DG  C . n 
C 1 7  DC  7  7  7  DC  DC  C . n 
C 1 8  DT  8  8  8  DT  DT  C . n 
C 1 9  DG  9  9  9  DG  DG  C . n 
C 1 10 DG  10 10 10 DG  DG  C . n 
D 1 1  DC  1  1  1  DC  DC  D . n 
D 1 2  DC  2  2  2  DC  DC  D . n 
D 1 3  DA  3  3  3  DA  DA  D . n 
D 1 4  DG  4  4  4  DG  DG  D . n 
D 1 5  5HC 5  5  5  5HC 5HC D . n 
D 1 6  DG  6  6  6  DG  DG  D . n 
D 1 7  DC  7  7  7  DC  DC  D . n 
D 1 8  DT  8  8  8  DT  DT  D . n 
D 1 9  DG  9  9  9  DG  DG  D . n 
D 1 10 DG  10 10 10 DG  DG  D . n 
# 
loop_
_software.citation_id 
_software.classification 
_software.compiler_name 
_software.compiler_version 
_software.contact_author 
_software.contact_author_email 
_software.date 
_software.description 
_software.dependencies 
_software.hardware 
_software.language 
_software.location 
_software.mods 
_software.name 
_software.os 
_software.os_version 
_software.type 
_software.version 
_software.pdbx_ordinal 
? refinement       ? ? ? ? ? ? ? ? ? ? ? PHENIX   ? ? ? '(1.13_2998: ???)' 1 
? 'data reduction' ? ? ? ? ? ? ? ? ? ? ? HKL-3000 ? ? ? .                  2 
? 'data scaling'   ? ? ? ? ? ? ? ? ? ? ? HKL-3000 ? ? ? .                  3 
? phasing          ? ? ? ? ? ? ? ? ? ? ? PHASER   ? ? ? .                  4 
# 
_cell.angle_alpha                  90.00 
_cell.angle_alpha_esd              ? 
_cell.angle_beta                   111.12 
_cell.angle_beta_esd               ? 
_cell.angle_gamma                  90.00 
_cell.angle_gamma_esd              ? 
_cell.entry_id                     6JV3 
_cell.details                      ? 
_cell.formula_units_Z              ? 
_cell.length_a                     63.907 
_cell.length_a_esd                 ? 
_cell.length_b                     23.818 
_cell.length_b_esd                 ? 
_cell.length_c                     85.556 
_cell.length_c_esd                 ? 
_cell.volume                       ? 
_cell.volume_esd                   ? 
_cell.Z_PDB                        16 
_cell.reciprocal_angle_alpha       ? 
_cell.reciprocal_angle_beta        ? 
_cell.reciprocal_angle_gamma       ? 
_cell.reciprocal_angle_alpha_esd   ? 
_cell.reciprocal_angle_beta_esd    ? 
_cell.reciprocal_angle_gamma_esd   ? 
_cell.reciprocal_length_a          ? 
_cell.reciprocal_length_b          ? 
_cell.reciprocal_length_c          ? 
_cell.reciprocal_length_a_esd      ? 
_cell.reciprocal_length_b_esd      ? 
_cell.reciprocal_length_c_esd      ? 
_cell.pdbx_unique_axis             ? 
# 
_symmetry.entry_id                         6JV3 
_symmetry.cell_setting                     ? 
_symmetry.Int_Tables_number                5 
_symmetry.space_group_name_Hall            ? 
_symmetry.space_group_name_H-M             'C 1 2 1' 
_symmetry.pdbx_full_space_group_name_H-M   ? 
# 
_exptl.absorpt_coefficient_mu     ? 
_exptl.absorpt_correction_T_max   ? 
_exptl.absorpt_correction_T_min   ? 
_exptl.absorpt_correction_type    ? 
_exptl.absorpt_process_details    ? 
_exptl.entry_id                   6JV3 
_exptl.crystals_number            1 
_exptl.details                    ? 
_exptl.method                     'X-RAY DIFFRACTION' 
_exptl.method_details             ? 
# 
_exptl_crystal.colour                      ? 
_exptl_crystal.density_diffrn              ? 
_exptl_crystal.density_Matthews            2.47 
_exptl_crystal.density_method              ? 
_exptl_crystal.density_percent_sol         50.17 
_exptl_crystal.description                 ? 
_exptl_crystal.F_000                       ? 
_exptl_crystal.id                          1 
_exptl_crystal.preparation                 ? 
_exptl_crystal.size_max                    ? 
_exptl_crystal.size_mid                    ? 
_exptl_crystal.size_min                    ? 
_exptl_crystal.size_rad                    ? 
_exptl_crystal.colour_lustre               ? 
_exptl_crystal.colour_modifier             ? 
_exptl_crystal.colour_primary              ? 
_exptl_crystal.density_meas                ? 
_exptl_crystal.density_meas_esd            ? 
_exptl_crystal.density_meas_gt             ? 
_exptl_crystal.density_meas_lt             ? 
_exptl_crystal.density_meas_temp           ? 
_exptl_crystal.density_meas_temp_esd       ? 
_exptl_crystal.density_meas_temp_gt        ? 
_exptl_crystal.density_meas_temp_lt        ? 
_exptl_crystal.pdbx_crystal_image_url      ? 
_exptl_crystal.pdbx_crystal_image_format   ? 
_exptl_crystal.pdbx_mosaicity              ? 
_exptl_crystal.pdbx_mosaicity_esd          ? 
# 
_exptl_crystal_grow.apparatus       ? 
_exptl_crystal_grow.atmosphere      ? 
_exptl_crystal_grow.crystal_id      1 
_exptl_crystal_grow.details         ? 
_exptl_crystal_grow.method          'VAPOR DIFFUSION, SITTING DROP' 
_exptl_crystal_grow.method_ref      ? 
_exptl_crystal_grow.pH              6.0 
_exptl_crystal_grow.pressure        ? 
_exptl_crystal_grow.pressure_esd    ? 
_exptl_crystal_grow.seeding         ? 
_exptl_crystal_grow.seeding_ref     ? 
_exptl_crystal_grow.temp            277 
_exptl_crystal_grow.temp_details    ? 
_exptl_crystal_grow.temp_esd        ? 
_exptl_crystal_grow.time            ? 
_exptl_crystal_grow.pdbx_details    
;0.08M Sodium chloride,0.012M Potassium chloride, 0.02M Magnesium chloride hexahydrate 0.04M Sodium cacodylate trihydrate pH 6.0 30% MPD, 0.012M Spermine tetrahydrochloride
;
_exptl_crystal_grow.pdbx_pH_range   ? 
# 
_diffrn.ambient_environment              ? 
_diffrn.ambient_temp                     180 
_diffrn.ambient_temp_details             ? 
_diffrn.ambient_temp_esd                 ? 
_diffrn.crystal_id                       1 
_diffrn.crystal_support                  ? 
_diffrn.crystal_treatment                ? 
_diffrn.details                          ? 
_diffrn.id                               1 
_diffrn.ambient_pressure                 ? 
_diffrn.ambient_pressure_esd             ? 
_diffrn.ambient_pressure_gt              ? 
_diffrn.ambient_pressure_lt              ? 
_diffrn.ambient_temp_gt                  ? 
_diffrn.ambient_temp_lt                  ? 
_diffrn.pdbx_serial_crystal_experiment   N 
# 
_diffrn_detector.details                      ? 
_diffrn_detector.detector                     CCD 
_diffrn_detector.diffrn_id                    1 
_diffrn_detector.type                         'MARMOSAIC 300 mm CCD' 
_diffrn_detector.area_resol_mean              ? 
_diffrn_detector.dtime                        ? 
_diffrn_detector.pdbx_frames_total            ? 
_diffrn_detector.pdbx_collection_time_total   ? 
_diffrn_detector.pdbx_collection_date         2019-03-20 
_diffrn_detector.pdbx_frequency               ? 
# 
_diffrn_radiation.collimation                      ? 
_diffrn_radiation.diffrn_id                        1 
_diffrn_radiation.filter_edge                      ? 
_diffrn_radiation.inhomogeneity                    ? 
_diffrn_radiation.monochromator                    ? 
_diffrn_radiation.polarisn_norm                    ? 
_diffrn_radiation.polarisn_ratio                   ? 
_diffrn_radiation.probe                            ? 
_diffrn_radiation.type                             ? 
_diffrn_radiation.xray_symbol                      ? 
_diffrn_radiation.wavelength_id                    1 
_diffrn_radiation.pdbx_monochromatic_or_laue_m_l   M 
_diffrn_radiation.pdbx_wavelength_list             ? 
_diffrn_radiation.pdbx_wavelength                  ? 
_diffrn_radiation.pdbx_diffrn_protocol             'SINGLE WAVELENGTH' 
_diffrn_radiation.pdbx_analyzer                    ? 
_diffrn_radiation.pdbx_scattering_type             x-ray 
# 
_diffrn_radiation_wavelength.id           1 
_diffrn_radiation_wavelength.wavelength   0.9795 
_diffrn_radiation_wavelength.wt           1.0 
# 
_diffrn_source.current                     ? 
_diffrn_source.details                     ? 
_diffrn_source.diffrn_id                   1 
_diffrn_source.power                       ? 
_diffrn_source.size                        ? 
_diffrn_source.source                      SYNCHROTRON 
_diffrn_source.target                      ? 
_diffrn_source.type                        'SSRF BEAMLINE BL19U1' 
_diffrn_source.voltage                     ? 
_diffrn_source.take-off_angle              ? 
_diffrn_source.pdbx_wavelength_list        0.9795 
_diffrn_source.pdbx_wavelength             ? 
_diffrn_source.pdbx_synchrotron_beamline   BL19U1 
_diffrn_source.pdbx_synchrotron_site       SSRF 
# 
_reflns.B_iso_Wilson_estimate            ? 
_reflns.entry_id                         6JV3 
_reflns.data_reduction_details           ? 
_reflns.data_reduction_method            ? 
_reflns.d_resolution_high                2.85 
_reflns.d_resolution_low                 50 
_reflns.details                          ? 
_reflns.limit_h_max                      ? 
_reflns.limit_h_min                      ? 
_reflns.limit_k_max                      ? 
_reflns.limit_k_min                      ? 
_reflns.limit_l_max                      ? 
_reflns.limit_l_min                      ? 
_reflns.number_all                       ? 
_reflns.number_obs                       2611 
_reflns.observed_criterion               ? 
_reflns.observed_criterion_F_max         ? 
_reflns.observed_criterion_F_min         ? 
_reflns.observed_criterion_I_max         ? 
_reflns.observed_criterion_I_min         ? 
_reflns.observed_criterion_sigma_F       ? 
_reflns.observed_criterion_sigma_I       ? 
_reflns.percent_possible_obs             99.9 
_reflns.R_free_details                   ? 
_reflns.Rmerge_F_all                     ? 
_reflns.Rmerge_F_obs                     ? 
_reflns.Friedel_coverage                 ? 
_reflns.number_gt                        ? 
_reflns.threshold_expression             ? 
_reflns.pdbx_redundancy                  6.2 
_reflns.pdbx_Rmerge_I_obs                ? 
_reflns.pdbx_Rmerge_I_all                ? 
_reflns.pdbx_Rsym_value                  ? 
_reflns.pdbx_netI_over_av_sigmaI         ? 
_reflns.pdbx_netI_over_sigmaI            16.7 
_reflns.pdbx_res_netI_over_av_sigmaI_2   ? 
_reflns.pdbx_res_netI_over_sigmaI_2      ? 
_reflns.pdbx_chi_squared                 ? 
_reflns.pdbx_scaling_rejects             ? 
_reflns.pdbx_d_res_high_opt              ? 
_reflns.pdbx_d_res_low_opt               ? 
_reflns.pdbx_d_res_opt_method            ? 
_reflns.phase_calculation_details        ? 
_reflns.pdbx_Rrim_I_all                  ? 
_reflns.pdbx_Rpim_I_all                  ? 
_reflns.pdbx_d_opt                       ? 
_reflns.pdbx_number_measured_all         ? 
_reflns.pdbx_diffrn_id                   1 
_reflns.pdbx_ordinal                     1 
_reflns.pdbx_CC_half                     ? 
_reflns.pdbx_R_split                     ? 
# 
_reflns_shell.d_res_high                  2.85 
_reflns_shell.d_res_low                   2.95 
_reflns_shell.meanI_over_sigI_all         ? 
_reflns_shell.meanI_over_sigI_obs         ? 
_reflns_shell.number_measured_all         ? 
_reflns_shell.number_measured_obs         ? 
_reflns_shell.number_possible             ? 
_reflns_shell.number_unique_all           ? 
_reflns_shell.number_unique_obs           ? 
_reflns_shell.percent_possible_all        ? 
_reflns_shell.percent_possible_obs        ? 
_reflns_shell.Rmerge_F_all                ? 
_reflns_shell.Rmerge_F_obs                ? 
_reflns_shell.Rmerge_I_all                ? 
_reflns_shell.Rmerge_I_obs                ? 
_reflns_shell.meanI_over_sigI_gt          ? 
_reflns_shell.meanI_over_uI_all           ? 
_reflns_shell.meanI_over_uI_gt            ? 
_reflns_shell.number_measured_gt          ? 
_reflns_shell.number_unique_gt            ? 
_reflns_shell.percent_possible_gt         ? 
_reflns_shell.Rmerge_F_gt                 ? 
_reflns_shell.Rmerge_I_gt                 ? 
_reflns_shell.pdbx_redundancy             ? 
_reflns_shell.pdbx_Rsym_value             ? 
_reflns_shell.pdbx_chi_squared            ? 
_reflns_shell.pdbx_netI_over_sigmaI_all   ? 
_reflns_shell.pdbx_netI_over_sigmaI_obs   ? 
_reflns_shell.pdbx_Rrim_I_all             ? 
_reflns_shell.pdbx_Rpim_I_all             ? 
_reflns_shell.pdbx_rejects                ? 
_reflns_shell.pdbx_ordinal                1 
_reflns_shell.pdbx_diffrn_id              1 
_reflns_shell.pdbx_CC_half                ? 
_reflns_shell.pdbx_R_split                ? 
# 
_refine.aniso_B[1][1]                            ? 
_refine.aniso_B[1][2]                            ? 
_refine.aniso_B[1][3]                            ? 
_refine.aniso_B[2][2]                            ? 
_refine.aniso_B[2][3]                            ? 
_refine.aniso_B[3][3]                            ? 
_refine.B_iso_max                                ? 
_refine.B_iso_mean                               ? 
_refine.B_iso_min                                ? 
_refine.correlation_coeff_Fo_to_Fc               ? 
_refine.correlation_coeff_Fo_to_Fc_free          ? 
_refine.details                                  ? 
_refine.diff_density_max                         ? 
_refine.diff_density_max_esd                     ? 
_refine.diff_density_min                         ? 
_refine.diff_density_min_esd                     ? 
_refine.diff_density_rms                         ? 
_refine.diff_density_rms_esd                     ? 
_refine.entry_id                                 6JV3 
_refine.pdbx_refine_id                           'X-RAY DIFFRACTION' 
_refine.ls_abs_structure_details                 ? 
_refine.ls_abs_structure_Flack                   ? 
_refine.ls_abs_structure_Flack_esd               ? 
_refine.ls_abs_structure_Rogers                  ? 
_refine.ls_abs_structure_Rogers_esd              ? 
_refine.ls_d_res_high                            2.851 
_refine.ls_d_res_low                             26.604 
_refine.ls_extinction_coef                       ? 
_refine.ls_extinction_coef_esd                   ? 
_refine.ls_extinction_expression                 ? 
_refine.ls_extinction_method                     ? 
_refine.ls_goodness_of_fit_all                   ? 
_refine.ls_goodness_of_fit_all_esd               ? 
_refine.ls_goodness_of_fit_obs                   ? 
_refine.ls_goodness_of_fit_obs_esd               ? 
_refine.ls_hydrogen_treatment                    ? 
_refine.ls_matrix_type                           ? 
_refine.ls_number_constraints                    ? 
_refine.ls_number_parameters                     ? 
_refine.ls_number_reflns_all                     ? 
_refine.ls_number_reflns_obs                     2611 
_refine.ls_number_reflns_R_free                  129 
_refine.ls_number_reflns_R_work                  ? 
_refine.ls_number_restraints                     ? 
_refine.ls_percent_reflns_obs                    87.38 
_refine.ls_percent_reflns_R_free                 4.94 
_refine.ls_R_factor_all                          ? 
_refine.ls_R_factor_obs                          0.2309 
_refine.ls_R_factor_R_free                       0.2821 
_refine.ls_R_factor_R_free_error                 ? 
_refine.ls_R_factor_R_free_error_details         ? 
_refine.ls_R_factor_R_work                       0.2281 
_refine.ls_R_Fsqd_factor_obs                     ? 
_refine.ls_R_I_factor_obs                        ? 
_refine.ls_redundancy_reflns_all                 ? 
_refine.ls_redundancy_reflns_obs                 ? 
_refine.ls_restrained_S_all                      ? 
_refine.ls_restrained_S_obs                      ? 
_refine.ls_shift_over_esd_max                    ? 
_refine.ls_shift_over_esd_mean                   ? 
_refine.ls_structure_factor_coef                 ? 
_refine.ls_weighting_details                     ? 
_refine.ls_weighting_scheme                      ? 
_refine.ls_wR_factor_all                         ? 
_refine.ls_wR_factor_obs                         ? 
_refine.ls_wR_factor_R_free                      ? 
_refine.ls_wR_factor_R_work                      ? 
_refine.occupancy_max                            ? 
_refine.occupancy_min                            ? 
_refine.solvent_model_details                    ? 
_refine.solvent_model_param_bsol                 ? 
_refine.solvent_model_param_ksol                 ? 
_refine.ls_R_factor_gt                           ? 
_refine.ls_goodness_of_fit_gt                    ? 
_refine.ls_goodness_of_fit_ref                   ? 
_refine.ls_shift_over_su_max                     ? 
_refine.ls_shift_over_su_max_lt                  ? 
_refine.ls_shift_over_su_mean                    ? 
_refine.ls_shift_over_su_mean_lt                 ? 
_refine.pdbx_ls_sigma_I                          ? 
_refine.pdbx_ls_sigma_F                          1.38 
_refine.pdbx_ls_sigma_Fsqd                       ? 
_refine.pdbx_data_cutoff_high_absF               ? 
_refine.pdbx_data_cutoff_high_rms_absF           ? 
_refine.pdbx_data_cutoff_low_absF                ? 
_refine.pdbx_isotropic_thermal_model             ? 
_refine.pdbx_ls_cross_valid_method               'FREE R-VALUE' 
_refine.pdbx_method_to_determine_struct          ? 
_refine.pdbx_starting_model                      ? 
_refine.pdbx_stereochemistry_target_values       ? 
_refine.pdbx_R_Free_selection_details            ? 
_refine.pdbx_stereochem_target_val_spec_case     ? 
_refine.pdbx_overall_ESU_R                       ? 
_refine.pdbx_overall_ESU_R_Free                  ? 
_refine.pdbx_solvent_vdw_probe_radii             1.11 
_refine.pdbx_solvent_ion_probe_radii             ? 
_refine.pdbx_solvent_shrinkage_radii             0.90 
_refine.pdbx_real_space_R                        ? 
_refine.pdbx_density_correlation                 ? 
_refine.pdbx_pd_number_of_powder_patterns        ? 
_refine.pdbx_pd_number_of_points                 ? 
_refine.pdbx_pd_meas_number_of_points            ? 
_refine.pdbx_pd_proc_ls_prof_R_factor            ? 
_refine.pdbx_pd_proc_ls_prof_wR_factor           ? 
_refine.pdbx_pd_Marquardt_correlation_coeff      ? 
_refine.pdbx_pd_Fsqrd_R_factor                   ? 
_refine.pdbx_pd_ls_matrix_band_width             ? 
_refine.pdbx_overall_phase_error                 24.15 
_refine.pdbx_overall_SU_R_free_Cruickshank_DPI   ? 
_refine.pdbx_overall_SU_R_free_Blow_DPI          ? 
_refine.pdbx_overall_SU_R_Blow_DPI               ? 
_refine.pdbx_TLS_residual_ADP_flag               ? 
_refine.pdbx_diffrn_id                           1 
_refine.overall_SU_B                             ? 
_refine.overall_SU_ML                            0.38 
_refine.overall_SU_R_Cruickshank_DPI             ? 
_refine.overall_SU_R_free                        ? 
_refine.overall_FOM_free_R_set                   ? 
_refine.overall_FOM_work_R_set                   ? 
_refine.pdbx_average_fsc_overall                 ? 
_refine.pdbx_average_fsc_work                    ? 
_refine.pdbx_average_fsc_free                    ? 
# 
_refine_hist.pdbx_refine_id                   'X-RAY DIFFRACTION' 
_refine_hist.cycle_id                         LAST 
_refine_hist.pdbx_number_atoms_protein        0 
_refine_hist.pdbx_number_atoms_nucleic_acid   816 
_refine_hist.pdbx_number_atoms_ligand         0 
_refine_hist.number_atoms_solvent             0 
_refine_hist.number_atoms_total               816 
_refine_hist.d_res_high                       2.851 
_refine_hist.d_res_low                        26.604 
# 
loop_
_refine_ls_restr.pdbx_refine_id 
_refine_ls_restr.criterion 
_refine_ls_restr.dev_ideal 
_refine_ls_restr.dev_ideal_target 
_refine_ls_restr.number 
_refine_ls_restr.rejects 
_refine_ls_restr.type 
_refine_ls_restr.weight 
_refine_ls_restr.pdbx_restraint_function 
'X-RAY DIFFRACTION' ? 0.005  ? 913  ? f_bond_d           ? ? 
'X-RAY DIFFRACTION' ? 1.423  ? 1400 ? f_angle_d          ? ? 
'X-RAY DIFFRACTION' ? 37.386 ? 448  ? f_dihedral_angle_d ? ? 
'X-RAY DIFFRACTION' ? 0.176  ? 152  ? f_chiral_restr     ? ? 
'X-RAY DIFFRACTION' ? 0.005  ? 40   ? f_plane_restr      ? ? 
# 
_refine_ls_shell.pdbx_refine_id                   'X-RAY DIFFRACTION' 
_refine_ls_shell.d_res_high                       2.8511 
_refine_ls_shell.d_res_low                        26.6047 
_refine_ls_shell.number_reflns_all                ? 
_refine_ls_shell.number_reflns_obs                ? 
_refine_ls_shell.number_reflns_R_free             129 
_refine_ls_shell.number_reflns_R_work             2482 
_refine_ls_shell.percent_reflns_obs               87.00 
_refine_ls_shell.percent_reflns_R_free            ? 
_refine_ls_shell.R_factor_all                     ? 
_refine_ls_shell.R_factor_obs                     ? 
_refine_ls_shell.R_factor_R_free                  0.2821 
_refine_ls_shell.R_factor_R_free_error            ? 
_refine_ls_shell.R_factor_R_work                  0.2281 
_refine_ls_shell.redundancy_reflns_all            ? 
_refine_ls_shell.redundancy_reflns_obs            ? 
_refine_ls_shell.wR_factor_all                    ? 
_refine_ls_shell.wR_factor_obs                    ? 
_refine_ls_shell.wR_factor_R_free                 ? 
_refine_ls_shell.wR_factor_R_work                 ? 
_refine_ls_shell.pdbx_total_number_of_bins_used   ? 
_refine_ls_shell.pdbx_phase_error                 ? 
_refine_ls_shell.pdbx_fsc_work                    ? 
_refine_ls_shell.pdbx_fsc_free                    ? 
# 
_struct.entry_id                     6JV3 
_struct.title                        'Crystal structure of 5-hydoxylmethylcytosine containing decamer dsDNA' 
_struct.pdbx_model_details           ? 
_struct.pdbx_formula_weight          ? 
_struct.pdbx_formula_weight_method   ? 
_struct.pdbx_model_type_details      ? 
_struct.pdbx_CASP_flag               N 
# 
_struct_keywords.entry_id        6JV3 
_struct_keywords.text            '5-hydoxylmethylcytosine, duplex DNA, DNA' 
_struct_keywords.pdbx_keywords   DNA 
# 
loop_
_struct_asym.id 
_struct_asym.pdbx_blank_PDB_chainid_flag 
_struct_asym.pdbx_modified 
_struct_asym.entity_id 
_struct_asym.details 
A N N 1 ? 
B N N 1 ? 
C N N 1 ? 
D N N 1 ? 
# 
_struct_ref.id                         1 
_struct_ref.db_name                    PDB 
_struct_ref.db_code                    6JV3 
_struct_ref.pdbx_db_accession          6JV3 
_struct_ref.pdbx_db_isoform            ? 
_struct_ref.entity_id                  1 
_struct_ref.pdbx_seq_one_letter_code   ? 
_struct_ref.pdbx_align_begin           1 
# 
loop_
_struct_ref_seq.align_id 
_struct_ref_seq.ref_id 
_struct_ref_seq.pdbx_PDB_id_code 
_struct_ref_seq.pdbx_strand_id 
_struct_ref_seq.seq_align_beg 
_struct_ref_seq.pdbx_seq_align_beg_ins_code 
_struct_ref_seq.seq_align_end 
_struct_ref_seq.pdbx_seq_align_end_ins_code 
_struct_ref_seq.pdbx_db_accession 
_struct_ref_seq.db_align_beg 
_struct_ref_seq.pdbx_db_align_beg_ins_code 
_struct_ref_seq.db_align_end 
_struct_ref_seq.pdbx_db_align_end_ins_code 
_struct_ref_seq.pdbx_auth_seq_align_beg 
_struct_ref_seq.pdbx_auth_seq_align_end 
1 1 6JV3 A 1 ? 10 ? 6JV3 1 ? 10 ? 1 10 
2 1 6JV3 B 1 ? 10 ? 6JV3 1 ? 10 ? 1 10 
3 1 6JV3 C 1 ? 10 ? 6JV3 1 ? 10 ? 1 10 
4 1 6JV3 D 1 ? 10 ? 6JV3 1 ? 10 ? 1 10 
# 
_pdbx_struct_assembly.id                   1 
_pdbx_struct_assembly.details              author_and_software_defined_assembly 
_pdbx_struct_assembly.method_details       PISA 
_pdbx_struct_assembly.oligomeric_details   tetrameric 
_pdbx_struct_assembly.oligomeric_count     4 
# 
loop_
_pdbx_struct_assembly_prop.biol_id 
_pdbx_struct_assembly_prop.type 
_pdbx_struct_assembly_prop.value 
_pdbx_struct_assembly_prop.details 
1 'ABSA (A^2)' 2630 ? 
1 MORE         -9   ? 
1 'SSA (A^2)'  7050 ? 
# 
_pdbx_struct_assembly_gen.assembly_id       1 
_pdbx_struct_assembly_gen.oper_expression   1 
_pdbx_struct_assembly_gen.asym_id_list      A,B,C,D 
# 
_pdbx_struct_assembly_auth_evidence.id                     1 
_pdbx_struct_assembly_auth_evidence.assembly_id            1 
_pdbx_struct_assembly_auth_evidence.experimental_support   none 
_pdbx_struct_assembly_auth_evidence.details                ? 
# 
_pdbx_struct_oper_list.id                   1 
_pdbx_struct_oper_list.type                 'identity operation' 
_pdbx_struct_oper_list.name                 1_555 
_pdbx_struct_oper_list.symmetry_operation   x,y,z 
_pdbx_struct_oper_list.matrix[1][1]         1.0000000000 
_pdbx_struct_oper_list.matrix[1][2]         0.0000000000 
_pdbx_struct_oper_list.matrix[1][3]         0.0000000000 
_pdbx_struct_oper_list.vector[1]            0.0000000000 
_pdbx_struct_oper_list.matrix[2][1]         0.0000000000 
_pdbx_struct_oper_list.matrix[2][2]         1.0000000000 
_pdbx_struct_oper_list.matrix[2][3]         0.0000000000 
_pdbx_struct_oper_list.vector[2]            0.0000000000 
_pdbx_struct_oper_list.matrix[3][1]         0.0000000000 
_pdbx_struct_oper_list.matrix[3][2]         0.0000000000 
_pdbx_struct_oper_list.matrix[3][3]         1.0000000000 
_pdbx_struct_oper_list.vector[3]            0.0000000000 
# 
loop_
_struct_conn.id 
_struct_conn.conn_type_id 
_struct_conn.pdbx_leaving_atom_flag 
_struct_conn.pdbx_PDB_id 
_struct_conn.ptnr1_label_asym_id 
_struct_conn.ptnr1_label_comp_id 
_struct_conn.ptnr1_label_seq_id 
_struct_conn.ptnr1_label_atom_id 
_struct_conn.pdbx_ptnr1_label_alt_id 
_struct_conn.pdbx_ptnr1_PDB_ins_code 
_struct_conn.pdbx_ptnr1_standard_comp_id 
_struct_conn.ptnr1_symmetry 
_struct_conn.ptnr2_label_asym_id 
_struct_conn.ptnr2_label_comp_id 
_struct_conn.ptnr2_label_seq_id 
_struct_conn.ptnr2_label_atom_id 
_struct_conn.pdbx_ptnr2_label_alt_id 
_struct_conn.pdbx_ptnr2_PDB_ins_code 
_struct_conn.ptnr1_auth_asym_id 
_struct_conn.ptnr1_auth_comp_id 
_struct_conn.ptnr1_auth_seq_id 
_struct_conn.ptnr2_auth_asym_id 
_struct_conn.ptnr2_auth_comp_id 
_struct_conn.ptnr2_auth_seq_id 
_struct_conn.ptnr2_symmetry 
_struct_conn.pdbx_ptnr3_label_atom_id 
_struct_conn.pdbx_ptnr3_label_seq_id 
_struct_conn.pdbx_ptnr3_label_comp_id 
_struct_conn.pdbx_ptnr3_label_asym_id 
_struct_conn.pdbx_ptnr3_label_alt_id 
_struct_conn.pdbx_ptnr3_PDB_ins_code 
_struct_conn.details 
_struct_conn.pdbx_dist_value 
_struct_conn.pdbx_value_order 
_struct_conn.pdbx_role 
covale1  covale both ? A DG  4  "O3'" ? ? ? 1_555 A 5HC 5  P  ? ? A DG  4  A 5HC 5  1_555 ? ? ? ? ? ? ?                       
1.610 ? ? 
covale2  covale both ? A 5HC 5  "O3'" ? ? ? 1_555 A DG  6  P  ? ? A 5HC 5  A DG  6  1_555 ? ? ? ? ? ? ?                       
1.606 ? ? 
covale3  covale both ? B DG  4  "O3'" ? ? ? 1_555 B 5HC 5  P  ? ? B DG  4  B 5HC 5  1_555 ? ? ? ? ? ? ?                       
1.605 ? ? 
covale4  covale both ? B 5HC 5  "O3'" ? ? ? 1_555 B DG  6  P  ? ? B 5HC 5  B DG  6  1_555 ? ? ? ? ? ? ?                       
1.614 ? ? 
covale5  covale both ? C DG  4  "O3'" ? ? ? 1_555 C 5HC 5  P  ? ? C DG  4  C 5HC 5  1_555 ? ? ? ? ? ? ?                       
1.612 ? ? 
covale6  covale both ? C 5HC 5  "O3'" ? ? ? 1_555 C DG  6  P  ? ? C 5HC 5  C DG  6  1_555 ? ? ? ? ? ? ?                       
1.606 ? ? 
covale7  covale both ? D DG  4  "O3'" ? ? ? 1_555 D 5HC 5  P  ? ? D DG  4  D 5HC 5  1_555 ? ? ? ? ? ? ?                       
1.602 ? ? 
covale8  covale both ? D 5HC 5  "O3'" ? ? ? 1_555 D DG  6  P  ? ? D 5HC 5  D DG  6  1_555 ? ? ? ? ? ? ?                       
1.605 ? ? 
hydrog1  hydrog ?    ? A DC  1  N3    ? ? ? 1_555 C DG  10 N1 ? ? A DC  1  C DG  10 1_555 ? ? ? ? ? ? WATSON-CRICK            ? ? 
? 
hydrog2  hydrog ?    ? A DC  1  N4    ? ? ? 1_555 C DG  10 O6 ? ? A DC  1  C DG  10 1_555 ? ? ? ? ? ? WATSON-CRICK            ? ? 
? 
hydrog3  hydrog ?    ? A DC  1  O2    ? ? ? 1_555 C DG  10 N2 ? ? A DC  1  C DG  10 1_555 ? ? ? ? ? ? WATSON-CRICK            ? ? 
? 
hydrog4  hydrog ?    ? A DC  2  O2    ? ? ? 1_555 C DG  9  N2 ? ? A DC  2  C DG  9  1_555 ? ? ? ? ? ? 'DC-DG PAIR'            ? ? 
? 
hydrog5  hydrog ?    ? A DA  3  N1    ? ? ? 1_555 C DT  8  N3 ? ? A DA  3  C DT  8  1_555 ? ? ? ? ? ? WATSON-CRICK            ? ? 
? 
hydrog6  hydrog ?    ? A DA  3  N6    ? ? ? 1_555 C DT  8  O4 ? ? A DA  3  C DT  8  1_555 ? ? ? ? ? ? WATSON-CRICK            ? ? 
? 
hydrog7  hydrog ?    ? A DG  4  N1    ? ? ? 1_555 C DC  7  N3 ? ? A DG  4  C DC  7  1_555 ? ? ? ? ? ? WATSON-CRICK            ? ? 
? 
hydrog8  hydrog ?    ? A DG  4  N2    ? ? ? 1_555 C DC  7  O2 ? ? A DG  4  C DC  7  1_555 ? ? ? ? ? ? WATSON-CRICK            ? ? 
? 
hydrog9  hydrog ?    ? A DG  4  O6    ? ? ? 1_555 C DC  7  N4 ? ? A DG  4  C DC  7  1_555 ? ? ? ? ? ? WATSON-CRICK            ? ? 
? 
hydrog10 hydrog ?    ? A 5HC 5  N3    ? ? ? 1_555 B DG  6  N1 ? ? A 5HC 5  B DG  6  1_555 ? ? ? ? ? ? WATSON-CRICK            ? ? 
? 
hydrog11 hydrog ?    ? A 5HC 5  N4    ? ? ? 1_555 B DG  6  O6 ? ? A 5HC 5  B DG  6  1_555 ? ? ? ? ? ? WATSON-CRICK            ? ? 
? 
hydrog12 hydrog ?    ? A 5HC 5  O2    ? ? ? 1_555 B DG  6  N2 ? ? A 5HC 5  B DG  6  1_555 ? ? ? ? ? ? WATSON-CRICK            ? ? 
? 
hydrog13 hydrog ?    ? A DG  6  N1    ? ? ? 1_555 B 5HC 5  N3 ? ? A DG  6  B 5HC 5  1_555 ? ? ? ? ? ? WATSON-CRICK            ? ? 
? 
hydrog14 hydrog ?    ? A DG  6  N2    ? ? ? 1_555 B 5HC 5  O2 ? ? A DG  6  B 5HC 5  1_555 ? ? ? ? ? ? WATSON-CRICK            ? ? 
? 
hydrog15 hydrog ?    ? A DG  6  O6    ? ? ? 1_555 B 5HC 5  N4 ? ? A DG  6  B 5HC 5  1_555 ? ? ? ? ? ? WATSON-CRICK            ? ? 
? 
hydrog16 hydrog ?    ? A DC  7  N3    ? ? ? 1_555 B DG  4  N1 ? ? A DC  7  B DG  4  1_555 ? ? ? ? ? ? WATSON-CRICK            ? ? 
? 
hydrog17 hydrog ?    ? A DC  7  N4    ? ? ? 1_555 B DG  4  O6 ? ? A DC  7  B DG  4  1_555 ? ? ? ? ? ? WATSON-CRICK            ? ? 
? 
hydrog18 hydrog ?    ? A DC  7  O2    ? ? ? 1_555 B DG  4  N2 ? ? A DC  7  B DG  4  1_555 ? ? ? ? ? ? WATSON-CRICK            ? ? 
? 
hydrog19 hydrog ?    ? A DT  8  N3    ? ? ? 1_555 B DA  3  N1 ? ? A DT  8  B DA  3  1_555 ? ? ? ? ? ? WATSON-CRICK            ? ? 
? 
hydrog20 hydrog ?    ? A DT  8  O4    ? ? ? 1_555 B DA  3  N6 ? ? A DT  8  B DA  3  1_555 ? ? ? ? ? ? WATSON-CRICK            ? ? 
? 
hydrog21 hydrog ?    ? A DG  9  N1    ? ? ? 1_555 B DC  2  N3 ? ? A DG  9  B DC  2  1_555 ? ? ? ? ? ? WATSON-CRICK            ? ? 
? 
hydrog22 hydrog ?    ? A DG  9  N2    ? ? ? 1_555 B DC  2  O2 ? ? A DG  9  B DC  2  1_555 ? ? ? ? ? ? WATSON-CRICK            ? ? 
? 
hydrog23 hydrog ?    ? A DG  9  O6    ? ? ? 1_555 B DC  2  N4 ? ? A DG  9  B DC  2  1_555 ? ? ? ? ? ? WATSON-CRICK            ? ? 
? 
hydrog24 hydrog ?    ? A DG  10 N1    ? ? ? 1_555 B DC  1  N3 ? ? A DG  10 B DC  1  1_555 ? ? ? ? ? ? WATSON-CRICK            ? ? 
? 
hydrog25 hydrog ?    ? A DG  10 N2    ? ? ? 1_555 B DC  1  O2 ? ? A DG  10 B DC  1  1_555 ? ? ? ? ? ? WATSON-CRICK            ? ? 
? 
hydrog26 hydrog ?    ? A DG  10 O6    ? ? ? 1_555 B DC  1  N4 ? ? A DG  10 B DC  1  1_555 ? ? ? ? ? ? WATSON-CRICK            ? ? 
? 
hydrog27 hydrog ?    ? B DC  7  N3    ? ? ? 1_555 D DG  4  N1 ? ? B DC  7  D DG  4  1_555 ? ? ? ? ? ? WATSON-CRICK            ? ? 
? 
hydrog28 hydrog ?    ? B DC  7  N4    ? ? ? 1_555 D DG  4  O6 ? ? B DC  7  D DG  4  1_555 ? ? ? ? ? ? WATSON-CRICK            ? ? 
? 
hydrog29 hydrog ?    ? B DC  7  O2    ? ? ? 1_555 D DG  4  N2 ? ? B DC  7  D DG  4  1_555 ? ? ? ? ? ? WATSON-CRICK            ? ? 
? 
hydrog30 hydrog ?    ? B DT  8  N3    ? ? ? 1_555 D DA  3  N1 ? ? B DT  8  D DA  3  1_555 ? ? ? ? ? ? WATSON-CRICK            ? ? 
? 
hydrog31 hydrog ?    ? B DT  8  O4    ? ? ? 1_555 D DA  3  N6 ? ? B DT  8  D DA  3  1_555 ? ? ? ? ? ? WATSON-CRICK            ? ? 
? 
hydrog32 hydrog ?    ? B DG  9  N1    ? ? ? 1_555 D DC  2  N3 ? ? B DG  9  D DC  2  1_555 ? ? ? ? ? ? WATSON-CRICK            ? ? 
? 
hydrog33 hydrog ?    ? B DG  9  N2    ? ? ? 1_555 D DC  2  O2 ? ? B DG  9  D DC  2  1_555 ? ? ? ? ? ? WATSON-CRICK            ? ? 
? 
hydrog34 hydrog ?    ? B DG  9  O6    ? ? ? 1_555 D DC  2  N4 ? ? B DG  9  D DC  2  1_555 ? ? ? ? ? ? WATSON-CRICK            ? ? 
? 
hydrog35 hydrog ?    ? B DG  10 N1    ? ? ? 1_555 D DC  1  N3 ? ? B DG  10 D DC  1  1_555 ? ? ? ? ? ? WATSON-CRICK            ? ? 
? 
hydrog36 hydrog ?    ? B DG  10 N2    ? ? ? 1_555 D DC  1  O2 ? ? B DG  10 D DC  1  1_555 ? ? ? ? ? ? WATSON-CRICK            ? ? 
? 
hydrog37 hydrog ?    ? B DG  10 O6    ? ? ? 1_555 D DC  1  N4 ? ? B DG  10 D DC  1  1_555 ? ? ? ? ? ? WATSON-CRICK            ? ? 
? 
hydrog38 hydrog ?    ? C DC  1  N3    ? ? ? 1_555 D DG  10 N1 ? ? C DC  1  D DG  10 1_555 ? ? ? ? ? ? WATSON-CRICK            ? ? 
? 
hydrog39 hydrog ?    ? C DC  1  N4    ? ? ? 1_555 D DG  10 O6 ? ? C DC  1  D DG  10 1_555 ? ? ? ? ? ? WATSON-CRICK            ? ? 
? 
hydrog40 hydrog ?    ? C DC  1  O2    ? ? ? 1_555 D DG  10 N2 ? ? C DC  1  D DG  10 1_555 ? ? ? ? ? ? WATSON-CRICK            ? ? 
? 
hydrog41 hydrog ?    ? C DC  2  O2    ? ? ? 1_555 D DG  9  N2 ? ? C DC  2  D DG  9  1_555 ? ? ? ? ? ? 'DC-DG PAIR'            ? ? 
? 
hydrog42 hydrog ?    ? C DA  3  N1    ? ? ? 1_555 D DT  8  N3 ? ? C DA  3  D DT  8  1_555 ? ? ? ? ? ? WATSON-CRICK            ? ? 
? 
hydrog43 hydrog ?    ? C DA  3  N6    ? ? ? 1_555 D DT  8  O4 ? ? C DA  3  D DT  8  1_555 ? ? ? ? ? ? WATSON-CRICK            ? ? 
? 
hydrog44 hydrog ?    ? C DG  4  N1    ? ? ? 1_555 D DC  7  N3 ? ? C DG  4  D DC  7  1_555 ? ? ? ? ? ? WATSON-CRICK            ? ? 
? 
hydrog45 hydrog ?    ? C DG  4  N2    ? ? ? 1_555 D DC  7  O2 ? ? C DG  4  D DC  7  1_555 ? ? ? ? ? ? WATSON-CRICK            ? ? 
? 
hydrog46 hydrog ?    ? C DG  4  O6    ? ? ? 1_555 D DC  7  N4 ? ? C DG  4  D DC  7  1_555 ? ? ? ? ? ? WATSON-CRICK            ? ? 
? 
hydrog47 hydrog ?    ? C 5HC 5  N3    ? ? ? 1_555 D DG  6  N2 ? ? C 5HC 5  D DG  6  1_555 ? ? ? ? ? ? 'REVERSED WATSON-CRICK' ? ? 
? 
hydrog48 hydrog ?    ? C 5HC 5  O2    ? ? ? 1_555 D DG  6  N1 ? ? C 5HC 5  D DG  6  1_555 ? ? ? ? ? ? 'REVERSED WATSON-CRICK' ? ? 
? 
hydrog49 hydrog ?    ? C DG  6  N1    ? ? ? 1_555 D 5HC 5  N3 ? ? C DG  6  D 5HC 5  1_555 ? ? ? ? ? ? WATSON-CRICK            ? ? 
? 
hydrog50 hydrog ?    ? C DG  6  N2    ? ? ? 1_555 D 5HC 5  O2 ? ? C DG  6  D 5HC 5  1_555 ? ? ? ? ? ? WATSON-CRICK            ? ? 
? 
hydrog51 hydrog ?    ? C DG  6  O6    ? ? ? 1_555 D 5HC 5  N4 ? ? C DG  6  D 5HC 5  1_555 ? ? ? ? ? ? WATSON-CRICK            ? ? 
? 
# 
loop_
_struct_conn_type.id 
_struct_conn_type.criteria 
_struct_conn_type.reference 
covale ? ? 
hydrog ? ? 
# 
_pdbx_validate_close_contact.id               1 
_pdbx_validate_close_contact.PDB_model_num    1 
_pdbx_validate_close_contact.auth_atom_id_1   O2 
_pdbx_validate_close_contact.auth_asym_id_1   C 
_pdbx_validate_close_contact.auth_comp_id_1   5HC 
_pdbx_validate_close_contact.auth_seq_id_1    5 
_pdbx_validate_close_contact.PDB_ins_code_1   ? 
_pdbx_validate_close_contact.label_alt_id_1   ? 
_pdbx_validate_close_contact.auth_atom_id_2   N2 
_pdbx_validate_close_contact.auth_asym_id_2   D 
_pdbx_validate_close_contact.auth_comp_id_2   DG 
_pdbx_validate_close_contact.auth_seq_id_2    6 
_pdbx_validate_close_contact.PDB_ins_code_2   ? 
_pdbx_validate_close_contact.label_alt_id_2   ? 
_pdbx_validate_close_contact.dist             1.31 
# 
loop_
_chem_comp_atom.comp_id 
_chem_comp_atom.atom_id 
_chem_comp_atom.type_symbol 
_chem_comp_atom.pdbx_aromatic_flag 
_chem_comp_atom.pdbx_stereo_config 
_chem_comp_atom.pdbx_ordinal 
5HC P      P N N 1   
5HC OP1    O N N 2   
5HC OP2    O N N 3   
5HC "O5'"  O N N 4   
5HC "C5'"  C N N 5   
5HC "C4'"  C N R 6   
5HC "O4'"  O N N 7   
5HC "C3'"  C N S 8   
5HC "O3'"  O N N 9   
5HC "C2'"  C N N 10  
5HC "C1'"  C N R 11  
5HC N1     N N N 12  
5HC C2     C N N 13  
5HC O2     O N N 14  
5HC N3     N N N 15  
5HC C4     C N N 16  
5HC N4     N N N 17  
5HC C5     C N N 18  
5HC C5M    C N N 19  
5HC O5     O N N 20  
5HC C6     C N N 21  
5HC OP3    O N N 22  
5HC HOP2   H N N 23  
5HC "H5'"  H N N 24  
5HC "H5''" H N N 25  
5HC H4     H N N 26  
5HC "H3'"  H N N 27  
5HC "HO3'" H N N 28  
5HC "H2'"  H N N 29  
5HC "H2''" H N N 30  
5HC "H1'"  H N N 31  
5HC HN41   H N N 32  
5HC HN42   H N N 33  
5HC H5M2   H N N 34  
5HC H5M1   H N N 35  
5HC HO5    H N N 36  
5HC H6     H N N 37  
5HC HOP3   H N N 38  
DA  OP3    O N N 39  
DA  P      P N N 40  
DA  OP1    O N N 41  
DA  OP2    O N N 42  
DA  "O5'"  O N N 43  
DA  "C5'"  C N N 44  
DA  "C4'"  C N R 45  
DA  "O4'"  O N N 46  
DA  "C3'"  C N S 47  
DA  "O3'"  O N N 48  
DA  "C2'"  C N N 49  
DA  "C1'"  C N R 50  
DA  N9     N Y N 51  
DA  C8     C Y N 52  
DA  N7     N Y N 53  
DA  C5     C Y N 54  
DA  C6     C Y N 55  
DA  N6     N N N 56  
DA  N1     N Y N 57  
DA  C2     C Y N 58  
DA  N3     N Y N 59  
DA  C4     C Y N 60  
DA  HOP3   H N N 61  
DA  HOP2   H N N 62  
DA  "H5'"  H N N 63  
DA  "H5''" H N N 64  
DA  "H4'"  H N N 65  
DA  "H3'"  H N N 66  
DA  "HO3'" H N N 67  
DA  "H2'"  H N N 68  
DA  "H2''" H N N 69  
DA  "H1'"  H N N 70  
DA  H8     H N N 71  
DA  H61    H N N 72  
DA  H62    H N N 73  
DA  H2     H N N 74  
DC  OP3    O N N 75  
DC  P      P N N 76  
DC  OP1    O N N 77  
DC  OP2    O N N 78  
DC  "O5'"  O N N 79  
DC  "C5'"  C N N 80  
DC  "C4'"  C N R 81  
DC  "O4'"  O N N 82  
DC  "C3'"  C N S 83  
DC  "O3'"  O N N 84  
DC  "C2'"  C N N 85  
DC  "C1'"  C N R 86  
DC  N1     N N N 87  
DC  C2     C N N 88  
DC  O2     O N N 89  
DC  N3     N N N 90  
DC  C4     C N N 91  
DC  N4     N N N 92  
DC  C5     C N N 93  
DC  C6     C N N 94  
DC  HOP3   H N N 95  
DC  HOP2   H N N 96  
DC  "H5'"  H N N 97  
DC  "H5''" H N N 98  
DC  "H4'"  H N N 99  
DC  "H3'"  H N N 100 
DC  "HO3'" H N N 101 
DC  "H2'"  H N N 102 
DC  "H2''" H N N 103 
DC  "H1'"  H N N 104 
DC  H41    H N N 105 
DC  H42    H N N 106 
DC  H5     H N N 107 
DC  H6     H N N 108 
DG  OP3    O N N 109 
DG  P      P N N 110 
DG  OP1    O N N 111 
DG  OP2    O N N 112 
DG  "O5'"  O N N 113 
DG  "C5'"  C N N 114 
DG  "C4'"  C N R 115 
DG  "O4'"  O N N 116 
DG  "C3'"  C N S 117 
DG  "O3'"  O N N 118 
DG  "C2'"  C N N 119 
DG  "C1'"  C N R 120 
DG  N9     N Y N 121 
DG  C8     C Y N 122 
DG  N7     N Y N 123 
DG  C5     C Y N 124 
DG  C6     C N N 125 
DG  O6     O N N 126 
DG  N1     N N N 127 
DG  C2     C N N 128 
DG  N2     N N N 129 
DG  N3     N N N 130 
DG  C4     C Y N 131 
DG  HOP3   H N N 132 
DG  HOP2   H N N 133 
DG  "H5'"  H N N 134 
DG  "H5''" H N N 135 
DG  "H4'"  H N N 136 
DG  "H3'"  H N N 137 
DG  "HO3'" H N N 138 
DG  "H2'"  H N N 139 
DG  "H2''" H N N 140 
DG  "H1'"  H N N 141 
DG  H8     H N N 142 
DG  H1     H N N 143 
DG  H21    H N N 144 
DG  H22    H N N 145 
DT  OP3    O N N 146 
DT  P      P N N 147 
DT  OP1    O N N 148 
DT  OP2    O N N 149 
DT  "O5'"  O N N 150 
DT  "C5'"  C N N 151 
DT  "C4'"  C N R 152 
DT  "O4'"  O N N 153 
DT  "C3'"  C N S 154 
DT  "O3'"  O N N 155 
DT  "C2'"  C N N 156 
DT  "C1'"  C N R 157 
DT  N1     N N N 158 
DT  C2     C N N 159 
DT  O2     O N N 160 
DT  N3     N N N 161 
DT  C4     C N N 162 
DT  O4     O N N 163 
DT  C5     C N N 164 
DT  C7     C N N 165 
DT  C6     C N N 166 
DT  HOP3   H N N 167 
DT  HOP2   H N N 168 
DT  "H5'"  H N N 169 
DT  "H5''" H N N 170 
DT  "H4'"  H N N 171 
DT  "H3'"  H N N 172 
DT  "HO3'" H N N 173 
DT  "H2'"  H N N 174 
DT  "H2''" H N N 175 
DT  "H1'"  H N N 176 
DT  H3     H N N 177 
DT  H71    H N N 178 
DT  H72    H N N 179 
DT  H73    H N N 180 
DT  H6     H N N 181 
# 
loop_
_chem_comp_bond.comp_id 
_chem_comp_bond.atom_id_1 
_chem_comp_bond.atom_id_2 
_chem_comp_bond.value_order 
_chem_comp_bond.pdbx_aromatic_flag 
_chem_comp_bond.pdbx_stereo_config 
_chem_comp_bond.pdbx_ordinal 
5HC "O4'" "C4'"  sing N N 1   
5HC "O4'" "C1'"  sing N N 2   
5HC "C4'" "C5'"  sing N N 3   
5HC "C4'" "C3'"  sing N N 4   
5HC O2    C2     doub N N 5   
5HC "C1'" N1     sing N N 6   
5HC "C1'" "C2'"  sing N N 7   
5HC "C5'" "O5'"  sing N N 8   
5HC C2    N1     sing N N 9   
5HC C2    N3     sing N N 10  
5HC N1    C6     sing N N 11  
5HC N3    C4     doub N N 12  
5HC "O5'" P      sing N N 13  
5HC "C2'" "C3'"  sing N N 14  
5HC C6    C5     doub N N 15  
5HC "C3'" "O3'"  sing N N 16  
5HC P     OP1    doub N N 17  
5HC P     OP2    sing N N 18  
5HC C4    C5     sing N N 19  
5HC C4    N4     sing N N 20  
5HC C5    C5M    sing N N 21  
5HC C5M   O5     sing N N 22  
5HC P     OP3    sing N N 23  
5HC OP2   HOP2   sing N N 24  
5HC "C5'" "H5'"  sing N N 25  
5HC "C5'" "H5''" sing N N 26  
5HC "C4'" H4     sing N N 27  
5HC "C3'" "H3'"  sing N N 28  
5HC "O3'" "HO3'" sing N N 29  
5HC "C2'" "H2'"  sing N N 30  
5HC "C2'" "H2''" sing N N 31  
5HC "C1'" "H1'"  sing N N 32  
5HC N4    HN41   sing N N 33  
5HC N4    HN42   sing N N 34  
5HC C5M   H5M2   sing N N 35  
5HC C5M   H5M1   sing N N 36  
5HC O5    HO5    sing N N 37  
5HC C6    H6     sing N N 38  
5HC OP3   HOP3   sing N N 39  
DA  OP3   P      sing N N 40  
DA  OP3   HOP3   sing N N 41  
DA  P     OP1    doub N N 42  
DA  P     OP2    sing N N 43  
DA  P     "O5'"  sing N N 44  
DA  OP2   HOP2   sing N N 45  
DA  "O5'" "C5'"  sing N N 46  
DA  "C5'" "C4'"  sing N N 47  
DA  "C5'" "H5'"  sing N N 48  
DA  "C5'" "H5''" sing N N 49  
DA  "C4'" "O4'"  sing N N 50  
DA  "C4'" "C3'"  sing N N 51  
DA  "C4'" "H4'"  sing N N 52  
DA  "O4'" "C1'"  sing N N 53  
DA  "C3'" "O3'"  sing N N 54  
DA  "C3'" "C2'"  sing N N 55  
DA  "C3'" "H3'"  sing N N 56  
DA  "O3'" "HO3'" sing N N 57  
DA  "C2'" "C1'"  sing N N 58  
DA  "C2'" "H2'"  sing N N 59  
DA  "C2'" "H2''" sing N N 60  
DA  "C1'" N9     sing N N 61  
DA  "C1'" "H1'"  sing N N 62  
DA  N9    C8     sing Y N 63  
DA  N9    C4     sing Y N 64  
DA  C8    N7     doub Y N 65  
DA  C8    H8     sing N N 66  
DA  N7    C5     sing Y N 67  
DA  C5    C6     sing Y N 68  
DA  C5    C4     doub Y N 69  
DA  C6    N6     sing N N 70  
DA  C6    N1     doub Y N 71  
DA  N6    H61    sing N N 72  
DA  N6    H62    sing N N 73  
DA  N1    C2     sing Y N 74  
DA  C2    N3     doub Y N 75  
DA  C2    H2     sing N N 76  
DA  N3    C4     sing Y N 77  
DC  OP3   P      sing N N 78  
DC  OP3   HOP3   sing N N 79  
DC  P     OP1    doub N N 80  
DC  P     OP2    sing N N 81  
DC  P     "O5'"  sing N N 82  
DC  OP2   HOP2   sing N N 83  
DC  "O5'" "C5'"  sing N N 84  
DC  "C5'" "C4'"  sing N N 85  
DC  "C5'" "H5'"  sing N N 86  
DC  "C5'" "H5''" sing N N 87  
DC  "C4'" "O4'"  sing N N 88  
DC  "C4'" "C3'"  sing N N 89  
DC  "C4'" "H4'"  sing N N 90  
DC  "O4'" "C1'"  sing N N 91  
DC  "C3'" "O3'"  sing N N 92  
DC  "C3'" "C2'"  sing N N 93  
DC  "C3'" "H3'"  sing N N 94  
DC  "O3'" "HO3'" sing N N 95  
DC  "C2'" "C1'"  sing N N 96  
DC  "C2'" "H2'"  sing N N 97  
DC  "C2'" "H2''" sing N N 98  
DC  "C1'" N1     sing N N 99  
DC  "C1'" "H1'"  sing N N 100 
DC  N1    C2     sing N N 101 
DC  N1    C6     sing N N 102 
DC  C2    O2     doub N N 103 
DC  C2    N3     sing N N 104 
DC  N3    C4     doub N N 105 
DC  C4    N4     sing N N 106 
DC  C4    C5     sing N N 107 
DC  N4    H41    sing N N 108 
DC  N4    H42    sing N N 109 
DC  C5    C6     doub N N 110 
DC  C5    H5     sing N N 111 
DC  C6    H6     sing N N 112 
DG  OP3   P      sing N N 113 
DG  OP3   HOP3   sing N N 114 
DG  P     OP1    doub N N 115 
DG  P     OP2    sing N N 116 
DG  P     "O5'"  sing N N 117 
DG  OP2   HOP2   sing N N 118 
DG  "O5'" "C5'"  sing N N 119 
DG  "C5'" "C4'"  sing N N 120 
DG  "C5'" "H5'"  sing N N 121 
DG  "C5'" "H5''" sing N N 122 
DG  "C4'" "O4'"  sing N N 123 
DG  "C4'" "C3'"  sing N N 124 
DG  "C4'" "H4'"  sing N N 125 
DG  "O4'" "C1'"  sing N N 126 
DG  "C3'" "O3'"  sing N N 127 
DG  "C3'" "C2'"  sing N N 128 
DG  "C3'" "H3'"  sing N N 129 
DG  "O3'" "HO3'" sing N N 130 
DG  "C2'" "C1'"  sing N N 131 
DG  "C2'" "H2'"  sing N N 132 
DG  "C2'" "H2''" sing N N 133 
DG  "C1'" N9     sing N N 134 
DG  "C1'" "H1'"  sing N N 135 
DG  N9    C8     sing Y N 136 
DG  N9    C4     sing Y N 137 
DG  C8    N7     doub Y N 138 
DG  C8    H8     sing N N 139 
DG  N7    C5     sing Y N 140 
DG  C5    C6     sing N N 141 
DG  C5    C4     doub Y N 142 
DG  C6    O6     doub N N 143 
DG  C6    N1     sing N N 144 
DG  N1    C2     sing N N 145 
DG  N1    H1     sing N N 146 
DG  C2    N2     sing N N 147 
DG  C2    N3     doub N N 148 
DG  N2    H21    sing N N 149 
DG  N2    H22    sing N N 150 
DG  N3    C4     sing N N 151 
DT  OP3   P      sing N N 152 
DT  OP3   HOP3   sing N N 153 
DT  P     OP1    doub N N 154 
DT  P     OP2    sing N N 155 
DT  P     "O5'"  sing N N 156 
DT  OP2   HOP2   sing N N 157 
DT  "O5'" "C5'"  sing N N 158 
DT  "C5'" "C4'"  sing N N 159 
DT  "C5'" "H5'"  sing N N 160 
DT  "C5'" "H5''" sing N N 161 
DT  "C4'" "O4'"  sing N N 162 
DT  "C4'" "C3'"  sing N N 163 
DT  "C4'" "H4'"  sing N N 164 
DT  "O4'" "C1'"  sing N N 165 
DT  "C3'" "O3'"  sing N N 166 
DT  "C3'" "C2'"  sing N N 167 
DT  "C3'" "H3'"  sing N N 168 
DT  "O3'" "HO3'" sing N N 169 
DT  "C2'" "C1'"  sing N N 170 
DT  "C2'" "H2'"  sing N N 171 
DT  "C2'" "H2''" sing N N 172 
DT  "C1'" N1     sing N N 173 
DT  "C1'" "H1'"  sing N N 174 
DT  N1    C2     sing N N 175 
DT  N1    C6     sing N N 176 
DT  C2    O2     doub N N 177 
DT  C2    N3     sing N N 178 
DT  N3    C4     sing N N 179 
DT  N3    H3     sing N N 180 
DT  C4    O4     doub N N 181 
DT  C4    C5     sing N N 182 
DT  C5    C7     sing N N 183 
DT  C5    C6     doub N N 184 
DT  C7    H71    sing N N 185 
DT  C7    H72    sing N N 186 
DT  C7    H73    sing N N 187 
DT  C6    H6     sing N N 188 
# 
loop_
_ndb_struct_conf_na.entry_id 
_ndb_struct_conf_na.feature 
6JV3 'double helix'        
6JV3 'b-form double helix' 
# 
loop_
_ndb_struct_na_base_pair.model_number 
_ndb_struct_na_base_pair.i_label_asym_id 
_ndb_struct_na_base_pair.i_label_comp_id 
_ndb_struct_na_base_pair.i_label_seq_id 
_ndb_struct_na_base_pair.i_symmetry 
_ndb_struct_na_base_pair.j_label_asym_id 
_ndb_struct_na_base_pair.j_label_comp_id 
_ndb_struct_na_base_pair.j_label_seq_id 
_ndb_struct_na_base_pair.j_symmetry 
_ndb_struct_na_base_pair.shear 
_ndb_struct_na_base_pair.stretch 
_ndb_struct_na_base_pair.stagger 
_ndb_struct_na_base_pair.buckle 
_ndb_struct_na_base_pair.propeller 
_ndb_struct_na_base_pair.opening 
_ndb_struct_na_base_pair.pair_number 
_ndb_struct_na_base_pair.pair_name 
_ndb_struct_na_base_pair.i_auth_asym_id 
_ndb_struct_na_base_pair.i_auth_seq_id 
_ndb_struct_na_base_pair.i_PDB_ins_code 
_ndb_struct_na_base_pair.j_auth_asym_id 
_ndb_struct_na_base_pair.j_auth_seq_id 
_ndb_struct_na_base_pair.j_PDB_ins_code 
_ndb_struct_na_base_pair.hbond_type_28 
_ndb_struct_na_base_pair.hbond_type_12 
1 A DC  1  1_555 C DG  10 1_555 -0.736 0.090  -0.870 9.452   -7.916  5.974  1  A_DC1:DG10_C A 1  ? C 10 ? 19 1 
1 A DC  2  1_555 C DG  9  1_555 0.197  0.587  -0.445 20.278  -14.576 13.557 2  A_DC2:DG9_C  A 2  ? C 9  ? ?  1 
1 A DA  3  1_555 C DT  8  1_555 0.160  0.166  0.403  -0.606  -3.863  8.049  3  A_DA3:DT8_C  A 3  ? C 8  ? 20 1 
1 A DG  4  1_555 C DC  7  1_555 0.508  0.199  0.318  7.701   -7.470  3.648  4  A_DG4:DC7_C  A 4  ? C 7  ? 19 1 
1 D 5HC 5  1_555 C DG  6  1_555 -0.381 -0.034 -0.264 8.084   -8.813  -3.109 5  D_5HC5:DG6_C D 5  ? C 6  ? 19 1 
1 D DG  6  1_555 C 5HC 5  1_555 -0.075 -0.763 1.285  16.256  -18.149 12.085 6  D_DG6:5HC5_C D 6  ? C 5  ? 22 1 
1 D DC  7  1_555 C DG  4  1_555 -0.023 -0.576 -0.115 10.488  -21.796 -6.380 7  D_DC7:DG4_C  D 7  ? C 4  ? 19 1 
1 D DT  8  1_555 C DA  3  1_555 -0.168 -0.524 -0.038 6.449   -19.089 -8.559 8  D_DT8:DA3_C  D 8  ? C 3  ? 20 1 
1 D DG  9  1_555 C DC  2  1_555 -0.719 0.707  -0.115 -9.251  -12.119 18.614 9  D_DG9:DC2_C  D 9  ? C 2  ? ?  1 
1 D DG  10 1_555 C DC  1  1_555 -0.459 -0.363 -0.730 4.232   -12.107 0.535  10 D_DG10:DC1_C D 10 ? C 1  ? 19 1 
1 B DC  1  1_555 A DG  10 1_555 0.007  -0.115 -0.364 -5.119  -6.930  -0.667 11 B_DC1:DG10_A B 1  ? A 10 ? 19 1 
1 B DC  2  1_555 A DG  9  1_555 -0.061 -0.343 -0.049 8.522   -8.274  -0.022 12 B_DC2:DG9_A  B 2  ? A 9  ? 19 1 
1 B DA  3  1_555 A DT  8  1_555 0.018  -0.134 0.620  -4.424  -8.354  -5.582 13 B_DA3:DT8_A  B 3  ? A 8  ? 20 1 
1 B DG  4  1_555 A DC  7  1_555 0.534  -0.215 0.414  -2.706  -4.217  0.621  14 B_DG4:DC7_A  B 4  ? A 7  ? 19 1 
1 B 5HC 5  1_555 A DG  6  1_555 -0.712 -0.175 0.087  -0.493  -2.356  -2.905 15 B_5HC5:DG6_A B 5  ? A 6  ? 19 1 
1 B DG  6  1_555 A 5HC 5  1_555 0.356  -0.135 -0.097 -0.899  -10.532 -1.002 16 B_DG6:5HC5_A B 6  ? A 5  ? 19 1 
1 B DC  7  1_555 D DG  4  1_555 0.300  0.113  0.087  0.295   -13.003 8.056  17 B_DC7:DG4_D  B 7  ? D 4  ? 19 1 
1 B DT  8  1_555 D DA  3  1_555 0.023  -0.260 0.261  2.998   -13.766 3.014  18 B_DT8:DA3_D  B 8  ? D 3  ? 20 1 
1 B DG  9  1_555 D DC  2  1_555 0.287  -0.237 0.125  -10.609 -9.704  -0.266 19 B_DG9:DC2_D  B 9  ? D 2  ? 19 1 
1 B DG  10 1_555 D DC  1  1_555 0.092  -0.436 -0.281 -7.524  -2.906  1.568  20 B_DG10:DC1_D B 10 ? D 1  ? 19 1 
# 
loop_
_ndb_struct_na_base_pair_step.model_number 
_ndb_struct_na_base_pair_step.i_label_asym_id_1 
_ndb_struct_na_base_pair_step.i_label_comp_id_1 
_ndb_struct_na_base_pair_step.i_label_seq_id_1 
_ndb_struct_na_base_pair_step.i_symmetry_1 
_ndb_struct_na_base_pair_step.j_label_asym_id_1 
_ndb_struct_na_base_pair_step.j_label_comp_id_1 
_ndb_struct_na_base_pair_step.j_label_seq_id_1 
_ndb_struct_na_base_pair_step.j_symmetry_1 
_ndb_struct_na_base_pair_step.i_label_asym_id_2 
_ndb_struct_na_base_pair_step.i_label_comp_id_2 
_ndb_struct_na_base_pair_step.i_label_seq_id_2 
_ndb_struct_na_base_pair_step.i_symmetry_2 
_ndb_struct_na_base_pair_step.j_label_asym_id_2 
_ndb_struct_na_base_pair_step.j_label_comp_id_2 
_ndb_struct_na_base_pair_step.j_label_seq_id_2 
_ndb_struct_na_base_pair_step.j_symmetry_2 
_ndb_struct_na_base_pair_step.shift 
_ndb_struct_na_base_pair_step.slide 
_ndb_struct_na_base_pair_step.rise 
_ndb_struct_na_base_pair_step.tilt 
_ndb_struct_na_base_pair_step.roll 
_ndb_struct_na_base_pair_step.twist 
_ndb_struct_na_base_pair_step.x_displacement 
_ndb_struct_na_base_pair_step.y_displacement 
_ndb_struct_na_base_pair_step.helical_rise 
_ndb_struct_na_base_pair_step.inclination 
_ndb_struct_na_base_pair_step.tip 
_ndb_struct_na_base_pair_step.helical_twist 
_ndb_struct_na_base_pair_step.step_number 
_ndb_struct_na_base_pair_step.step_name 
_ndb_struct_na_base_pair_step.i_auth_asym_id_1 
_ndb_struct_na_base_pair_step.i_auth_seq_id_1 
_ndb_struct_na_base_pair_step.i_PDB_ins_code_1 
_ndb_struct_na_base_pair_step.j_auth_asym_id_1 
_ndb_struct_na_base_pair_step.j_auth_seq_id_1 
_ndb_struct_na_base_pair_step.j_PDB_ins_code_1 
_ndb_struct_na_base_pair_step.i_auth_asym_id_2 
_ndb_struct_na_base_pair_step.i_auth_seq_id_2 
_ndb_struct_na_base_pair_step.i_PDB_ins_code_2 
_ndb_struct_na_base_pair_step.j_auth_asym_id_2 
_ndb_struct_na_base_pair_step.j_auth_seq_id_2 
_ndb_struct_na_base_pair_step.j_PDB_ins_code_2 
1 A DC  1 1_555 C DG  10 1_555 A DC  2  1_555 C DG  9 1_555 0.067  1.325  3.169 3.674   8.408  31.679 0.871  0.522  3.387 15.012  
-6.561  32.948 1  AA_DC1DC2:DG9DG10_CC  A 1 ? C 10 ? A 2  ? C 9 ? 
1 A DC  2 1_555 C DG  9  1_555 A DA  3  1_555 C DT  8 1_555 -0.119 3.124  3.774 -6.156  -1.461 51.683 3.671  -0.333 3.681 -1.668  
7.031   52.043 2  AA_DC2DA3:DT8DG9_CC   A 2 ? C 9  ? A 3  ? C 8 ? 
1 A DA  3 1_555 C DT  8  1_555 A DG  4  1_555 C DC  7 1_555 0.129  0.210  3.164 -0.524  7.141  29.395 -1.010 -0.351 3.124 13.816  
1.013   30.235 3  AA_DA3DG4:DC7DT8_CC   A 3 ? C 8  ? A 4  ? C 7 ? 
1 A DG  4 1_555 C DC  7  1_555 D 5HC 5  1_555 C DG  6 1_555 0.108  -0.948 3.088 4.757   2.415  25.943 -2.668 0.941  2.961 5.308   
-10.456 26.477 4  AD_DG45HC5:DG6DC7_CC  A 4 ? C 7  ? D 5  ? C 6 ? 
1 D 5HC 5 1_555 C DG  6  1_555 D DG  6  1_555 C 5HC 5 1_555 0.829  0.282  2.999 -10.960 1.908  44.909 0.214  -1.891 2.745 2.453   
14.092  46.197 5  DD_5HC5DG6:5HC5DG6_CC D 5 ? C 6  ? D 6  ? C 5 ? 
1 D DG  6 1_555 C 5HC 5  1_555 D DC  7  1_555 C DG  4 1_555 -1.590 -0.405 3.570 5.620   -0.200 35.766 -0.622 3.394  3.292 -0.323  
-9.081  36.191 6  DD_DG6DC7:DG45HC5_CC  D 6 ? C 5  ? D 7  ? C 4 ? 
1 D DC  7 1_555 C DG  4  1_555 D DT  8  1_555 C DA  3 1_555 -0.018 -0.006 3.543 -0.621  3.828  32.777 -0.713 -0.082 3.519 6.754   
1.095   32.999 7  DD_DC7DT8:DA3DG4_CC   D 7 ? C 4  ? D 8  ? C 3 ? 
1 D DT  8 1_555 C DA  3  1_555 D DG  9  1_555 C DC  2 1_555 1.311  3.120  3.627 1.654   -0.588 40.765 4.547  -1.679 3.632 -0.844  
-2.374  40.801 8  DD_DT8DG9:DC2DA3_CC   D 8 ? C 3  ? D 9  ? C 2 ? 
1 D DG  9 1_555 C DC  2  1_555 D DG  10 1_555 C DC  1 1_555 -0.895 1.633  3.083 -1.710  7.629  33.614 1.565  1.243  3.401 12.975  
2.908   34.485 9  DD_DG9DG10:DC1DC2_CC  D 9 ? C 2  ? D 10 ? C 1 ? 
1 B DC  1 1_555 A DG  10 1_555 B DC  2  1_555 A DG  9 1_555 0.069  0.910  3.109 1.982   6.714  28.108 0.358  0.294  3.232 13.559  
-4.003  28.949 10 BB_DC1DC2:DG9DG10_AA  B 1 ? A 10 ? B 2  ? A 9 ? 
1 B DC  2 1_555 A DG  9  1_555 B DA  3  1_555 A DT  8 1_555 0.022  2.711  3.663 -3.360  -3.245 49.692 3.472  -0.293 3.482 -3.852  
3.988   49.897 11 BB_DC2DA3:DT8DG9_AA   B 2 ? A 9  ? B 3  ? A 8 ? 
1 B DA  3 1_555 A DT  8  1_555 B DG  4  1_555 A DC  7 1_555 0.198  -0.447 3.290 -1.947  3.214  32.650 -1.339 -0.682 3.215 5.693   
3.450   32.859 12 BB_DA3DG4:DC7DT8_AA   B 3 ? A 8  ? B 4  ? A 7 ? 
1 B DG  4 1_555 A DC  7  1_555 B 5HC 5  1_555 A DG  6 1_555 0.312  -0.871 3.248 2.621   2.000  28.565 -2.198 -0.047 3.196 4.037   
-5.289  28.751 13 BB_DG45HC5:DG6DC7_AA  B 4 ? A 7  ? B 5  ? A 6 ? 
1 B 5HC 5 1_555 A DG  6  1_555 B DG  6  1_555 A 5HC 5 1_555 -0.115 -0.142 3.377 -3.341  3.241  44.063 -0.500 -0.168 3.359 4.306   
4.438   44.296 14 BB_5HC5DG6:5HC5DG6_AA B 5 ? A 6  ? B 6  ? A 5 ? 
1 B DG  6 1_555 A 5HC 5  1_555 B DC  7  1_555 D DG  4 1_555 -0.677 -0.367 3.107 -3.645  0.759  31.309 -0.810 0.594  3.154 1.399   
6.724   31.525 15 BB_DG6DC7:DG45HC5_DA  B 6 ? A 5  ? B 7  ? D 4 ? 
1 B DC  7 1_555 D DG  4  1_555 B DT  8  1_555 D DA  3 1_555 -0.202 0.509  3.362 -0.393  4.032  27.875 0.065  0.319  3.402 8.315   
0.810   28.162 16 BB_DC7DT8:DA3DG4_DD   B 7 ? D 4  ? B 8  ? D 3 ? 
1 B DT  8 1_555 D DA  3  1_555 B DG  9  1_555 D DC  2 1_555 -0.194 2.896  3.675 0.412   -8.768 51.406 3.913  0.250  3.174 -10.025 
-0.471  52.099 17 BB_DT8DG9:DC2DA3_DD   B 8 ? D 3  ? B 9  ? D 2 ? 
1 B DG  9 1_555 D DC  2  1_555 B DG  10 1_555 D DC  1 1_555 0.202  0.920  3.401 0.434   3.470  35.151 0.976  -0.266 3.476 5.729   
-0.716  35.319 18 BB_DG9DG10:DC1DC2_DD  B 9 ? D 2  ? B 10 ? D 1 ? 
# 
loop_
_pdbx_audit_support.funding_organization 
_pdbx_audit_support.country 
_pdbx_audit_support.grant_number 
_pdbx_audit_support.ordinal 
'National Natural Science Foundation of China' China 21572133 1 
'National Natural Science Foundation of China' China 21722802 2 
# 
_pdbx_entity_instance_feature.ordinal        1 
_pdbx_entity_instance_feature.comp_id        5HC 
_pdbx_entity_instance_feature.asym_id        ? 
_pdbx_entity_instance_feature.seq_num        ? 
_pdbx_entity_instance_feature.auth_comp_id   5HC 
_pdbx_entity_instance_feature.auth_asym_id   ? 
_pdbx_entity_instance_feature.auth_seq_num   ? 
_pdbx_entity_instance_feature.feature_type   'SUBJECT OF INVESTIGATION' 
_pdbx_entity_instance_feature.details        ? 
# 
_atom_sites.entry_id                    6JV3 
_atom_sites.fract_transf_matrix[1][1]   -0.00107631 
_atom_sites.fract_transf_matrix[1][2]   0.01612586 
_atom_sites.fract_transf_matrix[1][3]   0.00449176 
_atom_sites.fract_transf_matrix[2][1]   -0.04095202 
_atom_sites.fract_transf_matrix[2][2]   -0.00015550 
_atom_sites.fract_transf_matrix[2][3]   -0.00925463 
_atom_sites.fract_transf_matrix[3][1]   -0.00275494 
_atom_sites.fract_transf_matrix[3][2]   0.00112122 
_atom_sites.fract_transf_matrix[3][3]   0.01217186 
_atom_sites.fract_transf_vector[1]      0.204820 
_atom_sites.fract_transf_vector[2]      0.054021 
_atom_sites.fract_transf_vector[3]      0.256139 
# 
loop_
_atom_type.symbol 
C 
N 
O 
P 
# 
loop_
_atom_site.group_PDB 
_atom_site.id 
_atom_site.type_symbol 
_atom_site.label_atom_id 
_atom_site.label_alt_id 
_atom_site.label_comp_id 
_atom_site.label_asym_id 
_atom_site.label_entity_id 
_atom_site.label_seq_id 
_atom_site.pdbx_PDB_ins_code 
_atom_site.Cartn_x 
_atom_site.Cartn_y 
_atom_site.Cartn_z 
_atom_site.occupancy 
_atom_site.B_iso_or_equiv 
_atom_site.pdbx_formal_charge 
_atom_site.auth_seq_id 
_atom_site.auth_comp_id 
_atom_site.auth_asym_id 
_atom_site.auth_atom_id 
_atom_site.pdbx_PDB_model_num 
ATOM   1   O "O5'" . DC  A 1 1  ? -12.217 -6.285  -13.171 1.00 84.45  ? 1  DC  A "O5'" 1 
ATOM   2   C "C5'" . DC  A 1 1  ? -11.316 -7.386  -13.124 1.00 74.87  ? 1  DC  A "C5'" 1 
ATOM   3   C "C4'" . DC  A 1 1  ? -11.448 -8.131  -11.809 1.00 64.15  ? 1  DC  A "C4'" 1 
ATOM   4   O "O4'" . DC  A 1 1  ? -10.613 -9.318  -11.835 1.00 52.54  ? 1  DC  A "O4'" 1 
ATOM   5   C "C3'" . DC  A 1 1  ? -10.990 -7.358  -10.585 1.00 47.69  ? 1  DC  A "C3'" 1 
ATOM   6   O "O3'" . DC  A 1 1  ? -11.663 -7.857  -9.440  1.00 49.84  ? 1  DC  A "O3'" 1 
ATOM   7   C "C2'" . DC  A 1 1  ? -9.505  -7.699  -10.548 1.00 48.22  ? 1  DC  A "C2'" 1 
ATOM   8   C "C1'" . DC  A 1 1  ? -9.552  -9.175  -10.907 1.00 46.97  ? 1  DC  A "C1'" 1 
ATOM   9   N N1    . DC  A 1 1  ? -8.314  -9.720  -11.540 1.00 39.24  ? 1  DC  A N1    1 
ATOM   10  C C2    . DC  A 1 1  ? -7.448  -10.524 -10.789 1.00 44.13  ? 1  DC  A C2    1 
ATOM   11  O O2    . DC  A 1 1  ? -7.702  -10.733 -9.598  1.00 55.01  ? 1  DC  A O2    1 
ATOM   12  N N3    . DC  A 1 1  ? -6.347  -11.043 -11.388 1.00 44.08  ? 1  DC  A N3    1 
ATOM   13  C C4    . DC  A 1 1  ? -6.108  -10.789 -12.676 1.00 45.44  ? 1  DC  A C4    1 
ATOM   14  N N4    . DC  A 1 1  ? -5.009  -11.324 -13.225 1.00 46.50  ? 1  DC  A N4    1 
ATOM   15  C C5    . DC  A 1 1  ? -6.987  -9.987  -13.460 1.00 41.97  ? 1  DC  A C5    1 
ATOM   16  C C6    . DC  A 1 1  ? -8.069  -9.483  -12.859 1.00 38.53  ? 1  DC  A C6    1 
ATOM   17  P P     . DC  A 1 2  ? -12.477 -6.863  -8.477  1.00 63.13  ? 2  DC  A P     1 
ATOM   18  O OP1   . DC  A 1 2  ? -13.363 -7.691  -7.628  1.00 80.52  ? 2  DC  A OP1   1 
ATOM   19  O OP2   . DC  A 1 2  ? -13.059 -5.792  -9.315  1.00 51.93  ? 2  DC  A OP2   1 
ATOM   20  O "O5'" . DC  A 1 2  ? -11.342 -6.218  -7.555  1.00 52.43  ? 2  DC  A "O5'" 1 
ATOM   21  C "C5'" . DC  A 1 2  ? -10.460 -7.064  -6.831  1.00 39.98  ? 2  DC  A "C5'" 1 
ATOM   22  C "C4'" . DC  A 1 2  ? -9.232  -6.300  -6.368  1.00 36.86  ? 2  DC  A "C4'" 1 
ATOM   23  O "O4'" . DC  A 1 2  ? -8.084  -6.685  -7.172  1.00 39.96  ? 2  DC  A "O4'" 1 
ATOM   24  C "C3'" . DC  A 1 2  ? -9.332  -4.780  -6.485  1.00 27.00  ? 2  DC  A "C3'" 1 
ATOM   25  O "O3'" . DC  A 1 2  ? -8.602  -4.175  -5.433  1.00 34.86  ? 2  DC  A "O3'" 1 
ATOM   26  C "C2'" . DC  A 1 2  ? -8.650  -4.523  -7.826  1.00 29.79  ? 2  DC  A "C2'" 1 
ATOM   27  C "C1'" . DC  A 1 2  ? -7.513  -5.529  -7.744  1.00 29.70  ? 2  DC  A "C1'" 1 
ATOM   28  N N1    . DC  A 1 2  ? -6.908  -5.888  -9.064  1.00 23.57  ? 2  DC  A N1    1 
ATOM   29  C C2    . DC  A 1 2  ? -5.938  -6.896  -9.126  1.00 25.91  ? 2  DC  A C2    1 
ATOM   30  O O2    . DC  A 1 2  ? -5.596  -7.472  -8.089  1.00 23.61  ? 2  DC  A O2    1 
ATOM   31  N N3    . DC  A 1 2  ? -5.398  -7.212  -10.328 1.00 39.49  ? 2  DC  A N3    1 
ATOM   32  C C4    . DC  A 1 2  ? -5.790  -6.567  -11.428 1.00 43.57  ? 2  DC  A C4    1 
ATOM   33  N N4    . DC  A 1 2  ? -5.231  -6.915  -12.592 1.00 47.34  ? 2  DC  A N4    1 
ATOM   34  C C5    . DC  A 1 2  ? -6.776  -5.537  -11.384 1.00 34.59  ? 2  DC  A C5    1 
ATOM   35  C C6    . DC  A 1 2  ? -7.299  -5.228  -10.192 1.00 26.75  ? 2  DC  A C6    1 
ATOM   36  P P     . DA  A 1 3  ? -9.263  -3.923  -3.989  1.00 43.40  ? 3  DA  A P     1 
ATOM   37  O OP1   . DA  A 1 3  ? -10.342 -4.913  -3.772  1.00 35.09  ? 3  DA  A OP1   1 
ATOM   38  O OP2   . DA  A 1 3  ? -9.567  -2.478  -3.898  1.00 37.75  ? 3  DA  A OP2   1 
ATOM   39  O "O5'" . DA  A 1 3  ? -8.072  -4.261  -2.969  1.00 28.63  ? 3  DA  A "O5'" 1 
ATOM   40  C "C5'" . DA  A 1 3  ? -7.513  -5.577  -2.951  1.00 37.18  ? 3  DA  A "C5'" 1 
ATOM   41  C "C4'" . DA  A 1 3  ? -6.145  -5.627  -2.271  1.00 30.98  ? 3  DA  A "C4'" 1 
ATOM   42  O "O4'" . DA  A 1 3  ? -5.094  -5.568  -3.257  1.00 28.85  ? 3  DA  A "O4'" 1 
ATOM   43  C "C3'" . DA  A 1 3  ? -5.821  -4.510  -1.303  1.00 29.68  ? 3  DA  A "C3'" 1 
ATOM   44  O "O3'" . DA  A 1 3  ? -4.842  -4.987  -0.369  1.00 28.78  ? 3  DA  A "O3'" 1 
ATOM   45  C "C2'" . DA  A 1 3  ? -5.254  -3.427  -2.230  1.00 33.77  ? 3  DA  A "C2'" 1 
ATOM   46  C "C1'" . DA  A 1 3  ? -4.612  -4.240  -3.364  1.00 31.80  ? 3  DA  A "C1'" 1 
ATOM   47  N N9    . DA  A 1 3  ? -4.968  -3.769  -4.693  1.00 30.92  ? 3  DA  A N9    1 
ATOM   48  C C8    . DA  A 1 3  ? -6.060  -3.026  -5.038  1.00 30.45  ? 3  DA  A C8    1 
ATOM   49  N N7    . DA  A 1 3  ? -6.150  -2.780  -6.323  1.00 34.26  ? 3  DA  A N7    1 
ATOM   50  C C5    . DA  A 1 3  ? -5.039  -3.409  -6.858  1.00 26.72  ? 3  DA  A C5    1 
ATOM   51  C C6    . DA  A 1 3  ? -4.555  -3.523  -8.175  1.00 29.05  ? 3  DA  A C6    1 
ATOM   52  N N6    . DA  A 1 3  ? -5.162  -2.974  -9.231  1.00 35.15  ? 3  DA  A N6    1 
ATOM   53  N N1    . DA  A 1 3  ? -3.417  -4.222  -8.366  1.00 31.91  ? 3  DA  A N1    1 
ATOM   54  C C2    . DA  A 1 3  ? -2.812  -4.772  -7.306  1.00 39.06  ? 3  DA  A C2    1 
ATOM   55  N N3    . DA  A 1 3  ? -3.172  -4.735  -6.023  1.00 33.44  ? 3  DA  A N3    1 
ATOM   56  C C4    . DA  A 1 3  ? -4.305  -4.032  -5.867  1.00 30.06  ? 3  DA  A C4    1 
ATOM   57  P P     . DG  A 1 4  ? -3.999  -3.985  0.563   1.00 33.21  ? 4  DG  A P     1 
ATOM   58  O OP1   . DG  A 1 4  ? -3.425  -4.800  1.661   1.00 19.42  ? 4  DG  A OP1   1 
ATOM   59  O OP2   . DG  A 1 4  ? -4.820  -2.792  0.867   1.00 20.88  ? 4  DG  A OP2   1 
ATOM   60  O "O5'" . DG  A 1 4  ? -2.796  -3.519  -0.374  1.00 31.05  ? 4  DG  A "O5'" 1 
ATOM   61  C "C5'" . DG  A 1 4  ? -1.925  -4.489  -0.933  1.00 22.19  ? 4  DG  A "C5'" 1 
ATOM   62  C "C4'" . DG  A 1 4  ? -0.723  -3.828  -1.578  1.00 19.72  ? 4  DG  A "C4'" 1 
ATOM   63  O "O4'" . DG  A 1 4  ? -1.054  -3.437  -2.934  1.00 27.39  ? 4  DG  A "O4'" 1 
ATOM   64  C "C3'" . DG  A 1 4  ? -0.238  -2.558  -0.872  1.00 20.26  ? 4  DG  A "C3'" 1 
ATOM   65  O "O3'" . DG  A 1 4  ? 1.188   -2.497  -0.874  1.00 25.75  ? 4  DG  A "O3'" 1 
ATOM   66  C "C2'" . DG  A 1 4  ? -0.847  -1.451  -1.731  1.00 22.16  ? 4  DG  A "C2'" 1 
ATOM   67  C "C1'" . DG  A 1 4  ? -0.767  -2.075  -3.116  1.00 16.88  ? 4  DG  A "C1'" 1 
ATOM   68  N N9    . DG  A 1 4  ? -1.728  -1.534  -4.068  1.00 25.59  ? 4  DG  A N9    1 
ATOM   69  C C8    . DG  A 1 4  ? -2.910  -0.900  -3.782  1.00 26.61  ? 4  DG  A C8    1 
ATOM   70  N N7    . DG  A 1 4  ? -3.570  -0.530  -4.844  1.00 22.60  ? 4  DG  A N7    1 
ATOM   71  C C5    . DG  A 1 4  ? -2.779  -0.956  -5.902  1.00 27.91  ? 4  DG  A C5    1 
ATOM   72  C C6    . DG  A 1 4  ? -2.984  -0.835  -7.297  1.00 35.22  ? 4  DG  A C6    1 
ATOM   73  O O6    . DG  A 1 4  ? -3.939  -0.311  -7.890  1.00 35.04  ? 4  DG  A O6    1 
ATOM   74  N N1    . DG  A 1 4  ? -1.938  -1.403  -8.022  1.00 26.02  ? 4  DG  A N1    1 
ATOM   75  C C2    . DG  A 1 4  ? -0.836  -2.007  -7.467  1.00 26.05  ? 4  DG  A C2    1 
ATOM   76  N N2    . DG  A 1 4  ? 0.069   -2.495  -8.327  1.00 36.40  ? 4  DG  A N2    1 
ATOM   77  N N3    . DG  A 1 4  ? -0.632  -2.125  -6.161  1.00 31.57  ? 4  DG  A N3    1 
ATOM   78  C C4    . DG  A 1 4  ? -1.642  -1.578  -5.442  1.00 32.96  ? 4  DG  A C4    1 
HETATM 79  P P     . 5HC A 1 5  ? 2.053   -3.408  0.132   1.00 20.61  ? 5  5HC A P     1 
HETATM 80  O OP1   . 5HC A 1 5  ? 3.249   -3.876  -0.601  1.00 50.02  ? 5  5HC A OP1   1 
HETATM 81  O OP2   . 5HC A 1 5  ? 1.153   -4.407  0.746   1.00 14.74  ? 5  5HC A OP2   1 
HETATM 82  O "O5'" . 5HC A 1 5  ? 2.522   -2.390  1.292   1.00 12.03  ? 5  5HC A "O5'" 1 
HETATM 83  C "C5'" . 5HC A 1 5  ? 3.374   -1.251  1.096   1.00 22.76  ? 5  5HC A "C5'" 1 
HETATM 84  C "C4'" . 5HC A 1 5  ? 3.493   -0.578  2.459   1.00 18.85  ? 5  5HC A "C4'" 1 
HETATM 85  O "O4'" . 5HC A 1 5  ? 2.192   -0.641  2.984   1.00 19.15  ? 5  5HC A "O4'" 1 
HETATM 86  C "C3'" . 5HC A 1 5  ? 4.179   -1.500  3.420   1.00 26.14  ? 5  5HC A "C3'" 1 
HETATM 87  O "O3'" . 5HC A 1 5  ? 5.593   -1.364  3.278   1.00 29.63  ? 5  5HC A "O3'" 1 
HETATM 88  C "C2'" . 5HC A 1 5  ? 3.724   -0.923  4.744   1.00 18.94  ? 5  5HC A "C2'" 1 
HETATM 89  C "C1'" . 5HC A 1 5  ? 2.370   -0.334  4.381   1.00 17.46  ? 5  5HC A "C1'" 1 
HETATM 90  N N1    . 5HC A 1 5  ? 1.194   -1.029  4.950   1.00 14.40  ? 5  5HC A N1    1 
HETATM 91  C C2    . 5HC A 1 5  ? 0.889   -0.970  6.253   1.00 14.94  ? 5  5HC A C2    1 
HETATM 92  O O2    . 5HC A 1 5  ? 1.607   -0.336  7.022   1.00 20.40  ? 5  5HC A O2    1 
HETATM 93  N N3    . 5HC A 1 5  ? -0.196  -1.600  6.730   1.00 15.41  ? 5  5HC A N3    1 
HETATM 94  C C4    . 5HC A 1 5  ? -1.002  -2.297  5.920   1.00 17.54  ? 5  5HC A C4    1 
HETATM 95  N N4    . 5HC A 1 5  ? -2.079  -2.922  6.377   1.00 20.15  ? 5  5HC A N4    1 
HETATM 96  C C5    . 5HC A 1 5  ? -0.745  -2.391  4.562   1.00 14.46  ? 5  5HC A C5    1 
HETATM 97  C C5M   . 5HC A 1 5  ? -1.550  -3.110  3.689   1.00 18.08  ? 5  5HC A C5M   1 
HETATM 98  O O5    . 5HC A 1 5  ? -2.711  -3.597  4.355   1.00 24.91  ? 5  5HC A O5    1 
HETATM 99  C C6    . 5HC A 1 5  ? 0.372   -1.745  4.076   1.00 16.11  ? 5  5HC A C6    1 
ATOM   100 P P     . DG  A 1 6  ? 6.576   -2.547  3.739   1.00 31.42  ? 6  DG  A P     1 
ATOM   101 O OP1   . DG  A 1 6  ? 7.921   -2.174  3.249   1.00 40.62  ? 6  DG  A OP1   1 
ATOM   102 O OP2   . DG  A 1 6  ? 5.975   -3.841  3.347   1.00 26.32  ? 6  DG  A OP2   1 
ATOM   103 O "O5'" . DG  A 1 6  ? 6.547   -2.482  5.339   1.00 22.51  ? 6  DG  A "O5'" 1 
ATOM   104 C "C5'" . DG  A 1 6  ? 7.016   -1.319  6.015   1.00 30.05  ? 6  DG  A "C5'" 1 
ATOM   105 C "C4'" . DG  A 1 6  ? 6.862   -1.471  7.515   1.00 28.14  ? 6  DG  A "C4'" 1 
ATOM   106 O "O4'" . DG  A 1 6  ? 5.456   -1.641  7.834   1.00 32.84  ? 6  DG  A "O4'" 1 
ATOM   107 C "C3'" . DG  A 1 6  ? 7.588   -2.671  8.111   1.00 23.27  ? 6  DG  A "C3'" 1 
ATOM   108 O "O3'" . DG  A 1 6  ? 8.165   -2.328  9.358   1.00 17.60  ? 6  DG  A "O3'" 1 
ATOM   109 C "C2'" . DG  A 1 6  ? 6.492   -3.725  8.262   1.00 21.27  ? 6  DG  A "C2'" 1 
ATOM   110 C "C1'" . DG  A 1 6  ? 5.232   -2.890  8.459   1.00 21.48  ? 6  DG  A "C1'" 1 
ATOM   111 N N9    . DG  A 1 6  ? 4.045   -3.513  7.864   1.00 19.74  ? 6  DG  A N9    1 
ATOM   112 C C8    . DG  A 1 6  ? 3.858   -3.838  6.543   1.00 18.91  ? 6  DG  A C8    1 
ATOM   113 N N7    . DG  A 1 6  ? 2.705   -4.400  6.300   1.00 19.05  ? 6  DG  A N7    1 
ATOM   114 C C5    . DG  A 1 6  ? 2.089   -4.461  7.544   1.00 14.80  ? 6  DG  A C5    1 
ATOM   115 C C6    . DG  A 1 6  ? 0.818   -4.969  7.909   1.00 19.32  ? 6  DG  A C6    1 
ATOM   116 O O6    . DG  A 1 6  ? -0.045  -5.483  7.181   1.00 28.22  ? 6  DG  A O6    1 
ATOM   117 N N1    . DG  A 1 6  ? 0.584   -4.838  9.274   1.00 17.71  ? 6  DG  A N1    1 
ATOM   118 C C2    . DG  A 1 6  ? 1.463   -4.285  10.174  1.00 23.35  ? 6  DG  A C2    1 
ATOM   119 N N2    . DG  A 1 6  ? 1.058   -4.244  11.452  1.00 27.22  ? 6  DG  A N2    1 
ATOM   120 N N3    . DG  A 1 6  ? 2.656   -3.805  9.846   1.00 22.05  ? 6  DG  A N3    1 
ATOM   121 C C4    . DG  A 1 6  ? 2.901   -3.925  8.518   1.00 16.31  ? 6  DG  A C4    1 
ATOM   122 P P     . DC  A 1 7  ? 9.030   -3.413  10.167  1.00 26.12  ? 7  DC  A P     1 
ATOM   123 O OP1   . DC  A 1 7  ? 10.069  -2.683  10.928  1.00 34.64  ? 7  DC  A OP1   1 
ATOM   124 O OP2   . DC  A 1 7  ? 9.431   -4.478  9.220   1.00 21.70  ? 7  DC  A OP2   1 
ATOM   125 O "O5'" . DC  A 1 7  ? 7.982   -4.033  11.201  1.00 24.79  ? 7  DC  A "O5'" 1 
ATOM   126 C "C5'" . DC  A 1 7  ? 7.311   -3.177  12.109  1.00 18.33  ? 7  DC  A "C5'" 1 
ATOM   127 C "C4'" . DC  A 1 7  ? 6.661   -3.968  13.230  1.00 16.76  ? 7  DC  A "C4'" 1 
ATOM   128 O "O4'" . DC  A 1 7  ? 5.388   -4.496  12.784  1.00 28.39  ? 7  DC  A "O4'" 1 
ATOM   129 C "C3'" . DC  A 1 7  ? 7.459   -5.166  13.739  1.00 23.85  ? 7  DC  A "C3'" 1 
ATOM   130 O "O3'" . DC  A 1 7  ? 7.287   -5.285  15.151  1.00 40.52  ? 7  DC  A "O3'" 1 
ATOM   131 C "C2'" . DC  A 1 7  ? 6.833   -6.341  12.986  1.00 18.52  ? 7  DC  A "C2'" 1 
ATOM   132 C "C1'" . DC  A 1 7  ? 5.376   -5.904  12.904  1.00 25.44  ? 7  DC  A "C1'" 1 
ATOM   133 N N1    . DC  A 1 7  ? 4.645   -6.442  11.737  1.00 17.61  ? 7  DC  A N1    1 
ATOM   134 C C2    . DC  A 1 7  ? 3.370   -6.991  11.914  1.00 24.53  ? 7  DC  A C2    1 
ATOM   135 O O2    . DC  A 1 7  ? 2.890   -7.046  13.054  1.00 27.78  ? 7  DC  A O2    1 
ATOM   136 N N3    . DC  A 1 7  ? 2.700   -7.458  10.831  1.00 26.50  ? 7  DC  A N3    1 
ATOM   137 C C4    . DC  A 1 7  ? 3.255   -7.379  9.622   1.00 18.02  ? 7  DC  A C4    1 
ATOM   138 N N4    . DC  A 1 7  ? 2.557   -7.850  8.585   1.00 20.89  ? 7  DC  A N4    1 
ATOM   139 C C5    . DC  A 1 7  ? 4.548   -6.810  9.423   1.00 19.05  ? 7  DC  A C5    1 
ATOM   140 C C6    . DC  A 1 7  ? 5.197   -6.353  10.497  1.00 20.45  ? 7  DC  A C6    1 
ATOM   141 P P     . DT  A 1 8  ? 8.172   -6.325  15.997  1.00 40.93  ? 8  DT  A P     1 
ATOM   142 O OP1   . DT  A 1 8  ? 8.480   -5.696  17.300  1.00 31.97  ? 8  DT  A OP1   1 
ATOM   143 O OP2   . DT  A 1 8  ? 9.277   -6.798  15.134  1.00 56.80  ? 8  DT  A OP2   1 
ATOM   144 O "O5'" . DT  A 1 8  ? 7.177   -7.551  16.242  1.00 25.00  ? 8  DT  A "O5'" 1 
ATOM   145 C "C5'" . DT  A 1 8  ? 5.863   -7.311  16.728  1.00 29.37  ? 8  DT  A "C5'" 1 
ATOM   146 C "C4'" . DT  A 1 8  ? 5.084   -8.610  16.846  1.00 35.24  ? 8  DT  A "C4'" 1 
ATOM   147 O "O4'" . DT  A 1 8  ? 4.414   -8.900  15.585  1.00 28.05  ? 8  DT  A "O4'" 1 
ATOM   148 C "C3'" . DT  A 1 8  ? 5.929   -9.852  17.151  1.00 24.60  ? 8  DT  A "C3'" 1 
ATOM   149 O "O3'" . DT  A 1 8  ? 5.176   -10.739 17.948  1.00 33.80  ? 8  DT  A "O3'" 1 
ATOM   150 C "C2'" . DT  A 1 8  ? 6.120   -10.438 15.761  1.00 21.02  ? 8  DT  A "C2'" 1 
ATOM   151 C "C1'" . DT  A 1 8  ? 4.724   -10.221 15.218  1.00 17.83  ? 8  DT  A "C1'" 1 
ATOM   152 N N1    . DT  A 1 8  ? 4.610   -10.367 13.745  1.00 21.80  ? 8  DT  A N1    1 
ATOM   153 C C2    . DT  A 1 8  ? 3.443   -10.860 13.212  1.00 28.20  ? 8  DT  A C2    1 
ATOM   154 O O2    . DT  A 1 8  ? 2.483   -11.175 13.892  1.00 30.29  ? 8  DT  A O2    1 
ATOM   155 N N3    . DT  A 1 8  ? 3.436   -10.963 11.849  1.00 23.80  ? 8  DT  A N3    1 
ATOM   156 C C4    . DT  A 1 8  ? 4.460   -10.631 10.983  1.00 24.49  ? 8  DT  A C4    1 
ATOM   157 O O4    . DT  A 1 8  ? 4.357   -10.761 9.769   1.00 29.21  ? 8  DT  A O4    1 
ATOM   158 C C5    . DT  A 1 8  ? 5.660   -10.129 11.608  1.00 19.49  ? 8  DT  A C5    1 
ATOM   159 C C7    . DT  A 1 8  ? 6.841   -9.738  10.770  1.00 14.63  ? 8  DT  A C7    1 
ATOM   160 C C6    . DT  A 1 8  ? 5.676   -10.023 12.943  1.00 21.57  ? 8  DT  A C6    1 
ATOM   161 P P     . DG  A 1 9  ? 5.478   -10.937 19.513  1.00 36.39  ? 9  DG  A P     1 
ATOM   162 O OP1   . DG  A 1 9  ? 5.638   -9.599  20.128  1.00 36.74  ? 9  DG  A OP1   1 
ATOM   163 O OP2   . DG  A 1 9  ? 6.551   -11.950 19.650  1.00 36.84  ? 9  DG  A OP2   1 
ATOM   164 O "O5'" . DG  A 1 9  ? 4.120   -11.591 20.044  1.00 18.80  ? 9  DG  A "O5'" 1 
ATOM   165 C "C5'" . DG  A 1 9  ? 2.886   -11.208 19.440  1.00 21.07  ? 9  DG  A "C5'" 1 
ATOM   166 C "C4'" . DG  A 1 9  ? 1.836   -12.309 19.524  1.00 30.95  ? 9  DG  A "C4'" 1 
ATOM   167 O "O4'" . DG  A 1 9  ? 1.700   -12.973 18.249  1.00 29.52  ? 9  DG  A "O4'" 1 
ATOM   168 C "C3'" . DG  A 1 9  ? 2.112   -13.428 20.503  1.00 35.94  ? 9  DG  A "C3'" 1 
ATOM   169 O "O3'" . DG  A 1 9  ? 0.870   -14.015 20.872  1.00 27.92  ? 9  DG  A "O3'" 1 
ATOM   170 C "C2'" . DG  A 1 9  ? 2.972   -14.389 19.674  1.00 31.88  ? 9  DG  A "C2'" 1 
ATOM   171 C "C1'" . DG  A 1 9  ? 2.459   -14.173 18.246  1.00 25.99  ? 9  DG  A "C1'" 1 
ATOM   172 N N9    . DG  A 1 9  ? 3.514   -13.994 17.261  1.00 24.02  ? 9  DG  A N9    1 
ATOM   173 C C8    . DG  A 1 9  ? 4.797   -13.570 17.494  1.00 27.60  ? 9  DG  A C8    1 
ATOM   174 N N7    . DG  A 1 9  ? 5.512   -13.459 16.410  1.00 23.40  ? 9  DG  A N7    1 
ATOM   175 C C5    . DG  A 1 9  ? 4.642   -13.821 15.391  1.00 22.95  ? 9  DG  A C5    1 
ATOM   176 C C6    . DG  A 1 9  ? 4.856   -13.896 13.995  1.00 22.17  ? 9  DG  A C6    1 
ATOM   177 O O6    . DG  A 1 9  ? 5.891   -13.644 13.362  1.00 26.52  ? 9  DG  A O6    1 
ATOM   178 N N1    . DG  A 1 9  ? 3.711   -14.312 13.320  1.00 17.44  ? 9  DG  A N1    1 
ATOM   179 C C2    . DG  A 1 9  ? 2.514   -14.620 13.921  1.00 20.07  ? 9  DG  A C2    1 
ATOM   180 N N2    . DG  A 1 9  ? 1.521   -15.001 13.104  1.00 25.09  ? 9  DG  A N2    1 
ATOM   181 N N3    . DG  A 1 9  ? 2.301   -14.553 15.229  1.00 21.60  ? 9  DG  A N3    1 
ATOM   182 C C4    . DG  A 1 9  ? 3.406   -14.149 15.899  1.00 23.73  ? 9  DG  A C4    1 
ATOM   183 P P     . DG  A 1 10 ? 0.809   -15.381 21.713  1.00 32.32  ? 10 DG  A P     1 
ATOM   184 O OP1   . DG  A 1 10 ? -0.477  -15.349 22.441  1.00 32.20  ? 10 DG  A OP1   1 
ATOM   185 O OP2   . DG  A 1 10 ? 2.073   -15.547 22.463  1.00 45.30  ? 10 DG  A OP2   1 
ATOM   186 O "O5'" . DG  A 1 10 ? 0.721   -16.518 20.595  1.00 29.05  ? 10 DG  A "O5'" 1 
ATOM   187 C "C5'" . DG  A 1 10 ? -0.488  -16.698 19.872  1.00 24.66  ? 10 DG  A "C5'" 1 
ATOM   188 C "C4'" . DG  A 1 10 ? -0.412  -17.922 18.974  1.00 13.34  ? 10 DG  A "C4'" 1 
ATOM   189 O "O4'" . DG  A 1 10 ? 0.554   -17.694 17.914  1.00 29.83  ? 10 DG  A "O4'" 1 
ATOM   190 C "C3'" . DG  A 1 10 ? 0.027   -19.209 19.668  1.00 13.78  ? 10 DG  A "C3'" 1 
ATOM   191 O "O3'" . DG  A 1 10 ? -0.663  -20.313 19.106  1.00 30.86  ? 10 DG  A "O3'" 1 
ATOM   192 C "C2'" . DG  A 1 10 ? 1.518   -19.268 19.354  1.00 17.79  ? 10 DG  A "C2'" 1 
ATOM   193 C "C1'" . DG  A 1 10 ? 1.532   -18.709 17.939  1.00 21.59  ? 10 DG  A "C1'" 1 
ATOM   194 N N9    . DG  A 1 10 ? 2.810   -18.125 17.543  1.00 18.69  ? 10 DG  A N9    1 
ATOM   195 C C8    . DG  A 1 10 ? 3.804   -17.667 18.372  1.00 20.47  ? 10 DG  A C8    1 
ATOM   196 N N7    . DG  A 1 10 ? 4.837   -17.190 17.732  1.00 17.38  ? 10 DG  A N7    1 
ATOM   197 C C5    . DG  A 1 10 ? 4.504   -17.333 16.392  1.00 24.82  ? 10 DG  A C5    1 
ATOM   198 C C6    . DG  A 1 10 ? 5.238   -16.992 15.229  1.00 19.65  ? 10 DG  A C6    1 
ATOM   199 O O6    . DG  A 1 10 ? 6.361   -16.475 15.155  1.00 24.56  ? 10 DG  A O6    1 
ATOM   200 N N1    . DG  A 1 10 ? 4.539   -17.306 14.069  1.00 15.06  ? 10 DG  A N1    1 
ATOM   201 C C2    . DG  A 1 10 ? 3.290   -17.879 14.033  1.00 20.66  ? 10 DG  A C2    1 
ATOM   202 N N2    . DG  A 1 10 ? 2.777   -18.110 12.816  1.00 36.69  ? 10 DG  A N2    1 
ATOM   203 N N3    . DG  A 1 10 ? 2.590   -18.205 15.114  1.00 18.96  ? 10 DG  A N3    1 
ATOM   204 C C4    . DG  A 1 10 ? 3.257   -17.903 16.256  1.00 24.73  ? 10 DG  A C4    1 
ATOM   205 O "O5'" . DC  B 1 1  ? 8.658   -17.048 5.804   1.00 63.58  ? 1  DC  B "O5'" 1 
ATOM   206 C "C5'" . DC  B 1 1  ? 7.301   -16.686 5.603   1.00 58.91  ? 1  DC  B "C5'" 1 
ATOM   207 C "C4'" . DC  B 1 1  ? 6.392   -17.893 5.745   1.00 51.40  ? 1  DC  B "C4'" 1 
ATOM   208 O "O4'" . DC  B 1 1  ? 6.579   -18.487 7.051   1.00 39.96  ? 1  DC  B "O4'" 1 
ATOM   209 C "C3'" . DC  B 1 1  ? 4.914   -17.574 5.679   1.00 44.06  ? 1  DC  B "C3'" 1 
ATOM   210 O "O3'" . DC  B 1 1  ? 4.186   -18.740 5.321   1.00 32.15  ? 1  DC  B "O3'" 1 
ATOM   211 C "C2'" . DC  B 1 1  ? 4.627   -17.152 7.117   1.00 47.08  ? 1  DC  B "C2'" 1 
ATOM   212 C "C1'" . DC  B 1 1  ? 5.505   -18.118 7.904   1.00 31.74  ? 1  DC  B "C1'" 1 
ATOM   213 N N1    . DC  B 1 1  ? 6.089   -17.563 9.169   1.00 26.07  ? 1  DC  B N1    1 
ATOM   214 C C2    . DC  B 1 1  ? 5.440   -17.770 10.392  1.00 23.96  ? 1  DC  B C2    1 
ATOM   215 O O2    . DC  B 1 1  ? 4.363   -18.378 10.408  1.00 28.00  ? 1  DC  B O2    1 
ATOM   216 N N3    . DC  B 1 1  ? 6.005   -17.291 11.528  1.00 22.78  ? 1  DC  B N3    1 
ATOM   217 C C4    . DC  B 1 1  ? 7.168   -16.640 11.471  1.00 24.26  ? 1  DC  B C4    1 
ATOM   218 N N4    . DC  B 1 1  ? 7.689   -16.185 12.615  1.00 33.53  ? 1  DC  B N4    1 
ATOM   219 C C5    . DC  B 1 1  ? 7.851   -16.430 10.238  1.00 25.35  ? 1  DC  B C5    1 
ATOM   220 C C6    . DC  B 1 1  ? 7.285   -16.909 9.126   1.00 26.04  ? 1  DC  B C6    1 
ATOM   221 P P     . DC  B 1 2  ? 3.032   -18.659 4.206   1.00 49.69  ? 2  DC  B P     1 
ATOM   222 O OP1   . DC  B 1 2  ? 2.527   -20.036 3.985   1.00 38.76  ? 2  DC  B OP1   1 
ATOM   223 O OP2   . DC  B 1 2  ? 3.562   -17.878 3.064   1.00 49.91  ? 2  DC  B OP2   1 
ATOM   224 O "O5'" . DC  B 1 2  ? 1.891   -17.783 4.907   1.00 38.61  ? 2  DC  B "O5'" 1 
ATOM   225 C "C5'" . DC  B 1 2  ? 1.323   -18.221 6.138   1.00 38.41  ? 2  DC  B "C5'" 1 
ATOM   226 C "C4'" . DC  B 1 2  ? 0.523   -17.112 6.800   1.00 37.59  ? 2  DC  B "C4'" 1 
ATOM   227 O "O4'" . DC  B 1 2  ? 1.242   -16.601 7.960   1.00 35.87  ? 2  DC  B "O4'" 1 
ATOM   228 C "C3'" . DC  B 1 2  ? 0.239   -15.893 5.920   1.00 37.08  ? 2  DC  B "C3'" 1 
ATOM   229 O "O3'" . DC  B 1 2  ? -1.045  -15.391 6.230   1.00 36.19  ? 2  DC  B "O3'" 1 
ATOM   230 C "C2'" . DC  B 1 2  ? 1.315   -14.911 6.380   1.00 22.93  ? 2  DC  B "C2'" 1 
ATOM   231 C "C1'" . DC  B 1 2  ? 1.300   -15.195 7.870   1.00 26.07  ? 2  DC  B "C1'" 1 
ATOM   232 N N1    . DC  B 1 2  ? 2.504   -14.711 8.615   1.00 25.21  ? 2  DC  B N1    1 
ATOM   233 C C2    . DC  B 1 2  ? 2.530   -14.809 10.011  1.00 33.71  ? 2  DC  B C2    1 
ATOM   234 O O2    . DC  B 1 2  ? 1.556   -15.295 10.600  1.00 30.65  ? 2  DC  B O2    1 
ATOM   235 N N3    . DC  B 1 2  ? 3.625   -14.369 10.678  1.00 29.92  ? 2  DC  B N3    1 
ATOM   236 C C4    . DC  B 1 2  ? 4.655   -13.856 10.007  1.00 26.23  ? 2  DC  B C4    1 
ATOM   237 N N4    . DC  B 1 2  ? 5.712   -13.439 10.711  1.00 35.02  ? 2  DC  B N4    1 
ATOM   238 C C5    . DC  B 1 2  ? 4.648   -13.750 8.587   1.00 21.32  ? 2  DC  B C5    1 
ATOM   239 C C6    . DC  B 1 2  ? 3.559   -14.176 7.939   1.00 19.02  ? 2  DC  B C6    1 
ATOM   240 P P     . DA  B 1 3  ? -2.307  -15.646 5.271   1.00 43.62  ? 3  DA  B P     1 
ATOM   241 O OP1   . DA  B 1 3  ? -2.324  -17.080 4.910   1.00 27.98  ? 3  DA  B OP1   1 
ATOM   242 O OP2   . DA  B 1 3  ? -2.276  -14.611 4.215   1.00 48.62  ? 3  DA  B OP2   1 
ATOM   243 O "O5'" . DA  B 1 3  ? -3.562  -15.327 6.216   1.00 35.87  ? 3  DA  B "O5'" 1 
ATOM   244 C "C5'" . DA  B 1 3  ? -4.165  -16.372 6.973   1.00 44.70  ? 3  DA  B "C5'" 1 
ATOM   245 C "C4'" . DA  B 1 3  ? -4.491  -15.927 8.395   1.00 33.30  ? 3  DA  B "C4'" 1 
ATOM   246 O "O4'" . DA  B 1 3  ? -3.318  -15.348 9.020   1.00 27.92  ? 3  DA  B "O4'" 1 
ATOM   247 C "C3'" . DA  B 1 3  ? -5.586  -14.880 8.530   1.00 38.71  ? 3  DA  B "C3'" 1 
ATOM   248 O "O3'" . DA  B 1 3  ? -6.288  -15.093 9.756   1.00 46.29  ? 3  DA  B "O3'" 1 
ATOM   249 C "C2'" . DA  B 1 3  ? -4.798  -13.570 8.543   1.00 36.30  ? 3  DA  B "C2'" 1 
ATOM   250 C "C1'" . DA  B 1 3  ? -3.530  -13.973 9.290   1.00 37.29  ? 3  DA  B "C1'" 1 
ATOM   251 N N9    . DA  B 1 3  ? -2.340  -13.265 8.843   1.00 38.26  ? 3  DA  B N9    1 
ATOM   252 C C8    . DA  B 1 3  ? -1.959  -13.043 7.553   1.00 39.92  ? 3  DA  B C8    1 
ATOM   253 N N7    . DA  B 1 3  ? -0.820  -12.407 7.438   1.00 34.83  ? 3  DA  B N7    1 
ATOM   254 C C5    . DA  B 1 3  ? -0.423  -12.199 8.748   1.00 21.42  ? 3  DA  B C5    1 
ATOM   255 C C6    . DA  B 1 3  ? 0.708   -11.573 9.305   1.00 25.33  ? 3  DA  B C6    1 
ATOM   256 N N6    . DA  B 1 3  ? 1.675   -11.016 8.571   1.00 27.35  ? 3  DA  B N6    1 
ATOM   257 N N1    . DA  B 1 3  ? 0.801   -11.533 10.652  1.00 28.76  ? 3  DA  B N1    1 
ATOM   258 C C2    . DA  B 1 3  ? -0.171  -12.092 11.381  1.00 27.45  ? 3  DA  B C2    1 
ATOM   259 N N3    . DA  B 1 3  ? -1.279  -12.710 10.968  1.00 30.82  ? 3  DA  B N3    1 
ATOM   260 C C4    . DA  B 1 3  ? -1.343  -12.729 9.628   1.00 26.38  ? 3  DA  B C4    1 
ATOM   261 P P     . DG  B 1 4  ? -7.421  -14.064 10.250  1.00 55.85  ? 4  DG  B P     1 
ATOM   262 O OP1   . DG  B 1 4  ? -8.365  -14.820 11.105  1.00 50.62  ? 4  DG  B OP1   1 
ATOM   263 O OP2   . DG  B 1 4  ? -7.931  -13.327 9.072   1.00 46.56  ? 4  DG  B OP2   1 
ATOM   264 O "O5'" . DG  B 1 4  ? -6.620  -13.026 11.167  1.00 39.24  ? 4  DG  B "O5'" 1 
ATOM   265 C "C5'" . DG  B 1 4  ? -5.829  -13.499 12.253  1.00 38.13  ? 4  DG  B "C5'" 1 
ATOM   266 C "C4'" . DG  B 1 4  ? -5.350  -12.345 13.112  1.00 46.29  ? 4  DG  B "C4'" 1 
ATOM   267 O "O4'" . DG  B 1 4  ? -4.103  -11.821 12.579  1.00 52.45  ? 4  DG  B "O4'" 1 
ATOM   268 C "C3'" . DG  B 1 4  ? -6.310  -11.164 13.183  1.00 48.33  ? 4  DG  B "C3'" 1 
ATOM   269 O "O3'" . DG  B 1 4  ? -6.314  -10.635 14.498  1.00 53.35  ? 4  DG  B "O3'" 1 
ATOM   270 C "C2'" . DG  B 1 4  ? -5.716  -10.179 12.176  1.00 44.91  ? 4  DG  B "C2'" 1 
ATOM   271 C "C1'" . DG  B 1 4  ? -4.229  -10.434 12.344  1.00 35.72  ? 4  DG  B "C1'" 1 
ATOM   272 N N9    . DG  B 1 4  ? -3.442  -10.093 11.160  1.00 28.97  ? 4  DG  B N9    1 
ATOM   273 C C8    . DG  B 1 4  ? -3.767  -10.349 9.849   1.00 30.10  ? 4  DG  B C8    1 
ATOM   274 N N7    . DG  B 1 4  ? -2.870  -9.934  8.999   1.00 36.77  ? 4  DG  B N7    1 
ATOM   275 C C5    . DG  B 1 4  ? -1.880  -9.371  9.796   1.00 27.80  ? 4  DG  B C5    1 
ATOM   276 C C6    . DG  B 1 4  ? -0.657  -8.756  9.434   1.00 28.63  ? 4  DG  B C6    1 
ATOM   277 O O6    . DG  B 1 4  ? -0.187  -8.588  8.298   1.00 32.35  ? 4  DG  B O6    1 
ATOM   278 N N1    . DG  B 1 4  ? 0.052   -8.323  10.552  1.00 22.63  ? 4  DG  B N1    1 
ATOM   279 C C2    . DG  B 1 4  ? -0.371  -8.458  11.852  1.00 20.61  ? 4  DG  B C2    1 
ATOM   280 N N2    . DG  B 1 4  ? 0.449   -7.973  12.794  1.00 18.76  ? 4  DG  B N2    1 
ATOM   281 N N3    . DG  B 1 4  ? -1.515  -9.027  12.206  1.00 27.83  ? 4  DG  B N3    1 
ATOM   282 C C4    . DG  B 1 4  ? -2.216  -9.461  11.129  1.00 25.65  ? 4  DG  B C4    1 
HETATM 283 P P     . 5HC B 1 5  ? -7.546  -9.741  15.007  1.00 58.01  ? 5  5HC B P     1 
HETATM 284 O OP1   . 5HC B 1 5  ? -8.143  -10.439 16.169  1.00 71.33  ? 5  5HC B OP1   1 
HETATM 285 O OP2   . 5HC B 1 5  ? -8.382  -9.421  13.829  1.00 43.29  ? 5  5HC B OP2   1 
HETATM 286 O "O5'" . 5HC B 1 5  ? -6.844  -8.398  15.507  1.00 60.79  ? 5  5HC B "O5'" 1 
HETATM 287 C "C5'" . 5HC B 1 5  ? -5.821  -7.829  14.690  1.00 51.14  ? 5  5HC B "C5'" 1 
HETATM 288 C "C4'" . 5HC B 1 5  ? -4.764  -7.198  15.585  1.00 50.26  ? 5  5HC B "C4'" 1 
HETATM 289 O "O4'" . 5HC B 1 5  ? -3.483  -7.147  14.884  1.00 33.87  ? 5  5HC B "O4'" 1 
HETATM 290 C "C3'" . 5HC B 1 5  ? -5.134  -5.745  15.772  1.00 53.69  ? 5  5HC B "C3'" 1 
HETATM 291 O "O3'" . 5HC B 1 5  ? -4.221  -5.120  16.694  1.00 47.02  ? 5  5HC B "O3'" 1 
HETATM 292 C "C2'" . 5HC B 1 5  ? -4.866  -5.321  14.346  1.00 43.58  ? 5  5HC B "C2'" 1 
HETATM 293 C "C1'" . 5HC B 1 5  ? -3.465  -5.881  14.155  1.00 38.39  ? 5  5HC B "C1'" 1 
HETATM 294 N N1    . 5HC B 1 5  ? -3.145  -5.945  12.699  1.00 29.84  ? 5  5HC B N1    1 
HETATM 295 C C2    . 5HC B 1 5  ? -1.969  -5.489  12.231  1.00 32.71  ? 5  5HC B C2    1 
HETATM 296 O O2    . 5HC B 1 5  ? -1.148  -5.024  13.021  1.00 37.18  ? 5  5HC B O2    1 
HETATM 297 N N3    . 5HC B 1 5  ? -1.678  -5.531  10.916  1.00 26.46  ? 5  5HC B N3    1 
HETATM 298 C C4    . 5HC B 1 5  ? -2.556  -6.031  10.036  1.00 26.47  ? 5  5HC B C4    1 
HETATM 299 N N4    . 5HC B 1 5  ? -2.302  -6.087  8.730   1.00 18.57  ? 5  5HC B N4    1 
HETATM 300 C C5    . 5HC B 1 5  ? -3.786  -6.512  10.461  1.00 32.27  ? 5  5HC B C5    1 
HETATM 301 C C5M   . 5HC B 1 5  ? -4.703  -7.030  9.557   1.00 31.13  ? 5  5HC B C5M   1 
HETATM 302 O O5    . 5HC B 1 5  ? -4.134  -7.026  8.246   1.00 36.87  ? 5  5HC B O5    1 
HETATM 303 C C6    . 5HC B 1 5  ? -4.090  -6.472  11.814  1.00 30.57  ? 5  5HC B C6    1 
ATOM   304 P P     . DG  B 1 6  ? -4.590  -3.753  17.470  1.00 60.14  ? 6  DG  B P     1 
ATOM   305 O OP1   . DG  B 1 6  ? -4.537  -4.022  18.871  1.00 60.76  ? 6  DG  B OP1   1 
ATOM   306 O OP2   . DG  B 1 6  ? -5.884  -3.264  16.915  1.00 39.09  ? 6  DG  B OP2   1 
ATOM   307 O "O5'" . DG  B 1 6  ? -3.360  -2.889  16.942  1.00 45.52  ? 6  DG  B "O5'" 1 
ATOM   308 C "C5'" . DG  B 1 6  ? -2.078  -3.485  16.902  1.00 39.19  ? 6  DG  B "C5'" 1 
ATOM   309 C "C4'" . DG  B 1 6  ? -0.998  -2.456  16.633  1.00 30.45  ? 6  DG  B "C4'" 1 
ATOM   310 O "O4'" . DG  B 1 6  ? -0.604  -2.507  15.238  1.00 36.74  ? 6  DG  B "O4'" 1 
ATOM   311 C "C3'" . DG  B 1 6  ? -1.392  -1.014  16.894  1.00 22.68  ? 6  DG  B "C3'" 1 
ATOM   312 O "O3'" . DG  B 1 6  ? -0.236  -0.280  17.287  1.00 15.12  ? 6  DG  B "O3'" 1 
ATOM   313 C "C2'" . DG  B 1 6  ? -1.932  -0.564  15.535  1.00 29.10  ? 6  DG  B "C2'" 1 
ATOM   314 C "C1'" . DG  B 1 6  ? -1.074  -1.361  14.551  1.00 34.20  ? 6  DG  B "C1'" 1 
ATOM   315 N N9    . DG  B 1 6  ? -1.809  -1.804  13.368  1.00 28.37  ? 6  DG  B N9    1 
ATOM   316 C C8    . DG  B 1 6  ? -3.065  -2.358  13.337  1.00 29.98  ? 6  DG  B C8    1 
ATOM   317 N N7    . DG  B 1 6  ? -3.471  -2.663  12.138  1.00 17.04  ? 6  DG  B N7    1 
ATOM   318 C C5    . DG  B 1 6  ? -2.419  -2.286  11.317  1.00 16.13  ? 6  DG  B C5    1 
ATOM   319 C C6    . DG  B 1 6  ? -2.286  -2.369  9.913   1.00 21.26  ? 6  DG  B C6    1 
ATOM   320 O O6    . DG  B 1 6  ? -3.099  -2.811  9.088   1.00 23.00  ? 6  DG  B O6    1 
ATOM   321 N N1    . DG  B 1 6  ? -1.059  -1.872  9.482   1.00 21.05  ? 6  DG  B N1    1 
ATOM   322 C C2    . DG  B 1 6  ? -0.083  -1.359  10.303  1.00 19.22  ? 6  DG  B C2    1 
ATOM   323 N N2    . DG  B 1 6  ? 1.035   -0.928  9.698   1.00 15.93  ? 6  DG  B N2    1 
ATOM   324 N N3    . DG  B 1 6  ? -0.195  -1.275  11.622  1.00 22.41  ? 6  DG  B N3    1 
ATOM   325 C C4    . DG  B 1 6  ? -1.386  -1.754  12.058  1.00 17.49  ? 6  DG  B C4    1 
ATOM   326 P P     . DC  B 1 7  ? -0.173  1.318   17.131  1.00 33.38  ? 7  DC  B P     1 
ATOM   327 O OP1   . DC  B 1 7  ? 0.909   1.788   18.023  1.00 35.75  ? 7  DC  B OP1   1 
ATOM   328 O OP2   . DC  B 1 7  ? -1.533  1.889   17.262  1.00 29.27  ? 7  DC  B OP2   1 
ATOM   329 O "O5'" . DC  B 1 7  ? 0.330   1.525   15.636  1.00 33.09  ? 7  DC  B "O5'" 1 
ATOM   330 C "C5'" . DC  B 1 7  ? 1.558   0.971   15.236  1.00 35.30  ? 7  DC  B "C5'" 1 
ATOM   331 C "C4'" . DC  B 1 7  ? 2.352   1.957   14.406  1.00 31.26  ? 7  DC  B "C4'" 1 
ATOM   332 O "O4'" . DC  B 1 7  ? 1.980   1.845   13.015  1.00 36.72  ? 7  DC  B "O4'" 1 
ATOM   333 C "C3'" . DC  B 1 7  ? 2.153   3.415   14.762  1.00 30.53  ? 7  DC  B "C3'" 1 
ATOM   334 O "O3'" . DC  B 1 7  ? 3.345   4.123   14.476  1.00 30.36  ? 7  DC  B "O3'" 1 
ATOM   335 C "C2'" . DC  B 1 7  ? 0.995   3.845   13.851  1.00 26.63  ? 7  DC  B "C2'" 1 
ATOM   336 C "C1'" . DC  B 1 7  ? 1.154   2.931   12.631  1.00 30.40  ? 7  DC  B "C1'" 1 
ATOM   337 N N1    . DC  B 1 7  ? -0.128  2.358   12.125  1.00 24.85  ? 7  DC  B N1    1 
ATOM   338 C C2    . DC  B 1 7  ? -0.294  2.136   10.753  1.00 24.19  ? 7  DC  B C2    1 
ATOM   339 O O2    . DC  B 1 7  ? 0.620   2.445   9.977   1.00 31.63  ? 7  DC  B O2    1 
ATOM   340 N N3    . DC  B 1 7  ? -1.457  1.594   10.310  1.00 16.35  ? 7  DC  B N3    1 
ATOM   341 C C4    . DC  B 1 7  ? -2.416  1.275   11.179  1.00 18.94  ? 7  DC  B C4    1 
ATOM   342 N N4    . DC  B 1 7  ? -3.545  0.747   10.700  1.00 20.42  ? 7  DC  B N4    1 
ATOM   343 C C5    . DC  B 1 7  ? -2.261  1.485   12.581  1.00 26.08  ? 7  DC  B C5    1 
ATOM   344 C C6    . DC  B 1 7  ? -1.112  2.020   13.005  1.00 25.95  ? 7  DC  B C6    1 
ATOM   345 P P     . DT  B 1 8  ? 3.441   5.697   14.768  1.00 44.14  ? 8  DT  B P     1 
ATOM   346 O OP1   . DT  B 1 8  ? 4.866   6.024   15.013  1.00 62.69  ? 8  DT  B OP1   1 
ATOM   347 O OP2   . DT  B 1 8  ? 2.420   6.025   15.788  1.00 36.87  ? 8  DT  B OP2   1 
ATOM   348 O "O5'" . DT  B 1 8  ? 3.004   6.359   13.384  1.00 26.16  ? 8  DT  B "O5'" 1 
ATOM   349 C "C5'" . DT  B 1 8  ? 3.702   6.019   12.198  1.00 38.59  ? 8  DT  B "C5'" 1 
ATOM   350 C "C4'" . DT  B 1 8  ? 3.154   6.779   11.005  1.00 33.08  ? 8  DT  B "C4'" 1 
ATOM   351 O "O4'" . DT  B 1 8  ? 1.961   6.115   10.505  1.00 35.64  ? 8  DT  B "O4'" 1 
ATOM   352 C "C3'" . DT  B 1 8  ? 2.743   8.223   11.292  1.00 24.98  ? 8  DT  B "C3'" 1 
ATOM   353 O "O3'" . DT  B 1 8  ? 3.057   9.034   10.172  1.00 30.19  ? 8  DT  B "O3'" 1 
ATOM   354 C "C2'" . DT  B 1 8  ? 1.230   8.098   11.470  1.00 21.51  ? 8  DT  B "C2'" 1 
ATOM   355 C "C1'" . DT  B 1 8  ? 0.920   7.059   10.408  1.00 21.68  ? 8  DT  B "C1'" 1 
ATOM   356 N N1    . DT  B 1 8  ? -0.390  6.362   10.588  1.00 16.00  ? 8  DT  B N1    1 
ATOM   357 C C2    . DT  B 1 8  ? -1.035  5.851   9.485   1.00 19.56  ? 8  DT  B C2    1 
ATOM   358 O O2    . DT  B 1 8  ? -0.593  5.934   8.352   1.00 17.77  ? 8  DT  B O2    1 
ATOM   359 N N3    . DT  B 1 8  ? -2.227  5.233   9.754   1.00 17.20  ? 8  DT  B N3    1 
ATOM   360 C C4    . DT  B 1 8  ? -2.828  5.082   10.989  1.00 17.38  ? 8  DT  B C4    1 
ATOM   361 O O4    . DT  B 1 8  ? -3.906  4.513   11.129  1.00 20.74  ? 8  DT  B O4    1 
ATOM   362 C C5    . DT  B 1 8  ? -2.101  5.643   12.103  1.00 16.79  ? 8  DT  B C5    1 
ATOM   363 C C7    . DT  B 1 8  ? -2.653  5.540   13.494  1.00 19.71  ? 8  DT  B C7    1 
ATOM   364 C C6    . DT  B 1 8  ? -0.931  6.249   11.851  1.00 14.93  ? 8  DT  B C6    1 
ATOM   365 P P     . DG  B 1 9  ? 4.469   9.795   10.072  1.00 42.24  ? 9  DG  B P     1 
ATOM   366 O OP1   . DG  B 1 9  ? 5.534   8.787   10.266  1.00 48.22  ? 9  DG  B OP1   1 
ATOM   367 O OP2   . DG  B 1 9  ? 4.410   10.989  10.945  1.00 43.03  ? 9  DG  B OP2   1 
ATOM   368 O "O5'" . DG  B 1 9  ? 4.516   10.298  8.555   1.00 37.11  ? 9  DG  B "O5'" 1 
ATOM   369 C "C5'" . DG  B 1 9  ? 4.873   9.396   7.517   1.00 38.78  ? 9  DG  B "C5'" 1 
ATOM   370 C "C4'" . DG  B 1 9  ? 4.005   9.598   6.283   1.00 34.64  ? 9  DG  B "C4'" 1 
ATOM   371 O "O4'" . DG  B 1 9  ? 2.630   9.225   6.565   1.00 29.58  ? 9  DG  B "O4'" 1 
ATOM   372 C "C3'" . DG  B 1 9  ? 3.948   11.013  5.736   1.00 30.62  ? 9  DG  B "C3'" 1 
ATOM   373 O "O3'" . DG  B 1 9  ? 3.861   10.948  4.318   1.00 24.20  ? 9  DG  B "O3'" 1 
ATOM   374 C "C2'" . DG  B 1 9  ? 2.669   11.574  6.373   1.00 28.89  ? 9  DG  B "C2'" 1 
ATOM   375 C "C1'" . DG  B 1 9  ? 1.771   10.344  6.436   1.00 26.47  ? 9  DG  B "C1'" 1 
ATOM   376 N N9    . DG  B 1 9  ? 0.880   10.318  7.588   1.00 20.91  ? 9  DG  B N9    1 
ATOM   377 C C8    . DG  B 1 9  ? 1.151   10.798  8.846   1.00 32.45  ? 9  DG  B C8    1 
ATOM   378 N N7    . DG  B 1 9  ? 0.185   10.601  9.697   1.00 30.39  ? 9  DG  B N7    1 
ATOM   379 C C5    . DG  B 1 9  ? -0.788  9.939   8.961   1.00 20.16  ? 9  DG  B C5    1 
ATOM   380 C C6    . DG  B 1 9  ? -2.062  9.471   9.355   1.00 18.13  ? 9  DG  B C6    1 
ATOM   381 O O6    . DG  B 1 9  ? -2.597  9.551   10.469  1.00 18.57  ? 9  DG  B O6    1 
ATOM   382 N N1    . DG  B 1 9  ? -2.733  8.852   8.303   1.00 16.50  ? 9  DG  B N1    1 
ATOM   383 C C2    . DG  B 1 9  ? -2.235  8.707   7.031   1.00 16.22  ? 9  DG  B C2    1 
ATOM   384 N N2    . DG  B 1 9  ? -3.032  8.083   6.152   1.00 16.59  ? 9  DG  B N2    1 
ATOM   385 N N3    . DG  B 1 9  ? -1.041  9.142   6.646   1.00 16.54  ? 9  DG  B N3    1 
ATOM   386 C C4    . DG  B 1 9  ? -0.374  9.748   7.661   1.00 19.07  ? 9  DG  B C4    1 
ATOM   387 P P     . DG  B 1 10 ? 3.794   12.283  3.426   1.00 50.55  ? 10 DG  B P     1 
ATOM   388 O OP1   . DG  B 1 10 ? 4.754   12.109  2.313   1.00 35.20  ? 10 DG  B OP1   1 
ATOM   389 O OP2   . DG  B 1 10 ? 3.886   13.474  4.298   1.00 22.57  ? 10 DG  B OP2   1 
ATOM   390 O "O5'" . DG  B 1 10 ? 2.317   12.243  2.830   1.00 37.29  ? 10 DG  B "O5'" 1 
ATOM   391 C "C5'" . DG  B 1 10 ? 1.667   10.994  2.653   1.00 32.00  ? 10 DG  B "C5'" 1 
ATOM   392 C "C4'" . DG  B 1 10 ? 0.304   11.172  2.002   1.00 37.87  ? 10 DG  B "C4'" 1 
ATOM   393 O "O4'" . DG  B 1 10 ? -0.737  11.074  3.006   1.00 42.70  ? 10 DG  B "O4'" 1 
ATOM   394 C "C3'" . DG  B 1 10 ? 0.083   12.508  1.310   1.00 40.02  ? 10 DG  B "C3'" 1 
ATOM   395 O "O3'" . DG  B 1 10 ? -0.830  12.345  0.239   1.00 48.16  ? 10 DG  B "O3'" 1 
ATOM   396 C "C2'" . DG  B 1 10 ? -0.515  13.358  2.425   1.00 31.27  ? 10 DG  B "C2'" 1 
ATOM   397 C "C1'" . DG  B 1 10 ? -1.349  12.335  3.195   1.00 33.55  ? 10 DG  B "C1'" 1 
ATOM   398 N N9    . DG  B 1 10 ? -1.401  12.598  4.625   1.00 20.77  ? 10 DG  B N9    1 
ATOM   399 C C8    . DG  B 1 10 ? -0.442  13.225  5.383   1.00 24.95  ? 10 DG  B C8    1 
ATOM   400 N N7    . DG  B 1 10 ? -0.754  13.314  6.645   1.00 30.24  ? 10 DG  B N7    1 
ATOM   401 C C5    . DG  B 1 10 ? -1.995  12.696  6.732   1.00 26.23  ? 10 DG  B C5    1 
ATOM   402 C C6    . DG  B 1 10 ? -2.834  12.490  7.852   1.00 21.76  ? 10 DG  B C6    1 
ATOM   403 O O6    . DG  B 1 10 ? -2.637  12.821  9.029   1.00 16.88  ? 10 DG  B O6    1 
ATOM   404 N N1    . DG  B 1 10 ? -4.007  11.824  7.501   1.00 20.28  ? 10 DG  B N1    1 
ATOM   405 C C2    . DG  B 1 10 ? -4.326  11.409  6.230   1.00 19.81  ? 10 DG  B C2    1 
ATOM   406 N N2    . DG  B 1 10 ? -5.502  10.783  6.084   1.00 17.88  ? 10 DG  B N2    1 
ATOM   407 N N3    . DG  B 1 10 ? -3.550  11.601  5.171   1.00 21.02  ? 10 DG  B N3    1 
ATOM   408 C C4    . DG  B 1 10 ? -2.404  12.246  5.497   1.00 23.46  ? 10 DG  B C4    1 
ATOM   409 O "O5'" . DC  C 1 1  ? 9.176   14.865  -4.359  1.00 64.98  ? 1  DC  C "O5'" 1 
ATOM   410 C "C5'" . DC  C 1 1  ? 9.040   15.794  -3.290  1.00 76.17  ? 1  DC  C "C5'" 1 
ATOM   411 C "C4'" . DC  C 1 1  ? 7.982   16.846  -3.600  1.00 78.21  ? 1  DC  C "C4'" 1 
ATOM   412 O "O4'" . DC  C 1 1  ? 8.183   17.372  -4.938  1.00 66.35  ? 1  DC  C "O4'" 1 
ATOM   413 C "C3'" . DC  C 1 1  ? 6.542   16.356  -3.589  1.00 75.95  ? 1  DC  C "C3'" 1 
ATOM   414 O "O3'" . DC  C 1 1  ? 5.696   17.458  -3.298  1.00 65.83  ? 1  DC  C "O3'" 1 
ATOM   415 C "C2'" . DC  C 1 1  ? 6.365   15.895  -5.034  1.00 82.49  ? 1  DC  C "C2'" 1 
ATOM   416 C "C1'" . DC  C 1 1  ? 7.074   17.027  -5.756  1.00 67.45  ? 1  DC  C "C1'" 1 
ATOM   417 N N1    . DC  C 1 1  ? 7.600   16.712  -7.116  1.00 56.98  ? 1  DC  C N1    1 
ATOM   418 C C2    . DC  C 1 1  ? 6.977   17.256  -8.245  1.00 60.13  ? 1  DC  C C2    1 
ATOM   419 O O2    . DC  C 1 1  ? 5.961   17.950  -8.099  1.00 52.22  ? 1  DC  C O2    1 
ATOM   420 N N3    . DC  C 1 1  ? 7.501   17.002  -9.470  1.00 64.50  ? 1  DC  C N3    1 
ATOM   421 C C4    . DC  C 1 1  ? 8.600   16.253  -9.586  1.00 66.44  ? 1  DC  C C4    1 
ATOM   422 N N4    . DC  C 1 1  ? 9.079   16.029  -10.814 1.00 67.51  ? 1  DC  C N4    1 
ATOM   423 C C5    . DC  C 1 1  ? 9.259   15.705  -8.445  1.00 58.52  ? 1  DC  C C5    1 
ATOM   424 C C6    . DC  C 1 1  ? 8.732   15.962  -7.244  1.00 56.38  ? 1  DC  C C6    1 
ATOM   425 P P     . DC  C 1 2  ? 4.582   17.359  -2.148  1.00 75.78  ? 2  DC  C P     1 
ATOM   426 O OP1   . DC  C 1 2  ? 4.210   18.743  -1.779  1.00 80.09  ? 2  DC  C OP1   1 
ATOM   427 O OP2   . DC  C 1 2  ? 5.069   16.425  -1.109  1.00 82.32  ? 2  DC  C OP2   1 
ATOM   428 O "O5'" . DC  C 1 2  ? 3.344   16.681  -2.893  1.00 81.73  ? 2  DC  C "O5'" 1 
ATOM   429 C "C5'" . DC  C 1 2  ? 2.887   17.218  -4.129  1.00 84.02  ? 2  DC  C "C5'" 1 
ATOM   430 C "C4'" . DC  C 1 2  ? 1.909   16.270  -4.794  1.00 82.37  ? 2  DC  C "C4'" 1 
ATOM   431 O "O4'" . DC  C 1 2  ? 2.531   15.667  -5.960  1.00 68.77  ? 2  DC  C "O4'" 1 
ATOM   432 C "C3'" . DC  C 1 2  ? 1.443   15.115  -3.918  1.00 72.98  ? 2  DC  C "C3'" 1 
ATOM   433 O "O3'" . DC  C 1 2  ? 0.084   14.824  -4.192  1.00 66.44  ? 2  DC  C "O3'" 1 
ATOM   434 C "C2'" . DC  C 1 2  ? 2.362   13.973  -4.341  1.00 59.06  ? 2  DC  C "C2'" 1 
ATOM   435 C "C1'" . DC  C 1 2  ? 2.544   14.260  -5.826  1.00 64.69  ? 2  DC  C "C1'" 1 
ATOM   436 N N1    . DC  C 1 2  ? 3.833   13.750  -6.379  1.00 49.80  ? 2  DC  C N1    1 
ATOM   437 C C2    . DC  C 1 2  ? 4.182   14.030  -7.703  1.00 48.09  ? 2  DC  C C2    1 
ATOM   438 O O2    . DC  C 1 2  ? 3.409   14.695  -8.402  1.00 53.74  ? 2  DC  C O2    1 
ATOM   439 N N3    . DC  C 1 2  ? 5.358   13.562  -8.184  1.00 54.16  ? 2  DC  C N3    1 
ATOM   440 C C4    . DC  C 1 2  ? 6.166   12.849  -7.399  1.00 56.85  ? 2  DC  C C4    1 
ATOM   441 N N4    . DC  C 1 2  ? 7.316   12.407  -7.917  1.00 71.06  ? 2  DC  C N4    1 
ATOM   442 C C5    . DC  C 1 2  ? 5.828   12.553  -6.047  1.00 54.81  ? 2  DC  C C5    1 
ATOM   443 C C6    . DC  C 1 2  ? 4.664   13.017  -5.584  1.00 62.64  ? 2  DC  C C6    1 
ATOM   444 P P     . DA  C 1 3  ? -0.993  14.825  -3.001  1.00 83.93  ? 3  DA  C P     1 
ATOM   445 O OP1   . DA  C 1 3  ? -0.951  16.154  -2.350  1.00 52.92  ? 3  DA  C OP1   1 
ATOM   446 O OP2   . DA  C 1 3  ? -0.756  13.603  -2.203  1.00 73.59  ? 3  DA  C OP2   1 
ATOM   447 O "O5'" . DA  C 1 3  ? -2.396  14.666  -3.750  1.00 86.30  ? 3  DA  C "O5'" 1 
ATOM   448 C "C5'" . DA  C 1 3  ? -2.940  15.761  -4.470  1.00 73.64  ? 3  DA  C "C5'" 1 
ATOM   449 C "C4'" . DA  C 1 3  ? -3.219  15.375  -5.909  1.00 71.18  ? 3  DA  C "C4'" 1 
ATOM   450 O "O4'" . DA  C 1 3  ? -2.023  14.805  -6.506  1.00 49.34  ? 3  DA  C "O4'" 1 
ATOM   451 C "C3'" . DA  C 1 3  ? -4.317  14.334  -6.102  1.00 81.98  ? 3  DA  C "C3'" 1 
ATOM   452 O "O3'" . DA  C 1 3  ? -5.051  14.650  -7.271  1.00 79.83  ? 3  DA  C "O3'" 1 
ATOM   453 C "C2'" . DA  C 1 3  ? -3.526  13.038  -6.271  1.00 74.55  ? 3  DA  C "C2'" 1 
ATOM   454 C "C1'" . DA  C 1 3  ? -2.323  13.538  -7.050  1.00 58.39  ? 3  DA  C "C1'" 1 
ATOM   455 N N9    . DA  C 1 3  ? -1.138  12.699  -6.919  1.00 54.07  ? 3  DA  C N9    1 
ATOM   456 C C8    . DA  C 1 3  ? -0.703  12.049  -5.798  1.00 70.16  ? 3  DA  C C8    1 
ATOM   457 N N7    . DA  C 1 3  ? 0.410   11.377  -5.974  1.00 64.00  ? 3  DA  C N7    1 
ATOM   458 C C5    . DA  C 1 3  ? 0.731   11.609  -7.301  1.00 50.43  ? 3  DA  C C5    1 
ATOM   459 C C6    . DA  C 1 3  ? 1.800   11.178  -8.108  1.00 52.86  ? 3  DA  C C6    1 
ATOM   460 N N6    . DA  C 1 3  ? 2.784   10.389  -7.668  1.00 50.44  ? 3  DA  C N6    1 
ATOM   461 N N1    . DA  C 1 3  ? 1.819   11.591  -9.392  1.00 55.79  ? 3  DA  C N1    1 
ATOM   462 C C2    . DA  C 1 3  ? 0.833   12.383  -9.829  1.00 66.05  ? 3  DA  C C2    1 
ATOM   463 N N3    . DA  C 1 3  ? -0.221  12.853  -9.166  1.00 59.58  ? 3  DA  C N3    1 
ATOM   464 C C4    . DA  C 1 3  ? -0.212  12.425  -7.895  1.00 48.56  ? 3  DA  C C4    1 
ATOM   465 P P     . DG  C 1 4  ? -6.514  14.035  -7.509  1.00 87.16  ? 4  DG  C P     1 
ATOM   466 O OP1   . DG  C 1 4  ? -7.418  15.173  -7.794  1.00 74.19  ? 4  DG  C OP1   1 
ATOM   467 O OP2   . DG  C 1 4  ? -6.812  13.108  -6.395  1.00 84.74  ? 4  DG  C OP2   1 
ATOM   468 O "O5'" . DG  C 1 4  ? -6.343  13.180  -8.847  1.00 73.32  ? 4  DG  C "O5'" 1 
ATOM   469 C "C5'" . DG  C 1 4  ? -5.839  13.809  -10.013 1.00 57.01  ? 4  DG  C "C5'" 1 
ATOM   470 C "C4'" . DG  C 1 4  ? -5.169  12.801  -10.926 1.00 67.52  ? 4  DG  C "C4'" 1 
ATOM   471 O "O4'" . DG  C 1 4  ? -3.999  12.261  -10.282 1.00 65.16  ? 4  DG  C "O4'" 1 
ATOM   472 C "C3'" . DG  C 1 4  ? -6.030  11.589  -11.300 1.00 80.78  ? 4  DG  C "C3'" 1 
ATOM   473 O "O3'" . DG  C 1 4  ? -6.470  11.695  -12.666 1.00 88.18  ? 4  DG  C "O3'" 1 
ATOM   474 C "C2'" . DG  C 1 4  ? -5.103  10.378  -11.079 1.00 68.13  ? 4  DG  C "C2'" 1 
ATOM   475 C "C1'" . DG  C 1 4  ? -3.739  11.015  -10.861 1.00 62.85  ? 4  DG  C "C1'" 1 
ATOM   476 N N9    . DG  C 1 4  ? -2.892  10.240  -9.966  1.00 64.53  ? 4  DG  C N9    1 
ATOM   477 C C8    . DG  C 1 4  ? -3.156  9.911   -8.661  1.00 74.41  ? 4  DG  C C8    1 
ATOM   478 N N7    . DG  C 1 4  ? -2.221  9.194   -8.108  1.00 69.06  ? 4  DG  C N7    1 
ATOM   479 C C5    . DG  C 1 4  ? -1.278  9.032   -9.112  1.00 49.87  ? 4  DG  C C5    1 
ATOM   480 C C6    . DG  C 1 4  ? -0.043  8.344   -9.095  1.00 52.23  ? 4  DG  C C6    1 
ATOM   481 O O6    . DG  C 1 4  ? 0.475   7.724   -8.158  1.00 63.45  ? 4  DG  C O6    1 
ATOM   482 N N1    . DG  C 1 4  ? 0.608   8.424   -10.321 1.00 52.05  ? 4  DG  C N1    1 
ATOM   483 C C2    . DG  C 1 4  ? 0.127   9.086   -11.426 1.00 62.59  ? 4  DG  C C2    1 
ATOM   484 N N2    . DG  C 1 4  ? 0.901   9.054   -12.523 1.00 56.28  ? 4  DG  C N2    1 
ATOM   485 N N3    . DG  C 1 4  ? -1.031  9.737   -11.453 1.00 57.92  ? 4  DG  C N3    1 
ATOM   486 C C4    . DG  C 1 4  ? -1.677  9.668   -10.264 1.00 51.72  ? 4  DG  C C4    1 
HETATM 487 P P     . 5HC C 1 5  ? -6.989  10.401  -13.474 1.00 80.27  ? 5  5HC C P     1 
HETATM 488 O OP1   . 5HC C 1 5  ? -7.750  10.901  -14.642 1.00 79.19  ? 5  5HC C OP1   1 
HETATM 489 O OP2   . 5HC C 1 5  ? -7.657  9.489   -12.515 1.00 77.01  ? 5  5HC C OP2   1 
HETATM 490 O "O5'" . 5HC C 1 5  ? -5.624  9.734   -14.020 1.00 66.49  ? 5  5HC C "O5'" 1 
HETATM 491 C "C5'" . 5HC C 1 5  ? -5.579  8.474   -14.687 1.00 62.82  ? 5  5HC C "C5'" 1 
HETATM 492 C "C4'" . 5HC C 1 5  ? -4.165  7.905   -14.507 1.00 84.13  ? 5  5HC C "C4'" 1 
HETATM 493 O "O4'" . 5HC C 1 5  ? -3.868  7.696   -13.145 1.00 76.06  ? 5  5HC C "O4'" 1 
HETATM 494 C "C3'" . 5HC C 1 5  ? -4.116  6.484   -14.981 1.00 91.29  ? 5  5HC C "C3'" 1 
HETATM 495 O "O3'" . 5HC C 1 5  ? -4.077  6.503   -16.419 1.00 89.86  ? 5  5HC C "O3'" 1 
HETATM 496 C "C2'" . 5HC C 1 5  ? -2.791  6.021   -14.370 1.00 78.09  ? 5  5HC C "C2'" 1 
HETATM 497 C "C1'" . 5HC C 1 5  ? -2.611  6.987   -13.190 1.00 67.15  ? 5  5HC C "C1'" 1 
HETATM 498 N N1    . 5HC C 1 5  ? -2.617  6.389   -11.831 1.00 59.69  ? 5  5HC C N1    1 
HETATM 499 C C2    . 5HC C 1 5  ? -1.651  5.589   -11.308 1.00 62.49  ? 5  5HC C C2    1 
HETATM 500 O O2    . 5HC C 1 5  ? -0.629  5.242   -11.912 1.00 59.54  ? 5  5HC C O2    1 
HETATM 501 N N3    . 5HC C 1 5  ? -1.800  5.131   -10.050 1.00 58.81  ? 5  5HC C N3    1 
HETATM 502 C C4    . 5HC C 1 5  ? -2.854  5.432   -9.284  1.00 52.68  ? 5  5HC C C4    1 
HETATM 503 N N4    . 5HC C 1 5  ? -2.981  4.970   -8.045  1.00 61.47  ? 5  5HC C N4    1 
HETATM 504 C C5    . 5HC C 1 5  ? -3.865  6.245   -9.758  1.00 49.63  ? 5  5HC C C5    1 
HETATM 505 C C5M   . 5HC C 1 5  ? -4.975  6.570   -8.983  1.00 67.93  ? 5  5HC C C5M   1 
HETATM 506 O O5    . 5HC C 1 5  ? -4.859  5.976   -7.683  1.00 93.83  ? 5  5HC C O5    1 
HETATM 507 C C6    . 5HC C 1 5  ? -3.736  6.725   -11.048 1.00 58.80  ? 5  5HC C C6    1 
ATOM   508 P P     . DG  C 1 6  ? -4.477  5.204   -17.274 1.00 73.75  ? 6  DG  C P     1 
ATOM   509 O OP1   . DG  C 1 6  ? -4.212  5.506   -18.697 1.00 84.56  ? 6  DG  C OP1   1 
ATOM   510 O OP2   . DG  C 1 6  ? -5.831  4.777   -16.853 1.00 58.66  ? 6  DG  C OP2   1 
ATOM   511 O "O5'" . DG  C 1 6  ? -3.429  4.098   -16.805 1.00 50.34  ? 6  DG  C "O5'" 1 
ATOM   512 C "C5'" . DG  C 1 6  ? -3.094  3.032   -17.671 1.00 44.92  ? 6  DG  C "C5'" 1 
ATOM   513 C "C4'" . DG  C 1 6  ? -1.601  2.774   -17.632 1.00 56.82  ? 6  DG  C "C4'" 1 
ATOM   514 O "O4'" . DG  C 1 6  ? -1.075  3.203   -16.353 1.00 70.92  ? 6  DG  C "O4'" 1 
ATOM   515 C "C3'" . DG  C 1 6  ? -1.208  1.317   -17.754 1.00 57.34  ? 6  DG  C "C3'" 1 
ATOM   516 O "O3'" . DG  C 1 6  ? 0.104   1.200   -18.273 1.00 80.53  ? 6  DG  C "O3'" 1 
ATOM   517 C "C2'" . DG  C 1 6  ? -1.282  0.838   -16.311 1.00 60.53  ? 6  DG  C "C2'" 1 
ATOM   518 C "C1'" . DG  C 1 6  ? -0.870  2.080   -15.513 1.00 70.64  ? 6  DG  C "C1'" 1 
ATOM   519 N N9    . DG  C 1 6  ? -1.655  2.259   -14.288 1.00 58.79  ? 6  DG  C N9    1 
ATOM   520 C C8    . DG  C 1 6  ? -2.957  2.684   -14.201 1.00 45.00  ? 6  DG  C C8    1 
ATOM   521 N N7    . DG  C 1 6  ? -3.407  2.742   -12.980 1.00 50.58  ? 6  DG  C N7    1 
ATOM   522 C C5    . DG  C 1 6  ? -2.340  2.316   -12.202 1.00 48.68  ? 6  DG  C C5    1 
ATOM   523 C C6    . DG  C 1 6  ? -2.240  2.168   -10.797 1.00 45.74  ? 6  DG  C C6    1 
ATOM   524 O O6    . DG  C 1 6  ? -3.106  2.395   -9.937  1.00 47.46  ? 6  DG  C O6    1 
ATOM   525 N N1    . DG  C 1 6  ? -0.982  1.713   -10.415 1.00 38.62  ? 6  DG  C N1    1 
ATOM   526 C C2    . DG  C 1 6  ? 0.049   1.433   -11.279 1.00 40.69  ? 6  DG  C C2    1 
ATOM   527 N N2    . DG  C 1 6  ? 1.188   1.002   -10.720 1.00 41.58  ? 6  DG  C N2    1 
ATOM   528 N N3    . DG  C 1 6  ? -0.030  1.566   -12.600 1.00 52.27  ? 6  DG  C N3    1 
ATOM   529 C C4    . DG  C 1 6  ? -1.251  2.015   -12.989 1.00 48.60  ? 6  DG  C C4    1 
ATOM   530 P P     . DC  C 1 7  ? 0.603   -0.207  -18.866 1.00 84.14  ? 7  DC  C P     1 
ATOM   531 O OP1   . DC  C 1 7  ? 1.698   0.070   -19.821 1.00 101.36 ? 7  DC  C OP1   1 
ATOM   532 O OP2   . DC  C 1 7  ? -0.602  -0.933  -19.325 1.00 96.00  ? 7  DC  C OP2   1 
ATOM   533 O "O5'" . DC  C 1 7  ? 1.178   -0.987  -17.589 1.00 80.16  ? 7  DC  C "O5'" 1 
ATOM   534 C "C5'" . DC  C 1 7  ? 2.106   -0.345  -16.723 1.00 84.43  ? 7  DC  C "C5'" 1 
ATOM   535 C "C4'" . DC  C 1 7  ? 2.489   -1.248  -15.560 1.00 80.61  ? 7  DC  C "C4'" 1 
ATOM   536 O "O4'" . DC  C 1 7  ? 1.690   -0.934  -14.388 1.00 76.01  ? 7  DC  C "O4'" 1 
ATOM   537 C "C3'" . DC  C 1 7  ? 2.312   -2.742  -15.801 1.00 68.88  ? 7  DC  C "C3'" 1 
ATOM   538 O "O3'" . DC  C 1 7  ? 3.443   -3.422  -15.292 1.00 59.86  ? 7  DC  C "O3'" 1 
ATOM   539 C "C2'" . DC  C 1 7  ? 1.040   -3.077  -15.009 1.00 72.27  ? 7  DC  C "C2'" 1 
ATOM   540 C "C1'" . DC  C 1 7  ? 1.181   -2.130  -13.833 1.00 67.71  ? 7  DC  C "C1'" 1 
ATOM   541 N N1    . DC  C 1 7  ? -0.099  -1.795  -13.126 1.00 55.42  ? 7  DC  C N1    1 
ATOM   542 C C2    . DC  C 1 7  ? -0.184  -1.938  -11.736 1.00 45.95  ? 7  DC  C C2    1 
ATOM   543 O O2    . DC  C 1 7  ? 0.790   -2.377  -11.115 1.00 45.91  ? 7  DC  C O2    1 
ATOM   544 N N3    . DC  C 1 7  ? -1.339  -1.597  -11.110 1.00 44.62  ? 7  DC  C N3    1 
ATOM   545 C C4    . DC  C 1 7  ? -2.367  -1.126  -11.818 1.00 43.62  ? 7  DC  C C4    1 
ATOM   546 N N4    . DC  C 1 7  ? -3.486  -0.804  -11.160 1.00 36.86  ? 7  DC  C N4    1 
ATOM   547 C C5    . DC  C 1 7  ? -2.296  -0.968  -13.230 1.00 46.83  ? 7  DC  C C5    1 
ATOM   548 C C6    . DC  C 1 7  ? -1.152  -1.305  -13.833 1.00 52.89  ? 7  DC  C C6    1 
ATOM   549 P P     . DT  C 1 8  ? 3.763   -4.924  -15.753 1.00 72.91  ? 8  DT  C P     1 
ATOM   550 O OP1   . DT  C 1 8  ? 5.235   -5.049  -15.853 1.00 61.48  ? 8  DT  C OP1   1 
ATOM   551 O OP2   . DT  C 1 8  ? 2.895   -5.251  -16.907 1.00 79.45  ? 8  DT  C OP2   1 
ATOM   552 O "O5'" . DT  C 1 8  ? 3.288   -5.800  -14.512 1.00 65.50  ? 8  DT  C "O5'" 1 
ATOM   553 C "C5'" . DT  C 1 8  ? 3.955   -5.666  -13.272 1.00 57.40  ? 8  DT  C "C5'" 1 
ATOM   554 C "C4'" . DT  C 1 8  ? 3.378   -6.617  -12.245 1.00 40.98  ? 8  DT  C "C4'" 1 
ATOM   555 O "O4'" . DT  C 1 8  ? 2.186   -6.033  -11.651 1.00 64.29  ? 8  DT  C "O4'" 1 
ATOM   556 C "C3'" . DT  C 1 8  ? 2.945   -7.976  -12.798 1.00 46.16  ? 8  DT  C "C3'" 1 
ATOM   557 O "O3'" . DT  C 1 8  ? 3.166   -8.969  -11.821 1.00 44.06  ? 8  DT  C "O3'" 1 
ATOM   558 C "C2'" . DT  C 1 8  ? 1.451   -7.767  -13.013 1.00 53.06  ? 8  DT  C "C2'" 1 
ATOM   559 C "C1'" . DT  C 1 8  ? 1.121   -6.945  -11.777 1.00 51.86  ? 8  DT  C "C1'" 1 
ATOM   560 N N1    . DT  C 1 8  ? -0.162  -6.195  -11.864 1.00 40.88  ? 8  DT  C N1    1 
ATOM   561 C C2    . DT  C 1 8  ? -0.850  -5.904  -10.707 1.00 44.04  ? 8  DT  C C2    1 
ATOM   562 O O2    . DT  C 1 8  ? -0.463  -6.227  -9.599  1.00 47.25  ? 8  DT  C O2    1 
ATOM   563 N N3    . DT  C 1 8  ? -2.019  -5.216  -10.895 1.00 45.03  ? 8  DT  C N3    1 
ATOM   564 C C4    . DT  C 1 8  ? -2.558  -4.797  -12.096 1.00 47.05  ? 8  DT  C C4    1 
ATOM   565 O O4    . DT  C 1 8  ? -3.620  -4.182  -12.164 1.00 40.50  ? 8  DT  C O4    1 
ATOM   566 C C5    . DT  C 1 8  ? -1.788  -5.138  -13.269 1.00 40.73  ? 8  DT  C C5    1 
ATOM   567 C C7    . DT  C 1 8  ? -2.274  -4.738  -14.627 1.00 45.25  ? 8  DT  C C7    1 
ATOM   568 C C6    . DT  C 1 8  ? -0.641  -5.813  -13.098 1.00 46.08  ? 8  DT  C C6    1 
ATOM   569 P P     . DG  C 1 9  ? 4.552   -9.777  -11.741 1.00 60.92  ? 9  DG  C P     1 
ATOM   570 O OP1   . DG  C 1 9  ? 5.662   -8.819  -11.945 1.00 48.22  ? 9  DG  C OP1   1 
ATOM   571 O OP2   . DG  C 1 9  ? 4.436   -10.971 -12.606 1.00 73.54  ? 9  DG  C OP2   1 
ATOM   572 O "O5'" . DG  C 1 9  ? 4.586   -10.285 -10.226 1.00 54.58  ? 9  DG  C "O5'" 1 
ATOM   573 C "C5'" . DG  C 1 9  ? 4.677   -9.337  -9.171  1.00 63.90  ? 9  DG  C "C5'" 1 
ATOM   574 C "C4'" . DG  C 1 9  ? 3.981   -9.822  -7.901  1.00 47.47  ? 9  DG  C "C4'" 1 
ATOM   575 O "O4'" . DG  C 1 9  ? 2.559   -9.551  -7.956  1.00 47.78  ? 9  DG  C "O4'" 1 
ATOM   576 C "C3'" . DG  C 1 9  ? 4.097   -11.297 -7.584  1.00 42.97  ? 9  DG  C "C3'" 1 
ATOM   577 O "O3'" . DG  C 1 9  ? 4.062   -11.454 -6.171  1.00 45.63  ? 9  DG  C "O3'" 1 
ATOM   578 C "C2'" . DG  C 1 9  ? 2.850   -11.890 -8.257  1.00 33.72  ? 9  DG  C "C2'" 1 
ATOM   579 C "C1'" . DG  C 1 9  ? 1.830   -10.750 -8.167  1.00 42.59  ? 9  DG  C "C1'" 1 
ATOM   580 N N9    . DG  C 1 9  ? 1.053   -10.552 -9.386  1.00 47.73  ? 9  DG  C N9    1 
ATOM   581 C C8    . DG  C 1 9  ? 1.439   -10.854 -10.665 1.00 59.18  ? 9  DG  C C8    1 
ATOM   582 N N7    . DG  C 1 9  ? 0.561   -10.524 -11.569 1.00 62.50  ? 9  DG  C N7    1 
ATOM   583 C C5    . DG  C 1 9  ? -0.476  -9.956  -10.842 1.00 45.89  ? 9  DG  C C5    1 
ATOM   584 C C6    . DG  C 1 9  ? -1.709  -9.419  -11.281 1.00 41.33  ? 9  DG  C C6    1 
ATOM   585 O O6    . DG  C 1 9  ? -2.141  -9.335  -12.439 1.00 45.74  ? 9  DG  C O6    1 
ATOM   586 N N1    . DG  C 1 9  ? -2.475  -8.948  -10.219 1.00 39.29  ? 9  DG  C N1    1 
ATOM   587 C C2    . DG  C 1 9  ? -2.096  -8.989  -8.898  1.00 43.17  ? 9  DG  C C2    1 
ATOM   588 N N2    . DG  C 1 9  ? -2.972  -8.484  -8.013  1.00 33.16  ? 9  DG  C N2    1 
ATOM   589 N N3    . DG  C 1 9  ? -0.944  -9.493  -8.471  1.00 37.12  ? 9  DG  C N3    1 
ATOM   590 C C4    . DG  C 1 9  ? -0.187  -9.956  -9.496  1.00 40.68  ? 9  DG  C C4    1 
ATOM   591 P P     . DG  C 1 10 ? 4.462   -12.845 -5.476  1.00 71.71  ? 10 DG  C P     1 
ATOM   592 O OP1   . DG  C 1 10 ? 5.639   -12.592 -4.613  1.00 54.56  ? 10 DG  C OP1   1 
ATOM   593 O OP2   . DG  C 1 10 ? 4.520   -13.893 -6.519  1.00 60.00  ? 10 DG  C OP2   1 
ATOM   594 O "O5'" . DG  C 1 10 ? 3.209   -13.146 -4.535  1.00 61.95  ? 10 DG  C "O5'" 1 
ATOM   595 C "C5'" . DG  C 1 10 ? 2.053   -12.333 -4.637  1.00 50.66  ? 10 DG  C "C5'" 1 
ATOM   596 C "C4'" . DG  C 1 10 ? 0.807   -13.186 -4.728  1.00 43.41  ? 10 DG  C "C4'" 1 
ATOM   597 O "O4'" . DG  C 1 10 ? -0.120  -12.589 -5.661  1.00 40.62  ? 10 DG  C "O4'" 1 
ATOM   598 C "C3'" . DG  C 1 10 ? 1.025   -14.580 -5.281  1.00 49.60  ? 10 DG  C "C3'" 1 
ATOM   599 O "O3'" . DG  C 1 10 ? 1.497   -15.446 -4.258  1.00 59.74  ? 10 DG  C "O3'" 1 
ATOM   600 C "C2'" . DG  C 1 10 ? -0.383  -14.954 -5.727  1.00 67.33  ? 10 DG  C "C2'" 1 
ATOM   601 C "C1'" . DG  C 1 10 ? -0.947  -13.607 -6.203  1.00 52.89  ? 10 DG  C "C1'" 1 
ATOM   602 N N9    . DG  C 1 10 ? -0.981  -13.479 -7.657  1.00 56.49  ? 10 DG  C N9    1 
ATOM   603 C C8    . DG  C 1 10 ? -0.039  -13.933 -8.549  1.00 55.58  ? 10 DG  C C8    1 
ATOM   604 N N7    . DG  C 1 10 ? -0.342  -13.692 -9.794  1.00 58.38  ? 10 DG  C N7    1 
ATOM   605 C C5    . DG  C 1 10 ? -1.565  -13.038 -9.726  1.00 52.71  ? 10 DG  C C5    1 
ATOM   606 C C6    . DG  C 1 10 ? -2.385  -12.534 -10.763 1.00 52.67  ? 10 DG  C C6    1 
ATOM   607 O O6    . DG  C 1 10 ? -2.183  -12.563 -11.985 1.00 59.98  ? 10 DG  C O6    1 
ATOM   608 N N1    . DG  C 1 10 ? -3.541  -11.939 -10.262 1.00 46.46  ? 10 DG  C N1    1 
ATOM   609 C C2    . DG  C 1 10 ? -3.864  -11.849 -8.930  1.00 44.88  ? 10 DG  C C2    1 
ATOM   610 N N2    . DG  C 1 10 ? -5.026  -11.244 -8.641  1.00 41.67  ? 10 DG  C N2    1 
ATOM   611 N N3    . DG  C 1 10 ? -3.105  -12.321 -7.947  1.00 42.34  ? 10 DG  C N3    1 
ATOM   612 C C4    . DG  C 1 10 ? -1.974  -12.900 -8.418  1.00 48.10  ? 10 DG  C C4    1 
ATOM   613 O "O5'" . DC  D 1 1  ? -13.463 10.389  10.342  1.00 61.71  ? 1  DC  D "O5'" 1 
ATOM   614 C "C5'" . DC  D 1 1  ? -12.081 10.251  10.677  1.00 56.22  ? 1  DC  D "C5'" 1 
ATOM   615 C "C4'" . DC  D 1 1  ? -11.324 9.530   9.573   1.00 46.05  ? 1  DC  D "C4'" 1 
ATOM   616 O "O4'" . DC  D 1 1  ? -10.086 10.240  9.282   1.00 42.26  ? 1  DC  D "O4'" 1 
ATOM   617 C "C3'" . DC  D 1 1  ? -10.893 8.101   9.902   1.00 36.63  ? 1  DC  D "C3'" 1 
ATOM   618 O "O3'" . DC  D 1 1  ? -10.795 7.351   8.700   1.00 37.92  ? 1  DC  D "O3'" 1 
ATOM   619 C "C2'" . DC  D 1 1  ? -9.506  8.341   10.475  1.00 32.70  ? 1  DC  D "C2'" 1 
ATOM   620 C "C1'" . DC  D 1 1  ? -9.011  9.341   9.446   1.00 29.27  ? 1  DC  D "C1'" 1 
ATOM   621 N N1    . DC  D 1 1  ? -7.790  10.103  9.833   1.00 19.64  ? 1  DC  D N1    1 
ATOM   622 C C2    . DC  D 1 1  ? -6.927  10.563  8.832   1.00 24.54  ? 1  DC  D C2    1 
ATOM   623 O O2    . DC  D 1 1  ? -7.198  10.328  7.647   1.00 26.31  ? 1  DC  D O2    1 
ATOM   624 N N3    . DC  D 1 1  ? -5.820  11.257  9.189   1.00 21.46  ? 1  DC  D N3    1 
ATOM   625 C C4    . DC  D 1 1  ? -5.564  11.485  10.475  1.00 21.86  ? 1  DC  D C4    1 
ATOM   626 N N4    . DC  D 1 1  ? -4.460  12.173  10.778  1.00 22.79  ? 1  DC  D N4    1 
ATOM   627 C C5    . DC  D 1 1  ? -6.429  11.023  11.509  1.00 22.83  ? 1  DC  D C5    1 
ATOM   628 C C6    . DC  D 1 1  ? -7.521  10.343  11.147  1.00 19.29  ? 1  DC  D C6    1 
ATOM   629 P P     . DC  D 1 2  ? -12.080 6.641   8.052   1.00 50.17  ? 2  DC  D P     1 
ATOM   630 O OP1   . DC  D 1 2  ? -13.053 7.690   7.676   1.00 39.81  ? 2  DC  D OP1   1 
ATOM   631 O OP2   . DC  D 1 2  ? -12.489 5.553   8.965   1.00 22.74  ? 2  DC  D OP2   1 
ATOM   632 O "O5'" . DC  D 1 2  ? -11.500 5.980   6.712   1.00 24.07  ? 2  DC  D "O5'" 1 
ATOM   633 C "C5'" . DC  D 1 2  ? -10.602 6.727   5.877   1.00 20.15  ? 2  DC  D "C5'" 1 
ATOM   634 C "C4'" . DC  D 1 2  ? -9.464  5.850   5.370   1.00 18.40  ? 2  DC  D "C4'" 1 
ATOM   635 O "O4'" . DC  D 1 2  ? -8.193  6.359   5.872   1.00 25.84  ? 2  DC  D "O4'" 1 
ATOM   636 C "C3'" . DC  D 1 2  ? -9.519  4.396   5.834   1.00 19.21  ? 2  DC  D "C3'" 1 
ATOM   637 O "O3'" . DC  D 1 2  ? -8.841  3.556   4.904   1.00 19.44  ? 2  DC  D "O3'" 1 
ATOM   638 C "C2'" . DC  D 1 2  ? -8.735  4.475   7.133   1.00 17.67  ? 2  DC  D "C2'" 1 
ATOM   639 C "C1'" . DC  D 1 2  ? -7.590  5.362   6.673   1.00 20.74  ? 2  DC  D "C1'" 1 
ATOM   640 N N1    . DC  D 1 2  ? -6.834  6.010   7.782   1.00 15.02  ? 2  DC  D N1    1 
ATOM   641 C C2    . DC  D 1 2  ? -5.701  6.773   7.490   1.00 15.41  ? 2  DC  D C2    1 
ATOM   642 O O2    . DC  D 1 2  ? -5.351  6.903   6.311   1.00 24.60  ? 2  DC  D O2    1 
ATOM   643 N N3    . DC  D 1 2  ? -5.018  7.350   8.507   1.00 14.38  ? 2  DC  D N3    1 
ATOM   644 C C4    . DC  D 1 2  ? -5.431  7.185   9.764   1.00 22.42  ? 2  DC  D C4    1 
ATOM   645 N N4    . DC  D 1 2  ? -4.727  7.773   10.736  1.00 26.85  ? 2  DC  D N4    1 
ATOM   646 C C5    . DC  D 1 2  ? -6.583  6.409   10.081  1.00 16.65  ? 2  DC  D C5    1 
ATOM   647 C C6    . DC  D 1 2  ? -7.248  5.845   9.068   1.00 12.11  ? 2  DC  D C6    1 
ATOM   648 P P     . DA  D 1 3  ? -9.322  3.426   3.375   1.00 22.21  ? 3  DA  D P     1 
ATOM   649 O OP1   . DA  D 1 3  ? -10.735 3.850   3.280   1.00 33.20  ? 3  DA  D OP1   1 
ATOM   650 O OP2   . DA  D 1 3  ? -8.917  2.089   2.892   1.00 17.09  ? 3  DA  D OP2   1 
ATOM   651 O "O5'" . DA  D 1 3  ? -8.401  4.459   2.590   1.00 16.58  ? 3  DA  D "O5'" 1 
ATOM   652 C "C5'" . DA  D 1 3  ? -7.985  4.159   1.273   1.00 22.86  ? 3  DA  D "C5'" 1 
ATOM   653 C "C4'" . DA  D 1 3  ? -6.485  4.332   1.128   1.00 22.95  ? 3  DA  D "C4'" 1 
ATOM   654 O "O4'" . DA  D 1 3  ? -5.879  4.534   2.434   1.00 20.91  ? 3  DA  D "O4'" 1 
ATOM   655 C "C3'" . DA  D 1 3  ? -5.759  3.137   0.541   1.00 26.99  ? 3  DA  D "C3'" 1 
ATOM   656 O "O3'" . DA  D 1 3  ? -4.574  3.591   -0.069  1.00 21.79  ? 3  DA  D "O3'" 1 
ATOM   657 C "C2'" . DA  D 1 3  ? -5.454  2.323   1.794   1.00 28.67  ? 3  DA  D "C2'" 1 
ATOM   658 C "C1'" . DA  D 1 3  ? -5.040  3.433   2.748   1.00 17.31  ? 3  DA  D "C1'" 1 
ATOM   659 N N9    . DA  D 1 3  ? -5.228  3.121   4.165   1.00 20.63  ? 3  DA  D N9    1 
ATOM   660 C C8    . DA  D 1 3  ? -6.204  2.342   4.716   1.00 24.68  ? 3  DA  D C8    1 
ATOM   661 N N7    . DA  D 1 3  ? -6.146  2.265   6.027   1.00 18.87  ? 3  DA  D N7    1 
ATOM   662 C C5    . DA  D 1 3  ? -5.054  3.053   6.359   1.00 14.54  ? 3  DA  D C5    1 
ATOM   663 C C6    . DA  D 1 3  ? -4.459  3.384   7.595   1.00 13.63  ? 3  DA  D C6    1 
ATOM   664 N N6    . DA  D 1 3  ? -4.904  2.935   8.773   1.00 23.45  ? 3  DA  D N6    1 
ATOM   665 N N1    . DA  D 1 3  ? -3.382  4.198   7.573   1.00 14.49  ? 3  DA  D N1    1 
ATOM   666 C C2    . DA  D 1 3  ? -2.938  4.645   6.395   1.00 13.24  ? 3  DA  D C2    1 
ATOM   667 N N3    . DA  D 1 3  ? -3.412  4.402   5.173   1.00 14.06  ? 3  DA  D N3    1 
ATOM   668 C C4    . DA  D 1 3  ? -4.481  3.593   5.223   1.00 16.35  ? 3  DA  D C4    1 
ATOM   669 P P     . DG  D 1 4  ? -4.041  2.934   -1.431  1.00 34.05  ? 4  DG  D P     1 
ATOM   670 O OP1   . DG  D 1 4  ? -4.061  4.003   -2.459  1.00 22.50  ? 4  DG  D OP1   1 
ATOM   671 O OP2   . DG  D 1 4  ? -4.748  1.652   -1.658  1.00 27.87  ? 4  DG  D OP2   1 
ATOM   672 O "O5'" . DG  D 1 4  ? -2.518  2.615   -1.093  1.00 26.02  ? 4  DG  D "O5'" 1 
ATOM   673 C "C5'" . DG  D 1 4  ? -1.708  3.642   -0.576  1.00 23.23  ? 4  DG  D "C5'" 1 
ATOM   674 C "C4'" . DG  D 1 4  ? -0.744  3.102   0.460   1.00 18.36  ? 4  DG  D "C4'" 1 
ATOM   675 O "O4'" . DG  D 1 4  ? -1.436  2.821   1.701   1.00 25.03  ? 4  DG  D "O4'" 1 
ATOM   676 C "C3'" . DG  D 1 4  ? -0.030  1.799   0.074   1.00 17.76  ? 4  DG  D "C3'" 1 
ATOM   677 O "O3'" . DG  D 1 4  ? 1.355   1.982   0.211   1.00 34.35  ? 4  DG  D "O3'" 1 
ATOM   678 C "C2'" . DG  D 1 4  ? -0.549  0.787   1.101   1.00 12.83  ? 4  DG  D "C2'" 1 
ATOM   679 C "C1'" . DG  D 1 4  ? -0.808  1.708   2.274   1.00 14.69  ? 4  DG  D "C1'" 1 
ATOM   680 N N9    . DG  D 1 4  ? -1.652  1.147   3.320   1.00 15.80  ? 4  DG  D N9    1 
ATOM   681 C C8    . DG  D 1 4  ? -2.753  0.344   3.161   1.00 17.23  ? 4  DG  D C8    1 
ATOM   682 N N7    . DG  D 1 4  ? -3.306  -0.004  4.291   1.00 12.79  ? 4  DG  D N7    1 
ATOM   683 C C5    . DG  D 1 4  ? -2.517  0.604   5.259   1.00 14.52  ? 4  DG  D C5    1 
ATOM   684 C C6    . DG  D 1 4  ? -2.626  0.587   6.671   1.00 15.12  ? 4  DG  D C6    1 
ATOM   685 O O6    . DG  D 1 4  ? -3.471  0.005   7.370   1.00 17.52  ? 4  DG  D O6    1 
ATOM   686 N N1    . DG  D 1 4  ? -1.621  1.337   7.274   1.00 12.24  ? 4  DG  D N1    1 
ATOM   687 C C2    . DG  D 1 4  ? -0.636  2.018   6.599   1.00 10.43  ? 4  DG  D C2    1 
ATOM   688 N N2    . DG  D 1 4  ? 0.245   2.687   7.353   1.00 16.02  ? 4  DG  D N2    1 
ATOM   689 N N3    . DG  D 1 4  ? -0.521  2.042   5.279   1.00 11.48  ? 4  DG  D N3    1 
ATOM   690 C C4    . DG  D 1 4  ? -1.495  1.317   4.676   1.00 14.15  ? 4  DG  D C4    1 
HETATM 691 P P     . 5HC D 1 5  ? 2.225   2.505   -1.029  1.00 23.62  ? 5  5HC D P     1 
HETATM 692 O OP1   . 5HC D 1 5  ? 3.230   3.453   -0.498  1.00 35.01  ? 5  5HC D OP1   1 
HETATM 693 O OP2   . 5HC D 1 5  ? 1.282   2.967   -2.070  1.00 30.54  ? 5  5HC D OP2   1 
HETATM 694 O "O5'" . 5HC D 1 5  ? 2.952   1.178   -1.541  1.00 26.54  ? 5  5HC D "O5'" 1 
HETATM 695 C "C5'" . 5HC D 1 5  ? 2.211   0.170   -2.259  1.00 36.17  ? 5  5HC D "C5'" 1 
HETATM 696 C "C4'" . 5HC D 1 5  ? 3.194   -0.560  -3.176  1.00 37.86  ? 5  5HC D "C4'" 1 
HETATM 697 O "O4'" . 5HC D 1 5  ? 2.622   -0.975  -4.462  1.00 21.61  ? 5  5HC D "O4'" 1 
HETATM 698 C "C3'" . 5HC D 1 5  ? 4.192   0.486   -3.577  1.00 39.05  ? 5  5HC D "C3'" 1 
HETATM 699 O "O3'" . 5HC D 1 5  ? 5.323   -0.021  -4.267  1.00 35.19  ? 5  5HC D "O3'" 1 
HETATM 700 C "C2'" . 5HC D 1 5  ? 3.309   1.291   -4.506  1.00 35.49  ? 5  5HC D "C2'" 1 
HETATM 701 C "C1'" . 5HC D 1 5  ? 2.657   0.202   -5.341  1.00 29.87  ? 5  5HC D "C1'" 1 
HETATM 702 N N1    . 5HC D 1 5  ? 1.348   0.716   -5.825  1.00 33.59  ? 5  5HC D N1    1 
HETATM 703 C C2    . 5HC D 1 5  ? 1.059   0.701   -7.136  1.00 33.26  ? 5  5HC D C2    1 
HETATM 704 O O2    . 5HC D 1 5  ? 1.874   0.239   -7.932  1.00 36.64  ? 5  5HC D O2    1 
HETATM 705 N N3    . 5HC D 1 5  ? -0.112  1.176   -7.590  1.00 30.98  ? 5  5HC D N3    1 
HETATM 706 C C4    . 5HC D 1 5  ? -1.021  1.686   -6.750  1.00 34.91  ? 5  5HC D C4    1 
HETATM 707 N N4    . 5HC D 1 5  ? -2.188  2.164   -7.170  1.00 42.36  ? 5  5HC D N4    1 
HETATM 708 C C5    . 5HC D 1 5  ? -0.784  1.738   -5.389  1.00 30.44  ? 5  5HC D C5    1 
HETATM 709 C C5M   . 5HC D 1 5  ? -1.731  2.277   -4.529  1.00 28.56  ? 5  5HC D C5M   1 
HETATM 710 O O5    . 5HC D 1 5  ? -2.785  2.863   -5.303  1.00 27.91  ? 5  5HC D O5    1 
HETATM 711 C C6    . 5HC D 1 5  ? 0.423   1.249   -4.914  1.00 29.53  ? 5  5HC D C6    1 
ATOM   712 P P     . DG  D 1 6  ? 6.550   0.976   -4.549  1.00 37.42  ? 6  DG  D P     1 
ATOM   713 O OP1   . DG  D 1 6  ? 7.764   0.177   -4.832  1.00 53.88  ? 6  DG  D OP1   1 
ATOM   714 O OP2   . DG  D 1 6  ? 6.581   1.959   -3.441  1.00 27.63  ? 6  DG  D OP2   1 
ATOM   715 O "O5'" . DG  D 1 6  ? 6.092   1.733   -5.879  1.00 45.31  ? 6  DG  D "O5'" 1 
ATOM   716 C "C5'" . DG  D 1 6  ? 7.040   2.384   -6.686  1.00 50.91  ? 6  DG  D "C5'" 1 
ATOM   717 C "C4'" . DG  D 1 6  ? 6.922   1.928   -8.125  1.00 45.31  ? 6  DG  D "C4'" 1 
ATOM   718 O "O4'" . DG  D 1 6  ? 5.537   1.657   -8.453  1.00 43.97  ? 6  DG  D "O4'" 1 
ATOM   719 C "C3'" . DG  D 1 6  ? 7.388   2.948   -9.131  1.00 60.15  ? 6  DG  D "C3'" 1 
ATOM   720 O "O3'" . DG  D 1 6  ? 7.982   2.309   -10.241 1.00 69.63  ? 6  DG  D "O3'" 1 
ATOM   721 C "C2'" . DG  D 1 6  ? 6.111   3.701   -9.507  1.00 59.63  ? 6  DG  D "C2'" 1 
ATOM   722 C "C1'" . DG  D 1 6  ? 4.984   2.718   -9.214  1.00 48.24  ? 6  DG  D "C1'" 1 
ATOM   723 N N9    . DG  D 1 6  ? 3.880   3.290   -8.439  1.00 40.83  ? 6  DG  D N9    1 
ATOM   724 C C8    . DG  D 1 6  ? 3.821   3.388   -7.070  1.00 45.60  ? 6  DG  D C8    1 
ATOM   725 N N7    . DG  D 1 6  ? 2.716   3.908   -6.625  1.00 54.66  ? 6  DG  D N7    1 
ATOM   726 C C5    . DG  D 1 6  ? 1.977   4.172   -7.769  1.00 46.69  ? 6  DG  D C5    1 
ATOM   727 C C6    . DG  D 1 6  ? 0.690   4.740   -7.893  1.00 50.19  ? 6  DG  D C6    1 
ATOM   728 O O6    . DG  D 1 6  ? -0.066  5.132   -6.995  1.00 64.03  ? 6  DG  D O6    1 
ATOM   729 N N1    . DG  D 1 6  ? 0.296   4.836   -9.220  1.00 44.81  ? 6  DG  D N1    1 
ATOM   730 C C2    . DG  D 1 6  ? 1.039   4.443   -10.303 1.00 52.12  ? 6  DG  D C2    1 
ATOM   731 N N2    . DG  D 1 6  ? 0.461   4.630   -11.510 1.00 57.16  ? 6  DG  D N2    1 
ATOM   732 N N3    . DG  D 1 6  ? 2.263   3.899   -10.207 1.00 41.29  ? 6  DG  D N3    1 
ATOM   733 C C4    . DG  D 1 6  ? 2.665   3.796   -8.904  1.00 38.86  ? 6  DG  D C4    1 
ATOM   734 P P     . DC  D 1 7  ? 9.421   2.799   -10.763 1.00 61.77  ? 7  DC  D P     1 
ATOM   735 O OP1   . DC  D 1 7  ? 10.192  1.596   -11.156 1.00 64.77  ? 7  DC  D OP1   1 
ATOM   736 O OP2   . DC  D 1 7  ? 9.971   3.726   -9.746  1.00 52.13  ? 7  DC  D OP2   1 
ATOM   737 O "O5'" . DC  D 1 7  ? 9.076   3.668   -12.061 1.00 44.12  ? 7  DC  D "O5'" 1 
ATOM   738 C "C5'" . DC  D 1 7  ? 8.358   4.890   -11.929 1.00 43.91  ? 7  DC  D "C5'" 1 
ATOM   739 C "C4'" . DC  D 1 7  ? 7.466   5.125   -13.130 1.00 62.02  ? 7  DC  D "C4'" 1 
ATOM   740 O "O4'" . DC  D 1 7  ? 6.081   5.177   -12.700 1.00 59.65  ? 7  DC  D "O4'" 1 
ATOM   741 C "C3'" . DC  D 1 7  ? 7.695   6.445   -13.839 1.00 88.58  ? 7  DC  D "C3'" 1 
ATOM   742 O "O3'" . DC  D 1 7  ? 7.204   6.356   -15.167 1.00 91.41  ? 7  DC  D "O3'" 1 
ATOM   743 C "C2'" . DC  D 1 7  ? 6.845   7.384   -12.991 1.00 80.07  ? 7  DC  D "C2'" 1 
ATOM   744 C "C1'" . DC  D 1 7  ? 5.614   6.518   -12.760 1.00 65.83  ? 7  DC  D "C1'" 1 
ATOM   745 N N1    . DC  D 1 7  ? 4.873   6.803   -11.496 1.00 55.68  ? 7  DC  D N1    1 
ATOM   746 C C2    . DC  D 1 7  ? 3.524   7.159   -11.550 1.00 56.19  ? 7  DC  D C2    1 
ATOM   747 O O2    . DC  D 1 7  ? 2.973   7.259   -12.654 1.00 47.38  ? 7  DC  D O2    1 
ATOM   748 N N3    . DC  D 1 7  ? 2.857   7.389   -10.391 1.00 54.74  ? 7  DC  D N3    1 
ATOM   749 C C4    . DC  D 1 7  ? 3.490   7.269   -9.223  1.00 45.20  ? 7  DC  D C4    1 
ATOM   750 N N4    . DC  D 1 7  ? 2.794   7.505   -8.107  1.00 50.97  ? 7  DC  D N4    1 
ATOM   751 C C5    . DC  D 1 7  ? 4.862   6.901   -9.149  1.00 41.17  ? 7  DC  D C5    1 
ATOM   752 C C6    . DC  D 1 7  ? 5.510   6.690   -10.299 1.00 51.09  ? 7  DC  D C6    1 
ATOM   753 P P     . DT  D 1 8  ? 7.715   7.377   -16.297 1.00 72.45  ? 8  DT  D P     1 
ATOM   754 O OP1   . DT  D 1 8  ? 8.419   6.575   -17.320 1.00 96.82  ? 8  DT  D OP1   1 
ATOM   755 O OP2   . DT  D 1 8  ? 8.415   8.494   -15.623 1.00 57.18  ? 8  DT  D OP2   1 
ATOM   756 O "O5'" . DT  D 1 8  ? 6.361   7.945   -16.927 1.00 69.63  ? 8  DT  D "O5'" 1 
ATOM   757 C "C5'" . DT  D 1 8  ? 5.235   8.169   -16.092 1.00 50.00  ? 8  DT  D "C5'" 1 
ATOM   758 C "C4'" . DT  D 1 8  ? 4.784   9.615   -16.166 1.00 61.27  ? 8  DT  D "C4'" 1 
ATOM   759 O "O4'" . DT  D 1 8  ? 4.153   9.982   -14.905 1.00 56.26  ? 8  DT  D "O4'" 1 
ATOM   760 C "C3'" . DT  D 1 8  ? 5.910   10.629  -16.352 1.00 75.99  ? 8  DT  D "C3'" 1 
ATOM   761 O "O3'" . DT  D 1 8  ? 5.392   11.807  -16.950 1.00 90.02  ? 8  DT  D "O3'" 1 
ATOM   762 C "C2'" . DT  D 1 8  ? 6.295   10.902  -14.913 1.00 62.64  ? 8  DT  D "C2'" 1 
ATOM   763 C "C1'" . DT  D 1 8  ? 4.906   11.018  -14.307 1.00 54.76  ? 8  DT  D "C1'" 1 
ATOM   764 N N1    . DT  D 1 8  ? 4.871   10.863  -12.835 1.00 53.90  ? 8  DT  D N1    1 
ATOM   765 C C2    . DT  D 1 8  ? 3.702   11.117  -12.166 1.00 52.97  ? 8  DT  D C2    1 
ATOM   766 O O2    . DT  D 1 8  ? 2.676   11.457  -12.725 1.00 63.63  ? 8  DT  D O2    1 
ATOM   767 N N3    . DT  D 1 8  ? 3.772   10.953  -10.810 1.00 55.55  ? 8  DT  D N3    1 
ATOM   768 C C4    . DT  D 1 8  ? 4.879   10.573  -10.072 1.00 60.63  ? 8  DT  D C4    1 
ATOM   769 O O4    . DT  D 1 8  ? 4.844   10.453  -8.853  1.00 53.81  ? 8  DT  D O4    1 
ATOM   770 C C5    . DT  D 1 8  ? 6.078   10.328  -10.838 1.00 53.94  ? 8  DT  D C5    1 
ATOM   771 C C7    . DT  D 1 8  ? 7.344   9.908   -10.149 1.00 51.44  ? 8  DT  D C7    1 
ATOM   772 C C6    . DT  D 1 8  ? 6.017   10.491  -12.165 1.00 55.08  ? 8  DT  D C6    1 
ATOM   773 P P     . DG  D 1 9  ? 5.556   12.081  -18.523 1.00 71.69  ? 9  DG  D P     1 
ATOM   774 O OP1   . DG  D 1 9  ? 5.966   10.815  -19.167 1.00 71.66  ? 9  DG  D OP1   1 
ATOM   775 O OP2   . DG  D 1 9  ? 6.402   13.285  -18.685 1.00 49.04  ? 9  DG  D OP2   1 
ATOM   776 O "O5'" . DG  D 1 9  ? 4.071   12.466  -18.989 1.00 46.91  ? 9  DG  D "O5'" 1 
ATOM   777 C "C5'" . DG  D 1 9  ? 3.781   13.796  -19.401 1.00 63.50  ? 9  DG  D "C5'" 1 
ATOM   778 C "C4'" . DG  D 1 9  ? 2.842   14.487  -18.426 1.00 75.99  ? 9  DG  D "C4'" 1 
ATOM   779 O "O4'" . DG  D 1 9  ? 3.189   14.134  -17.059 1.00 75.84  ? 9  DG  D "O4'" 1 
ATOM   780 C "C3'" . DG  D 1 9  ? 2.901   16.003  -18.465 1.00 80.02  ? 9  DG  D "C3'" 1 
ATOM   781 O "O3'" . DG  D 1 9  ? 1.661   16.535  -18.030 1.00 82.52  ? 9  DG  D "O3'" 1 
ATOM   782 C "C2'" . DG  D 1 9  ? 4.014   16.290  -17.462 1.00 77.74  ? 9  DG  D "C2'" 1 
ATOM   783 C "C1'" . DG  D 1 9  ? 3.672   15.283  -16.375 1.00 78.83  ? 9  DG  D "C1'" 1 
ATOM   784 N N9    . DG  D 1 9  ? 4.804   14.868  -15.547 1.00 68.52  ? 9  DG  D N9    1 
ATOM   785 C C8    . DG  D 1 9  ? 6.063   14.519  -15.976 1.00 73.71  ? 9  DG  D C8    1 
ATOM   786 N N7    . DG  D 1 9  ? 6.859   14.155  -15.009 1.00 63.43  ? 9  DG  D N7    1 
ATOM   787 C C5    . DG  D 1 9  ? 6.077   14.260  -13.864 1.00 55.58  ? 9  DG  D C5    1 
ATOM   788 C C6    . DG  D 1 9  ? 6.400   13.997  -12.509 1.00 61.86  ? 9  DG  D C6    1 
ATOM   789 O O6    . DG  D 1 9  ? 7.479   13.608  -12.037 1.00 67.17  ? 9  DG  D O6    1 
ATOM   790 N N1    . DG  D 1 9  ? 5.315   14.232  -11.666 1.00 49.45  ? 9  DG  D N1    1 
ATOM   791 C C2    . DG  D 1 9  ? 4.078   14.664  -12.079 1.00 47.68  ? 9  DG  D C2    1 
ATOM   792 N N2    . DG  D 1 9  ? 3.160   14.833  -11.120 1.00 43.36  ? 9  DG  D N2    1 
ATOM   793 N N3    . DG  D 1 9  ? 3.762   14.915  -13.343 1.00 62.18  ? 9  DG  D N3    1 
ATOM   794 C C4    . DG  D 1 9  ? 4.807   14.692  -14.179 1.00 61.70  ? 9  DG  D C4    1 
ATOM   795 P P     . DG  D 1 10 ? 0.890   17.627  -18.921 1.00 84.95  ? 10 DG  D P     1 
ATOM   796 O OP1   . DG  D 1 10 ? 0.022   16.907  -19.879 1.00 68.92  ? 10 DG  D OP1   1 
ATOM   797 O OP2   . DG  D 1 10 ? 1.908   18.577  -19.421 1.00 87.36  ? 10 DG  D OP2   1 
ATOM   798 O "O5'" . DG  D 1 10 ? -0.032  18.392  -17.865 1.00 91.03  ? 10 DG  D "O5'" 1 
ATOM   799 C "C5'" . DG  D 1 10 ? 0.016   18.024  -16.492 1.00 97.88  ? 10 DG  D "C5'" 1 
ATOM   800 C "C4'" . DG  D 1 10 ? 0.389   19.215  -15.632 1.00 80.24  ? 10 DG  D "C4'" 1 
ATOM   801 O "O4'" . DG  D 1 10 ? 1.486   18.852  -14.751 1.00 71.10  ? 10 DG  D "O4'" 1 
ATOM   802 C "C3'" . DG  D 1 10 ? 0.856   20.447  -16.406 1.00 82.72  ? 10 DG  D "C3'" 1 
ATOM   803 O "O3'" . DG  D 1 10 ? 0.338   21.625  -15.799 1.00 74.92  ? 10 DG  D "O3'" 1 
ATOM   804 C "C2'" . DG  D 1 10 ? 2.375   20.374  -16.281 1.00 64.65  ? 10 DG  D "C2'" 1 
ATOM   805 C "C1'" . DG  D 1 10 ? 2.526   19.793  -14.886 1.00 59.03  ? 10 DG  D "C1'" 1 
ATOM   806 N N9    . DG  D 1 10 ? 3.801   19.116  -14.669 1.00 56.57  ? 10 DG  D N9    1 
ATOM   807 C C8    . DG  D 1 10 ? 4.791   18.901  -15.597 1.00 55.79  ? 10 DG  D C8    1 
ATOM   808 N N7    . DG  D 1 10 ? 5.827   18.272  -15.117 1.00 46.21  ? 10 DG  D N7    1 
ATOM   809 C C5    . DG  D 1 10 ? 5.507   18.060  -13.781 1.00 56.12  ? 10 DG  D C5    1 
ATOM   810 C C6    . DG  D 1 10 ? 6.252   17.433  -12.755 1.00 56.12  ? 10 DG  D C6    1 
ATOM   811 O O6    . DG  D 1 10 ? 7.376   16.915  -12.828 1.00 57.83  ? 10 DG  D O6    1 
ATOM   812 N N1    . DG  D 1 10 ? 5.565   17.437  -11.543 1.00 52.77  ? 10 DG  D N1    1 
ATOM   813 C C2    . DG  D 1 10 ? 4.318   17.982  -11.349 1.00 50.13  ? 10 DG  D C2    1 
ATOM   814 N N2    . DG  D 1 10 ? 3.816   17.891  -10.110 1.00 49.88  ? 10 DG  D N2    1 
ATOM   815 N N3    . DG  D 1 10 ? 3.611   18.577  -12.302 1.00 49.51  ? 10 DG  D N3    1 
ATOM   816 C C4    . DG  D 1 10 ? 4.265   18.578  -13.488 1.00 57.52  ? 10 DG  D C4    1 
# 
